data_6JJF
# 
_entry.id   6JJF 
# 
_audit_conform.dict_name       mmcif_pdbx.dic 
_audit_conform.dict_version    5.387 
_audit_conform.dict_location   http://mmcif.pdb.org/dictionaries/ascii/mmcif_pdbx.dic 
# 
loop_
_database_2.database_id 
_database_2.database_code 
_database_2.pdbx_database_accession 
_database_2.pdbx_DOI 
PDB   6JJF         pdb_00006jjf 10.2210/pdb6jjf/pdb 
WWPDB D_1300011095 ?            ?                   
# 
loop_
_pdbx_audit_revision_history.ordinal 
_pdbx_audit_revision_history.data_content_type 
_pdbx_audit_revision_history.major_revision 
_pdbx_audit_revision_history.minor_revision 
_pdbx_audit_revision_history.revision_date 
1 'Structure model' 1 0 2020-02-26 
2 'Structure model' 1 1 2020-09-09 
3 'Structure model' 1 2 2020-10-07 
4 'Structure model' 1 3 2024-03-27 
# 
_pdbx_audit_revision_details.ordinal             1 
_pdbx_audit_revision_details.revision_ordinal    1 
_pdbx_audit_revision_details.data_content_type   'Structure model' 
_pdbx_audit_revision_details.provider            repository 
_pdbx_audit_revision_details.type                'Initial release' 
_pdbx_audit_revision_details.description         ? 
_pdbx_audit_revision_details.details             ? 
# 
loop_
_pdbx_audit_revision_group.ordinal 
_pdbx_audit_revision_group.revision_ordinal 
_pdbx_audit_revision_group.data_content_type 
_pdbx_audit_revision_group.group 
1 2 'Structure model' 'Database references'  
2 2 'Structure model' 'Derived calculations' 
3 3 'Structure model' 'Database references'  
4 4 'Structure model' 'Data collection'      
5 4 'Structure model' 'Database references'  
# 
loop_
_pdbx_audit_revision_category.ordinal 
_pdbx_audit_revision_category.revision_ordinal 
_pdbx_audit_revision_category.data_content_type 
_pdbx_audit_revision_category.category 
1 2 'Structure model' citation        
2 2 'Structure model' citation_author 
3 2 'Structure model' struct_conn     
4 3 'Structure model' citation        
5 4 'Structure model' chem_comp_atom  
6 4 'Structure model' chem_comp_bond  
7 4 'Structure model' database_2      
# 
loop_
_pdbx_audit_revision_item.ordinal 
_pdbx_audit_revision_item.revision_ordinal 
_pdbx_audit_revision_item.data_content_type 
_pdbx_audit_revision_item.item 
1  2 'Structure model' '_citation.country'                   
2  2 'Structure model' '_citation.journal_abbrev'            
3  2 'Structure model' '_citation.journal_id_ASTM'           
4  2 'Structure model' '_citation.journal_id_CSD'            
5  2 'Structure model' '_citation.journal_id_ISSN'           
6  2 'Structure model' '_citation.pdbx_database_id_DOI'      
7  2 'Structure model' '_citation.pdbx_database_id_PubMed'   
8  2 'Structure model' '_citation.title'                     
9  2 'Structure model' '_citation.year'                      
10 2 'Structure model' '_struct_conn.pdbx_dist_value'        
11 2 'Structure model' '_struct_conn.ptnr1_auth_asym_id'     
12 2 'Structure model' '_struct_conn.ptnr1_auth_comp_id'     
13 2 'Structure model' '_struct_conn.ptnr1_auth_seq_id'      
14 2 'Structure model' '_struct_conn.ptnr1_label_asym_id'    
15 2 'Structure model' '_struct_conn.ptnr1_label_atom_id'    
16 2 'Structure model' '_struct_conn.ptnr1_label_comp_id'    
17 2 'Structure model' '_struct_conn.ptnr1_label_seq_id'     
18 2 'Structure model' '_struct_conn.ptnr2_auth_asym_id'     
19 2 'Structure model' '_struct_conn.ptnr2_auth_comp_id'     
20 2 'Structure model' '_struct_conn.ptnr2_auth_seq_id'      
21 2 'Structure model' '_struct_conn.ptnr2_label_asym_id'    
22 2 'Structure model' '_struct_conn.ptnr2_label_atom_id'    
23 2 'Structure model' '_struct_conn.ptnr2_label_comp_id'    
24 2 'Structure model' '_struct_conn.ptnr2_label_seq_id'     
25 3 'Structure model' '_citation.journal_volume'            
26 3 'Structure model' '_citation.page_first'                
27 3 'Structure model' '_citation.page_last'                 
28 4 'Structure model' '_database_2.pdbx_DOI'                
29 4 'Structure model' '_database_2.pdbx_database_accession' 
# 
_pdbx_database_status.status_code                     REL 
_pdbx_database_status.status_code_sf                  REL 
_pdbx_database_status.status_code_mr                  ? 
_pdbx_database_status.entry_id                        6JJF 
_pdbx_database_status.recvd_initial_deposition_date   2019-02-25 
_pdbx_database_status.SG_entry                        N 
_pdbx_database_status.deposit_site                    PDBJ 
_pdbx_database_status.process_site                    PDBJ 
_pdbx_database_status.status_code_cs                  ? 
_pdbx_database_status.status_code_nmr_data            ? 
_pdbx_database_status.methods_development_category    ? 
_pdbx_database_status.pdb_format_compatible           Y 
# 
loop_
_audit_author.name 
_audit_author.pdbx_ordinal 
_audit_author.identifier_ORCID 
'Zhang, Y.S.'     1 0000-0002-4948-6449 
'EI Omari, K.'    2 0000-0003-3506-6045 
'Duman, R.'       3 0000-0002-3566-8698 
'Wagner, A.'      4 0000-0001-8995-7324 
'Parkinson, G.N.' 5 0000-0002-1865-9685 
'Wei, D.G.'       6 0000-0001-7776-7320 
# 
_citation.abstract                  ? 
_citation.abstract_id_CAS           ? 
_citation.book_id_ISBN              ? 
_citation.book_publisher            ? 
_citation.book_publisher_city       ? 
_citation.book_title                ? 
_citation.coordinate_linkage        ? 
_citation.country                   UK 
_citation.database_id_Medline       ? 
_citation.details                   ? 
_citation.id                        primary 
_citation.journal_abbrev            'Nucleic Acids Res.' 
_citation.journal_id_ASTM           NARHAD 
_citation.journal_id_CSD            0389 
_citation.journal_id_ISSN           1362-4962 
_citation.journal_full              ? 
_citation.journal_issue             ? 
_citation.journal_volume            48 
_citation.language                  ? 
_citation.page_first                9886 
_citation.page_last                 9898 
_citation.title                     
'Native de novo structural determinations of non-canonical nucleic acid motifs by X-ray crystallography at long wavelengths.' 
_citation.year                      2020 
_citation.database_id_CSD           ? 
_citation.pdbx_database_id_DOI      10.1093/nar/gkaa439 
_citation.pdbx_database_id_PubMed   32453431 
_citation.unpublished_flag          ? 
# 
loop_
_citation_author.citation_id 
_citation_author.name 
_citation_author.ordinal 
_citation_author.identifier_ORCID 
primary 'Zhang, Y.'       1 ? 
primary 'El Omari, K.'    2 ? 
primary 'Duman, R.'       3 ? 
primary 'Liu, S.'         4 ? 
primary 'Haider, S.'      5 ? 
primary 'Wagner, A.'      6 ? 
primary 'Parkinson, G.N.' 7 ? 
primary 'Wei, D.'         8 ? 
# 
loop_
_entity.id 
_entity.type 
_entity.src_method 
_entity.pdbx_description 
_entity.formula_weight 
_entity.pdbx_number_of_molecules 
_entity.pdbx_ec 
_entity.pdbx_mutation 
_entity.pdbx_fragment 
_entity.details 
1 polymer     syn 
;DNA (5'-D(*GP*GP*CP*TP*CP*GP*GP*CP*GP*GP*CP*GP*GP*A)-3')
;
4362.816 2  ? ? ? ? 
2 non-polymer syn 'POTASSIUM ION'                                            39.098   3  ? ? ? ? 
3 non-polymer syn 'COBALT HEXAMMINE(III)'                                    161.116  3  ? ? ? ? 
4 non-polymer syn 'SODIUM ION'                                               22.990   1  ? ? ? ? 
5 water       nat water                                                      18.015   67 ? ? ? ? 
# 
_entity_poly.entity_id                      1 
_entity_poly.type                           polydeoxyribonucleotide 
_entity_poly.nstd_linkage                   no 
_entity_poly.nstd_monomer                   no 
_entity_poly.pdbx_seq_one_letter_code       '(DG)(DG)(DC)(DT)(DC)(DG)(DG)(DC)(DG)(DG)(DC)(DG)(DG)(DA)' 
_entity_poly.pdbx_seq_one_letter_code_can   GGCTCGGCGGCGGA 
_entity_poly.pdbx_strand_id                 A,B 
_entity_poly.pdbx_target_identifier         ? 
# 
loop_
_pdbx_entity_nonpoly.entity_id 
_pdbx_entity_nonpoly.name 
_pdbx_entity_nonpoly.comp_id 
2 'POTASSIUM ION'         K   
3 'COBALT HEXAMMINE(III)' NCO 
4 'SODIUM ION'            NA  
5 water                   HOH 
# 
loop_
_entity_poly_seq.entity_id 
_entity_poly_seq.num 
_entity_poly_seq.mon_id 
_entity_poly_seq.hetero 
1 1  DG n 
1 2  DG n 
1 3  DC n 
1 4  DT n 
1 5  DC n 
1 6  DG n 
1 7  DG n 
1 8  DC n 
1 9  DG n 
1 10 DG n 
1 11 DC n 
1 12 DG n 
1 13 DG n 
1 14 DA n 
# 
_pdbx_entity_src_syn.entity_id              1 
_pdbx_entity_src_syn.pdbx_src_id            1 
_pdbx_entity_src_syn.pdbx_alt_source_flag   sample 
_pdbx_entity_src_syn.pdbx_beg_seq_num       1 
_pdbx_entity_src_syn.pdbx_end_seq_num       14 
_pdbx_entity_src_syn.organism_scientific    'Pseudorabies virus Ea' 
_pdbx_entity_src_syn.organism_common_name   ? 
_pdbx_entity_src_syn.ncbi_taxonomy_id       101947 
_pdbx_entity_src_syn.details                ? 
# 
loop_
_chem_comp.id 
_chem_comp.type 
_chem_comp.mon_nstd_flag 
_chem_comp.name 
_chem_comp.pdbx_synonyms 
_chem_comp.formula 
_chem_comp.formula_weight 
DA  'DNA linking' y "2'-DEOXYADENOSINE-5'-MONOPHOSPHATE" ? 'C10 H14 N5 O6 P' 331.222 
DC  'DNA linking' y "2'-DEOXYCYTIDINE-5'-MONOPHOSPHATE"  ? 'C9 H14 N3 O7 P'  307.197 
DG  'DNA linking' y "2'-DEOXYGUANOSINE-5'-MONOPHOSPHATE" ? 'C10 H14 N5 O7 P' 347.221 
DT  'DNA linking' y "THYMIDINE-5'-MONOPHOSPHATE"         ? 'C10 H15 N2 O8 P' 322.208 
HOH non-polymer   . WATER                                ? 'H2 O'            18.015  
K   non-polymer   . 'POTASSIUM ION'                      ? 'K 1'             39.098  
NA  non-polymer   . 'SODIUM ION'                         ? 'Na 1'            22.990  
NCO non-polymer   . 'COBALT HEXAMMINE(III)'              ? 'Co H18 N6 3'     161.116 
# 
loop_
_pdbx_poly_seq_scheme.asym_id 
_pdbx_poly_seq_scheme.entity_id 
_pdbx_poly_seq_scheme.seq_id 
_pdbx_poly_seq_scheme.mon_id 
_pdbx_poly_seq_scheme.ndb_seq_num 
_pdbx_poly_seq_scheme.pdb_seq_num 
_pdbx_poly_seq_scheme.auth_seq_num 
_pdbx_poly_seq_scheme.pdb_mon_id 
_pdbx_poly_seq_scheme.auth_mon_id 
_pdbx_poly_seq_scheme.pdb_strand_id 
_pdbx_poly_seq_scheme.pdb_ins_code 
_pdbx_poly_seq_scheme.hetero 
A 1 1  DG 1  1  1  DG DG A . n 
A 1 2  DG 2  2  2  DG DG A . n 
A 1 3  DC 3  3  3  DC DC A . n 
A 1 4  DT 4  4  4  DT DT A . n 
A 1 5  DC 5  5  5  DC DC A . n 
A 1 6  DG 6  6  6  DG DG A . n 
A 1 7  DG 7  7  7  DG DG A . n 
A 1 8  DC 8  8  8  DC DC A . n 
A 1 9  DG 9  9  9  DG DG A . n 
A 1 10 DG 10 10 10 DG DG A . n 
A 1 11 DC 11 11 11 DC DC A . n 
A 1 12 DG 12 12 12 DG DG A . n 
A 1 13 DG 13 13 13 DG DG A . n 
A 1 14 DA 14 14 14 DA DA A . n 
B 1 1  DG 1  1  1  DG DG B . n 
B 1 2  DG 2  2  2  DG DG B . n 
B 1 3  DC 3  3  3  DC DC B . n 
B 1 4  DT 4  4  4  DT DT B . n 
B 1 5  DC 5  5  5  DC DC B . n 
B 1 6  DG 6  6  6  DG DG B . n 
B 1 7  DG 7  7  7  DG DG B . n 
B 1 8  DC 8  8  8  DC DC B . n 
B 1 9  DG 9  9  9  DG DG B . n 
B 1 10 DG 10 10 10 DG DG B . n 
B 1 11 DC 11 11 11 DC DC B . n 
B 1 12 DG 12 12 12 DG DG B . n 
B 1 13 DG 13 13 13 DG DG B . n 
B 1 14 DA 14 14 14 DA DA B . n 
# 
loop_
_pdbx_nonpoly_scheme.asym_id 
_pdbx_nonpoly_scheme.entity_id 
_pdbx_nonpoly_scheme.mon_id 
_pdbx_nonpoly_scheme.ndb_seq_num 
_pdbx_nonpoly_scheme.pdb_seq_num 
_pdbx_nonpoly_scheme.auth_seq_num 
_pdbx_nonpoly_scheme.pdb_mon_id 
_pdbx_nonpoly_scheme.auth_mon_id 
_pdbx_nonpoly_scheme.pdb_strand_id 
_pdbx_nonpoly_scheme.pdb_ins_code 
C 2 K   1  101 1   K   K   A . 
D 2 K   1  102 2   K   K   A . 
E 2 K   1  103 3   K   K   A . 
F 3 NCO 1  104 101 NCO NCO A . 
G 3 NCO 1  105 102 NCO NCO A . 
H 4 NA  1  106 1   NA  NA  A . 
I 3 NCO 1  101 103 NCO NCO B . 
J 5 HOH 1  201 31  HOH HOH A . 
J 5 HOH 2  202 51  HOH HOH A . 
J 5 HOH 3  203 57  HOH HOH A . 
J 5 HOH 4  204 8   HOH HOH A . 
J 5 HOH 5  205 55  HOH HOH A . 
J 5 HOH 6  206 59  HOH HOH A . 
J 5 HOH 7  207 41  HOH HOH A . 
J 5 HOH 8  208 9   HOH HOH A . 
J 5 HOH 9  209 23  HOH HOH A . 
J 5 HOH 10 210 48  HOH HOH A . 
J 5 HOH 11 211 22  HOH HOH A . 
J 5 HOH 12 212 1   HOH HOH A . 
J 5 HOH 13 213 29  HOH HOH A . 
J 5 HOH 14 214 49  HOH HOH A . 
J 5 HOH 15 215 42  HOH HOH A . 
J 5 HOH 16 216 28  HOH HOH A . 
J 5 HOH 17 217 38  HOH HOH A . 
J 5 HOH 18 218 67  HOH HOH A . 
J 5 HOH 19 219 35  HOH HOH A . 
J 5 HOH 20 220 6   HOH HOH A . 
J 5 HOH 21 221 4   HOH HOH A . 
J 5 HOH 22 222 10  HOH HOH A . 
J 5 HOH 23 223 5   HOH HOH A . 
J 5 HOH 24 224 24  HOH HOH A . 
J 5 HOH 25 225 65  HOH HOH A . 
J 5 HOH 26 226 44  HOH HOH A . 
J 5 HOH 27 227 15  HOH HOH A . 
J 5 HOH 28 228 53  HOH HOH A . 
J 5 HOH 29 229 7   HOH HOH A . 
J 5 HOH 30 230 63  HOH HOH A . 
J 5 HOH 31 231 30  HOH HOH A . 
J 5 HOH 32 232 16  HOH HOH A . 
J 5 HOH 33 233 37  HOH HOH A . 
J 5 HOH 34 234 3   HOH HOH A . 
J 5 HOH 35 235 18  HOH HOH A . 
J 5 HOH 36 236 33  HOH HOH A . 
J 5 HOH 37 237 25  HOH HOH A . 
J 5 HOH 38 238 52  HOH HOH A . 
J 5 HOH 39 239 66  HOH HOH A . 
J 5 HOH 40 240 61  HOH HOH A . 
J 5 HOH 41 241 14  HOH HOH A . 
J 5 HOH 42 242 45  HOH HOH A . 
J 5 HOH 43 243 43  HOH HOH A . 
J 5 HOH 44 244 68  HOH HOH A . 
K 5 HOH 1  201 21  HOH HOH B . 
K 5 HOH 2  202 34  HOH HOH B . 
K 5 HOH 3  203 13  HOH HOH B . 
K 5 HOH 4  204 32  HOH HOH B . 
K 5 HOH 5  205 50  HOH HOH B . 
K 5 HOH 6  206 58  HOH HOH B . 
K 5 HOH 7  207 56  HOH HOH B . 
K 5 HOH 8  208 2   HOH HOH B . 
K 5 HOH 9  209 20  HOH HOH B . 
K 5 HOH 10 210 27  HOH HOH B . 
K 5 HOH 11 211 36  HOH HOH B . 
K 5 HOH 12 212 12  HOH HOH B . 
K 5 HOH 13 213 46  HOH HOH B . 
K 5 HOH 14 214 19  HOH HOH B . 
K 5 HOH 15 215 26  HOH HOH B . 
K 5 HOH 16 216 62  HOH HOH B . 
K 5 HOH 17 217 17  HOH HOH B . 
K 5 HOH 18 218 11  HOH HOH B . 
K 5 HOH 19 219 39  HOH HOH B . 
K 5 HOH 20 220 60  HOH HOH B . 
K 5 HOH 21 221 54  HOH HOH B . 
K 5 HOH 22 222 64  HOH HOH B . 
K 5 HOH 23 223 47  HOH HOH B . 
# 
loop_
_software.citation_id 
_software.classification 
_software.compiler_name 
_software.compiler_version 
_software.contact_author 
_software.contact_author_email 
_software.date 
_software.description 
_software.dependencies 
_software.hardware 
_software.language 
_software.location 
_software.mods 
_software.name 
_software.os 
_software.os_version 
_software.type 
_software.version 
_software.pdbx_ordinal 
? refinement        ? ? ? ? ? ? ? ? ? ? ? PHENIX      ? ? ? 1.13 1 
? 'data extraction' ? ? ? ? ? ? ? ? ? ? ? PDB_EXTRACT ? ? ? 3.24 2 
? 'data reduction'  ? ? ? ? ? ? ? ? ? ? ? XDS         ? ? ? .    3 
? 'data scaling'    ? ? ? ? ? ? ? ? ? ? ? XSCALE      ? ? ? .    4 
? 'data scaling'    ? ? ? ? ? ? ? ? ? ? ? Aimless     ? ? ? .    5 
? phasing           ? ? ? ? ? ? ? ? ? ? ? HKL2Map     ? ? ? .    6 
# 
_cell.angle_alpha                  90.000 
_cell.angle_alpha_esd              ? 
_cell.angle_beta                   110.020 
_cell.angle_beta_esd               ? 
_cell.angle_gamma                  90.000 
_cell.angle_gamma_esd              ? 
_cell.entry_id                     6JJF 
_cell.details                      ? 
_cell.formula_units_Z              ? 
_cell.length_a                     45.370 
_cell.length_a_esd                 ? 
_cell.length_b                     47.600 
_cell.length_b_esd                 ? 
_cell.length_c                     37.730 
_cell.length_c_esd                 ? 
_cell.volume                       ? 
_cell.volume_esd                   ? 
_cell.Z_PDB                        8 
_cell.reciprocal_angle_alpha       ? 
_cell.reciprocal_angle_beta        ? 
_cell.reciprocal_angle_gamma       ? 
_cell.reciprocal_angle_alpha_esd   ? 
_cell.reciprocal_angle_beta_esd    ? 
_cell.reciprocal_angle_gamma_esd   ? 
_cell.reciprocal_length_a          ? 
_cell.reciprocal_length_b          ? 
_cell.reciprocal_length_c          ? 
_cell.reciprocal_length_a_esd      ? 
_cell.reciprocal_length_b_esd      ? 
_cell.reciprocal_length_c_esd      ? 
_cell.pdbx_unique_axis             ? 
# 
_symmetry.entry_id                         6JJF 
_symmetry.cell_setting                     ? 
_symmetry.Int_Tables_number                5 
_symmetry.space_group_name_Hall            ? 
_symmetry.space_group_name_H-M             'C 1 2 1' 
_symmetry.pdbx_full_space_group_name_H-M   ? 
# 
_exptl.absorpt_coefficient_mu     ? 
_exptl.absorpt_correction_T_max   ? 
_exptl.absorpt_correction_T_min   ? 
_exptl.absorpt_correction_type    ? 
_exptl.absorpt_process_details    ? 
_exptl.entry_id                   6JJF 
_exptl.crystals_number            1 
_exptl.details                    ? 
_exptl.method                     'X-RAY DIFFRACTION' 
_exptl.method_details             ? 
# 
_exptl_crystal.colour                      ? 
_exptl_crystal.density_diffrn              ? 
_exptl_crystal.density_Matthews            2.19 
_exptl_crystal.density_method              ? 
_exptl_crystal.density_percent_sol         43.93 
_exptl_crystal.description                 square 
_exptl_crystal.F_000                       ? 
_exptl_crystal.id                          1 
_exptl_crystal.preparation                 ? 
_exptl_crystal.size_max                    ? 
_exptl_crystal.size_mid                    ? 
_exptl_crystal.size_min                    ? 
_exptl_crystal.size_rad                    ? 
_exptl_crystal.colour_lustre               ? 
_exptl_crystal.colour_modifier             ? 
_exptl_crystal.colour_primary              ? 
_exptl_crystal.density_meas                ? 
_exptl_crystal.density_meas_esd            ? 
_exptl_crystal.density_meas_gt             ? 
_exptl_crystal.density_meas_lt             ? 
_exptl_crystal.density_meas_temp           ? 
_exptl_crystal.density_meas_temp_esd       ? 
_exptl_crystal.density_meas_temp_gt        ? 
_exptl_crystal.density_meas_temp_lt        ? 
_exptl_crystal.pdbx_crystal_image_url      ? 
_exptl_crystal.pdbx_crystal_image_format   ? 
_exptl_crystal.pdbx_mosaicity              ? 
_exptl_crystal.pdbx_mosaicity_esd          ? 
# 
_exptl_crystal_grow.apparatus       ? 
_exptl_crystal_grow.atmosphere      ? 
_exptl_crystal_grow.crystal_id      1 
_exptl_crystal_grow.details         ? 
_exptl_crystal_grow.method          'VAPOR DIFFUSION, HANGING DROP' 
_exptl_crystal_grow.method_ref      ? 
_exptl_crystal_grow.pH              6.5 
_exptl_crystal_grow.pressure        ? 
_exptl_crystal_grow.pressure_esd    ? 
_exptl_crystal_grow.seeding         ? 
_exptl_crystal_grow.seeding_ref     ? 
_exptl_crystal_grow.temp            283 
_exptl_crystal_grow.temp_details    ? 
_exptl_crystal_grow.temp_esd        ? 
_exptl_crystal_grow.time            ? 
_exptl_crystal_grow.pdbx_details    
;Potassium cacodylate, Sodium cacodylate, Potassium chloride, Sodium chloride, Lithium chloride, Hexammine cobalt (III) chloride, MPD
;
_exptl_crystal_grow.pdbx_pH_range   ? 
# 
loop_
_diffrn.ambient_environment 
_diffrn.ambient_temp 
_diffrn.ambient_temp_details 
_diffrn.ambient_temp_esd 
_diffrn.crystal_id 
_diffrn.crystal_support 
_diffrn.crystal_treatment 
_diffrn.details 
_diffrn.id 
_diffrn.ambient_pressure 
_diffrn.ambient_pressure_esd 
_diffrn.ambient_pressure_gt 
_diffrn.ambient_pressure_lt 
_diffrn.ambient_temp_gt 
_diffrn.ambient_temp_lt 
_diffrn.pdbx_serial_crystal_experiment 
? 100 ? ? 1 ? ? ? 1 ? ? ? ? ? ? N 
? 100 ? ? 1 ? ? ? 2 ? ? ? ? ? ? N 
? 100 ? ? 1 ? ? ? 3 ? ? ? ? ? ? N 
# 
loop_
_diffrn_detector.details 
_diffrn_detector.detector 
_diffrn_detector.diffrn_id 
_diffrn_detector.type 
_diffrn_detector.area_resol_mean 
_diffrn_detector.dtime 
_diffrn_detector.pdbx_frames_total 
_diffrn_detector.pdbx_collection_time_total 
_diffrn_detector.pdbx_collection_date 
_diffrn_detector.pdbx_frequency 
? PIXEL 1 'DECTRIS PILATUS 12M' ? ? ? ? 2018-05-21 ? 
? PIXEL 2 'DECTRIS PILATUS 12M' ? ? ? ? 2018-06-25 ? 
? PIXEL 3 'DECTRIS PILATUS 12M' ? ? ? ? 2018-06-27 ? 
# 
loop_
_diffrn_radiation.collimation 
_diffrn_radiation.diffrn_id 
_diffrn_radiation.filter_edge 
_diffrn_radiation.inhomogeneity 
_diffrn_radiation.monochromator 
_diffrn_radiation.polarisn_norm 
_diffrn_radiation.polarisn_ratio 
_diffrn_radiation.probe 
_diffrn_radiation.type 
_diffrn_radiation.xray_symbol 
_diffrn_radiation.wavelength_id 
_diffrn_radiation.pdbx_monochromatic_or_laue_m_l 
_diffrn_radiation.pdbx_wavelength_list 
_diffrn_radiation.pdbx_wavelength 
_diffrn_radiation.pdbx_diffrn_protocol 
_diffrn_radiation.pdbx_analyzer 
_diffrn_radiation.pdbx_scattering_type 
? 1 ? ? ? ? ? ? ? ? 1 M ? ? 'SINGLE WAVELENGTH' ? x-ray 
? 2 ? ? ? ? ? ? ? ? 2 M ? ? 'SINGLE WAVELENGTH' ? x-ray 
? 3 ? ? ? ? ? ? ? ? 3 M ? ? 'SINGLE WAVELENGTH' ? x-ray 
# 
loop_
_diffrn_radiation_wavelength.id 
_diffrn_radiation_wavelength.wavelength 
_diffrn_radiation_wavelength.wt 
1 1.5895 1.0 
2 3.3509 1.0 
3 .      1.0 
# 
loop_
_diffrn_source.current 
_diffrn_source.details 
_diffrn_source.diffrn_id 
_diffrn_source.power 
_diffrn_source.size 
_diffrn_source.source 
_diffrn_source.target 
_diffrn_source.type 
_diffrn_source.voltage 
_diffrn_source.take-off_angle 
_diffrn_source.pdbx_wavelength_list 
_diffrn_source.pdbx_wavelength 
_diffrn_source.pdbx_synchrotron_beamline 
_diffrn_source.pdbx_synchrotron_site 
? ? 1 ? ? SYNCHROTRON ? 'DIAMOND BEAMLINE I23' ? ? 1.5895 ? I23 Diamond 
? ? 2 ? ? SYNCHROTRON ? 'DIAMOND BEAMLINE I23' ? ? 3.3509 ? I23 Diamond 
? ? 3 ? ? SYNCHROTRON ? 'DIAMOND BEAMLINE I23' ? ? 1.5895 ? I23 Diamond 
# 
loop_
_reflns.B_iso_Wilson_estimate 
_reflns.entry_id 
_reflns.data_reduction_details 
_reflns.data_reduction_method 
_reflns.d_resolution_high 
_reflns.d_resolution_low 
_reflns.details 
_reflns.limit_h_max 
_reflns.limit_h_min 
_reflns.limit_k_max 
_reflns.limit_k_min 
_reflns.limit_l_max 
_reflns.limit_l_min 
_reflns.number_all 
_reflns.number_obs 
_reflns.observed_criterion 
_reflns.observed_criterion_F_max 
_reflns.observed_criterion_F_min 
_reflns.observed_criterion_I_max 
_reflns.observed_criterion_I_min 
_reflns.observed_criterion_sigma_F 
_reflns.observed_criterion_sigma_I 
_reflns.percent_possible_obs 
_reflns.R_free_details 
_reflns.Rmerge_F_all 
_reflns.Rmerge_F_obs 
_reflns.Friedel_coverage 
_reflns.number_gt 
_reflns.threshold_expression 
_reflns.pdbx_redundancy 
_reflns.pdbx_Rmerge_I_obs 
_reflns.pdbx_Rmerge_I_all 
_reflns.pdbx_Rsym_value 
_reflns.pdbx_netI_over_av_sigmaI 
_reflns.pdbx_netI_over_sigmaI 
_reflns.pdbx_res_netI_over_av_sigmaI_2 
_reflns.pdbx_res_netI_over_sigmaI_2 
_reflns.pdbx_chi_squared 
_reflns.pdbx_scaling_rejects 
_reflns.pdbx_d_res_high_opt 
_reflns.pdbx_d_res_low_opt 
_reflns.pdbx_d_res_opt_method 
_reflns.phase_calculation_details 
_reflns.pdbx_Rrim_I_all 
_reflns.pdbx_Rpim_I_all 
_reflns.pdbx_d_opt 
_reflns.pdbx_number_measured_all 
_reflns.pdbx_diffrn_id 
_reflns.pdbx_ordinal 
_reflns.pdbx_CC_half 
_reflns.pdbx_CC_star 
_reflns.pdbx_R_split 
25.090 6JJF ? ? 1.47 23.800 ? ? ? ? ? ? ? ? 12704 ? ? ? ? ? ? ? 98   ? ? ? ? ? ? 6.4 0.036 ? ? ? 17.7 ? ? ? ? ? ? ? ? ? ? ? ? 1 1 
0.998 ? ? 
?      6JJF ? ? 2.19 35.34  ? ? ? ? ? ? ? ? 3865  ? ? ? ? ? ? ? 98.6 ? ? ? ? ? ? 6.4 0.076 ? ? ? 36.7 ? ? ? ? ? ? ? ? ? ? ? ? 2 2 
0.999 ? ? 
?      6JJF ? ? 1.4  35.37  ? ? ? ? ? ? ? ? 14880 ? ? ? ? ? ? ? 99.7 ? ? ? ? ? ? 6.4 0.064 ? ? ? 26.8 ? ? ? ? ? ? ? ? ? ? ? ? 3 3 
1     ? ? 
# 
loop_
_reflns_shell.d_res_high 
_reflns_shell.d_res_low 
_reflns_shell.meanI_over_sigI_all 
_reflns_shell.meanI_over_sigI_obs 
_reflns_shell.number_measured_all 
_reflns_shell.number_measured_obs 
_reflns_shell.number_possible 
_reflns_shell.number_unique_all 
_reflns_shell.number_unique_obs 
_reflns_shell.percent_possible_all 
_reflns_shell.percent_possible_obs 
_reflns_shell.Rmerge_F_all 
_reflns_shell.Rmerge_F_obs 
_reflns_shell.Rmerge_I_all 
_reflns_shell.Rmerge_I_obs 
_reflns_shell.meanI_over_sigI_gt 
_reflns_shell.meanI_over_uI_all 
_reflns_shell.meanI_over_uI_gt 
_reflns_shell.number_measured_gt 
_reflns_shell.number_unique_gt 
_reflns_shell.percent_possible_gt 
_reflns_shell.Rmerge_F_gt 
_reflns_shell.Rmerge_I_gt 
_reflns_shell.pdbx_redundancy 
_reflns_shell.pdbx_Rsym_value 
_reflns_shell.pdbx_chi_squared 
_reflns_shell.pdbx_netI_over_sigmaI_all 
_reflns_shell.pdbx_netI_over_sigmaI_obs 
_reflns_shell.pdbx_Rrim_I_all 
_reflns_shell.pdbx_Rpim_I_all 
_reflns_shell.pdbx_rejects 
_reflns_shell.pdbx_ordinal 
_reflns_shell.pdbx_diffrn_id 
_reflns_shell.pdbx_CC_half 
_reflns_shell.pdbx_CC_star 
_reflns_shell.pdbx_R_split 
1.47 1.52 ? 1.1  ? ? ? ? 1122 86.6 ? ? ? ? 0.513 ? ? ? ? ? ? ? ? ? ? ? ? ? ? ? ? 1 1 0.644 ? ? 
2.19 2.26 ? 11.4 ? ? ? ? 286  86.4 ? ? ? ? 0.163 ? ? ? ? ? ? ? ? ? ? ? ? ? ? ? ? 2 2 0.975 ? ? 
1.4  1.42 ? 1    ? ? ? ? 1480 ?    ? ? ? ? 2.179 ? ? ? ? ? ? ? ? ? ? ? ? ? ? ? ? 3 3 0.668 ? ? 
# 
_refine.aniso_B[1][1]                            ? 
_refine.aniso_B[1][2]                            ? 
_refine.aniso_B[1][3]                            ? 
_refine.aniso_B[2][2]                            ? 
_refine.aniso_B[2][3]                            ? 
_refine.aniso_B[3][3]                            ? 
_refine.B_iso_max                                91.760 
_refine.B_iso_mean                               33.7619 
_refine.B_iso_min                                19.850 
_refine.correlation_coeff_Fo_to_Fc               ? 
_refine.correlation_coeff_Fo_to_Fc_free          ? 
_refine.details                                  ? 
_refine.diff_density_max                         ? 
_refine.diff_density_max_esd                     ? 
_refine.diff_density_min                         ? 
_refine.diff_density_min_esd                     ? 
_refine.diff_density_rms                         ? 
_refine.diff_density_rms_esd                     ? 
_refine.entry_id                                 6JJF 
_refine.pdbx_refine_id                           'X-RAY DIFFRACTION' 
_refine.ls_abs_structure_details                 ? 
_refine.ls_abs_structure_Flack                   ? 
_refine.ls_abs_structure_Flack_esd               ? 
_refine.ls_abs_structure_Rogers                  ? 
_refine.ls_abs_structure_Rogers_esd              ? 
_refine.ls_d_res_high                            1.4700 
_refine.ls_d_res_low                             23.8000 
_refine.ls_extinction_coef                       ? 
_refine.ls_extinction_coef_esd                   ? 
_refine.ls_extinction_expression                 ? 
_refine.ls_extinction_method                     ? 
_refine.ls_goodness_of_fit_all                   ? 
_refine.ls_goodness_of_fit_all_esd               ? 
_refine.ls_goodness_of_fit_obs                   ? 
_refine.ls_goodness_of_fit_obs_esd               ? 
_refine.ls_hydrogen_treatment                    ? 
_refine.ls_matrix_type                           ? 
_refine.ls_number_constraints                    ? 
_refine.ls_number_parameters                     ? 
_refine.ls_number_reflns_all                     ? 
_refine.ls_number_reflns_obs                     12683 
_refine.ls_number_reflns_R_free                  610 
_refine.ls_number_reflns_R_work                  12073 
_refine.ls_number_restraints                     ? 
_refine.ls_percent_reflns_obs                    98.0400 
_refine.ls_percent_reflns_R_free                 4.8100 
_refine.ls_R_factor_all                          ? 
_refine.ls_R_factor_obs                          0.1924 
_refine.ls_R_factor_R_free                       0.1992 
_refine.ls_R_factor_R_free_error                 ? 
_refine.ls_R_factor_R_free_error_details         ? 
_refine.ls_R_factor_R_work                       0.1921 
_refine.ls_R_Fsqd_factor_obs                     ? 
_refine.ls_R_I_factor_obs                        ? 
_refine.ls_redundancy_reflns_all                 ? 
_refine.ls_redundancy_reflns_obs                 ? 
_refine.ls_restrained_S_all                      ? 
_refine.ls_restrained_S_obs                      ? 
_refine.ls_shift_over_esd_max                    ? 
_refine.ls_shift_over_esd_mean                   ? 
_refine.ls_structure_factor_coef                 ? 
_refine.ls_weighting_details                     ? 
_refine.ls_weighting_scheme                      ? 
_refine.ls_wR_factor_all                         ? 
_refine.ls_wR_factor_obs                         ? 
_refine.ls_wR_factor_R_free                      ? 
_refine.ls_wR_factor_R_work                      ? 
_refine.occupancy_max                            ? 
_refine.occupancy_min                            ? 
_refine.solvent_model_details                    'FLAT BULK SOLVENT MODEL' 
_refine.solvent_model_param_bsol                 ? 
_refine.solvent_model_param_ksol                 ? 
_refine.pdbx_R_complete                          ? 
_refine.ls_R_factor_gt                           ? 
_refine.ls_goodness_of_fit_gt                    ? 
_refine.ls_goodness_of_fit_ref                   ? 
_refine.ls_shift_over_su_max                     ? 
_refine.ls_shift_over_su_max_lt                  ? 
_refine.ls_shift_over_su_mean                    ? 
_refine.ls_shift_over_su_mean_lt                 ? 
_refine.pdbx_ls_sigma_I                          ? 
_refine.pdbx_ls_sigma_F                          1.330 
_refine.pdbx_ls_sigma_Fsqd                       ? 
_refine.pdbx_data_cutoff_high_absF               ? 
_refine.pdbx_data_cutoff_high_rms_absF           ? 
_refine.pdbx_data_cutoff_low_absF                ? 
_refine.pdbx_isotropic_thermal_model             ? 
_refine.pdbx_ls_cross_valid_method               THROUGHOUT 
_refine.pdbx_method_to_determine_struct          SAD 
_refine.pdbx_starting_model                      ? 
_refine.pdbx_stereochemistry_target_values       ML 
_refine.pdbx_R_Free_selection_details            ? 
_refine.pdbx_stereochem_target_val_spec_case     ? 
_refine.pdbx_overall_ESU_R                       ? 
_refine.pdbx_overall_ESU_R_Free                  ? 
_refine.pdbx_solvent_vdw_probe_radii             1.1100 
_refine.pdbx_solvent_ion_probe_radii             ? 
_refine.pdbx_solvent_shrinkage_radii             0.9000 
_refine.pdbx_real_space_R                        ? 
_refine.pdbx_density_correlation                 ? 
_refine.pdbx_pd_number_of_powder_patterns        ? 
_refine.pdbx_pd_number_of_points                 ? 
_refine.pdbx_pd_meas_number_of_points            ? 
_refine.pdbx_pd_proc_ls_prof_R_factor            ? 
_refine.pdbx_pd_proc_ls_prof_wR_factor           ? 
_refine.pdbx_pd_Marquardt_correlation_coeff      ? 
_refine.pdbx_pd_Fsqrd_R_factor                   ? 
_refine.pdbx_pd_ls_matrix_band_width             ? 
_refine.pdbx_overall_phase_error                 29.8600 
_refine.pdbx_overall_SU_R_free_Cruickshank_DPI   ? 
_refine.pdbx_overall_SU_R_free_Blow_DPI          ? 
_refine.pdbx_overall_SU_R_Blow_DPI               ? 
_refine.pdbx_TLS_residual_ADP_flag               ? 
_refine.pdbx_diffrn_id                           1 
_refine.overall_SU_B                             ? 
_refine.overall_SU_ML                            0.1400 
_refine.overall_SU_R_Cruickshank_DPI             ? 
_refine.overall_SU_R_free                        ? 
_refine.overall_FOM_free_R_set                   ? 
_refine.overall_FOM_work_R_set                   ? 
_refine.pdbx_average_fsc_overall                 ? 
_refine.pdbx_average_fsc_work                    ? 
_refine.pdbx_average_fsc_free                    ? 
# 
_refine_hist.pdbx_refine_id                   'X-RAY DIFFRACTION' 
_refine_hist.cycle_id                         final 
_refine_hist.details                          ? 
_refine_hist.d_res_high                       1.4700 
_refine_hist.d_res_low                        23.8000 
_refine_hist.number_atoms_solvent             67 
_refine_hist.number_atoms_total               672 
_refine_hist.number_reflns_all                ? 
_refine_hist.number_reflns_obs                ? 
_refine_hist.number_reflns_R_free             ? 
_refine_hist.number_reflns_R_work             ? 
_refine_hist.R_factor_all                     ? 
_refine_hist.R_factor_obs                     ? 
_refine_hist.R_factor_R_free                  ? 
_refine_hist.R_factor_R_work                  ? 
_refine_hist.pdbx_number_residues_total       28 
_refine_hist.pdbx_B_iso_mean_ligand           50.68 
_refine_hist.pdbx_B_iso_mean_solvent          39.21 
_refine_hist.pdbx_number_atoms_protein        0 
_refine_hist.pdbx_number_atoms_nucleic_acid   580 
_refine_hist.pdbx_number_atoms_ligand         25 
_refine_hist.pdbx_number_atoms_lipid          ? 
_refine_hist.pdbx_number_atoms_carb           ? 
_refine_hist.pdbx_pseudo_atom_details         ? 
# 
loop_
_refine_ls_shell.pdbx_refine_id 
_refine_ls_shell.d_res_high 
_refine_ls_shell.d_res_low 
_refine_ls_shell.number_reflns_all 
_refine_ls_shell.number_reflns_obs 
_refine_ls_shell.number_reflns_R_free 
_refine_ls_shell.number_reflns_R_work 
_refine_ls_shell.percent_reflns_obs 
_refine_ls_shell.percent_reflns_R_free 
_refine_ls_shell.R_factor_all 
_refine_ls_shell.R_factor_obs 
_refine_ls_shell.R_factor_R_free 
_refine_ls_shell.R_factor_R_free_error 
_refine_ls_shell.R_factor_R_work 
_refine_ls_shell.redundancy_reflns_all 
_refine_ls_shell.redundancy_reflns_obs 
_refine_ls_shell.wR_factor_all 
_refine_ls_shell.wR_factor_obs 
_refine_ls_shell.wR_factor_R_free 
_refine_ls_shell.wR_factor_R_work 
_refine_ls_shell.pdbx_R_complete 
_refine_ls_shell.pdbx_total_number_of_bins_used 
_refine_ls_shell.pdbx_phase_error 
_refine_ls_shell.pdbx_fsc_work 
_refine_ls_shell.pdbx_fsc_free 
'X-RAY DIFFRACTION' 1.4700 1.6179 . . 121 2917 94.0000  . . . 0.3471 0.0000 0.2829 . . . . . . . . . . . 
'X-RAY DIFFRACTION' 1.6179 1.8520 . . 156 3023 99.0000  . . . 0.2591 0.0000 0.2065 . . . . . . . . . . . 
'X-RAY DIFFRACTION' 1.8520 2.3330 . . 179 3043 100.0000 . . . 0.2218 0.0000 0.2147 . . . . . . . . . . . 
'X-RAY DIFFRACTION' 2.3330 23.8   . . 154 3090 99.0000  . . . 0.1736 0.0000 0.1772 . . . . . . . . . . . 
# 
_struct.entry_id                     6JJF 
_struct.title                        'Crystal structure of a two-quartet DNA mixed-parallel/antiparallel G-quadruplex' 
_struct.pdbx_model_details           ? 
_struct.pdbx_formula_weight          ? 
_struct.pdbx_formula_weight_method   ? 
_struct.pdbx_model_type_details      ? 
_struct.pdbx_CASP_flag               N 
# 
_struct_keywords.entry_id        6JJF 
_struct_keywords.text            'G-quadruplex, two-quartet, mixed-parallel/antiparallel, DNA' 
_struct_keywords.pdbx_keywords   DNA 
# 
loop_
_struct_asym.id 
_struct_asym.pdbx_blank_PDB_chainid_flag 
_struct_asym.pdbx_modified 
_struct_asym.entity_id 
_struct_asym.details 
A N N 1 ? 
B N N 1 ? 
C N N 2 ? 
D N N 2 ? 
E N N 2 ? 
F N N 3 ? 
G N N 3 ? 
H N N 4 ? 
I N N 3 ? 
J N N 5 ? 
K N N 5 ? 
# 
_struct_ref.id                         1 
_struct_ref.db_name                    PDB 
_struct_ref.db_code                    6JJF 
_struct_ref.pdbx_db_accession          6JJF 
_struct_ref.pdbx_db_isoform            ? 
_struct_ref.entity_id                  1 
_struct_ref.pdbx_seq_one_letter_code   ? 
_struct_ref.pdbx_align_begin           1 
# 
loop_
_struct_ref_seq.align_id 
_struct_ref_seq.ref_id 
_struct_ref_seq.pdbx_PDB_id_code 
_struct_ref_seq.pdbx_strand_id 
_struct_ref_seq.seq_align_beg 
_struct_ref_seq.pdbx_seq_align_beg_ins_code 
_struct_ref_seq.seq_align_end 
_struct_ref_seq.pdbx_seq_align_end_ins_code 
_struct_ref_seq.pdbx_db_accession 
_struct_ref_seq.db_align_beg 
_struct_ref_seq.pdbx_db_align_beg_ins_code 
_struct_ref_seq.db_align_end 
_struct_ref_seq.pdbx_db_align_end_ins_code 
_struct_ref_seq.pdbx_auth_seq_align_beg 
_struct_ref_seq.pdbx_auth_seq_align_end 
1 1 6JJF A 1 ? 14 ? 6JJF 1 ? 14 ? 1 14 
2 1 6JJF B 1 ? 14 ? 6JJF 1 ? 14 ? 1 14 
# 
_pdbx_struct_assembly.id                   1 
_pdbx_struct_assembly.details              author_and_software_defined_assembly 
_pdbx_struct_assembly.method_details       PISA 
_pdbx_struct_assembly.oligomeric_details   dimeric 
_pdbx_struct_assembly.oligomeric_count     2 
# 
loop_
_pdbx_struct_assembly_prop.biol_id 
_pdbx_struct_assembly_prop.type 
_pdbx_struct_assembly_prop.value 
_pdbx_struct_assembly_prop.details 
1 'ABSA (A^2)' 1570 ? 
1 MORE         -5   ? 
1 'SSA (A^2)'  5270 ? 
# 
_pdbx_struct_assembly_gen.assembly_id       1 
_pdbx_struct_assembly_gen.oper_expression   1 
_pdbx_struct_assembly_gen.asym_id_list      A,B,C,D,E,F,G,H,I,J,K 
# 
_pdbx_struct_assembly_auth_evidence.id                     1 
_pdbx_struct_assembly_auth_evidence.assembly_id            1 
_pdbx_struct_assembly_auth_evidence.experimental_support   'native gel electrophoresis' 
_pdbx_struct_assembly_auth_evidence.details                dimer 
# 
_pdbx_struct_oper_list.id                   1 
_pdbx_struct_oper_list.type                 'identity operation' 
_pdbx_struct_oper_list.name                 1_555 
_pdbx_struct_oper_list.symmetry_operation   x,y,z 
_pdbx_struct_oper_list.matrix[1][1]         1.0000000000 
_pdbx_struct_oper_list.matrix[1][2]         0.0000000000 
_pdbx_struct_oper_list.matrix[1][3]         0.0000000000 
_pdbx_struct_oper_list.vector[1]            0.0000000000 
_pdbx_struct_oper_list.matrix[2][1]         0.0000000000 
_pdbx_struct_oper_list.matrix[2][2]         1.0000000000 
_pdbx_struct_oper_list.matrix[2][3]         0.0000000000 
_pdbx_struct_oper_list.vector[2]            0.0000000000 
_pdbx_struct_oper_list.matrix[3][1]         0.0000000000 
_pdbx_struct_oper_list.matrix[3][2]         0.0000000000 
_pdbx_struct_oper_list.matrix[3][3]         1.0000000000 
_pdbx_struct_oper_list.vector[3]            0.0000000000 
# 
loop_
_struct_conn.id 
_struct_conn.conn_type_id 
_struct_conn.pdbx_leaving_atom_flag 
_struct_conn.pdbx_PDB_id 
_struct_conn.ptnr1_label_asym_id 
_struct_conn.ptnr1_label_comp_id 
_struct_conn.ptnr1_label_seq_id 
_struct_conn.ptnr1_label_atom_id 
_struct_conn.pdbx_ptnr1_label_alt_id 
_struct_conn.pdbx_ptnr1_PDB_ins_code 
_struct_conn.pdbx_ptnr1_standard_comp_id 
_struct_conn.ptnr1_symmetry 
_struct_conn.ptnr2_label_asym_id 
_struct_conn.ptnr2_label_comp_id 
_struct_conn.ptnr2_label_seq_id 
_struct_conn.ptnr2_label_atom_id 
_struct_conn.pdbx_ptnr2_label_alt_id 
_struct_conn.pdbx_ptnr2_PDB_ins_code 
_struct_conn.ptnr1_auth_asym_id 
_struct_conn.ptnr1_auth_comp_id 
_struct_conn.ptnr1_auth_seq_id 
_struct_conn.ptnr2_auth_asym_id 
_struct_conn.ptnr2_auth_comp_id 
_struct_conn.ptnr2_auth_seq_id 
_struct_conn.ptnr2_symmetry 
_struct_conn.pdbx_ptnr3_label_atom_id 
_struct_conn.pdbx_ptnr3_label_seq_id 
_struct_conn.pdbx_ptnr3_label_comp_id 
_struct_conn.pdbx_ptnr3_label_asym_id 
_struct_conn.pdbx_ptnr3_label_alt_id 
_struct_conn.pdbx_ptnr3_PDB_ins_code 
_struct_conn.details 
_struct_conn.pdbx_dist_value 
_struct_conn.pdbx_value_order 
_struct_conn.pdbx_role 
metalc1  metalc ? ? A DG 1  O6 ? ? ? 1_555 C K  .  K  ? ? A DG 1   A K  101 1_555 ? ? ? ? ? ? ?            2.853 ? ? 
metalc2  metalc ? ? A DG 1  O6 ? ? ? 1_555 D K  .  K  ? ? A DG 1   A K  102 1_555 ? ? ? ? ? ? ?            2.831 ? ? 
metalc3  metalc ? ? A DG 2  O6 ? ? ? 1_555 C K  .  K  ? ? A DG 2   A K  101 1_555 ? ? ? ? ? ? ?            2.779 ? ? 
metalc4  metalc ? ? A DG 6  O6 ? ? ? 1_555 C K  .  K  ? ? A DG 6   A K  101 1_555 ? ? ? ? ? ? ?            2.661 ? ? 
metalc5  metalc ? ? A DG 7  O6 ? ? ? 1_555 C K  .  K  ? ? A DG 7   A K  101 1_555 ? ? ? ? ? ? ?            2.881 ? ? 
metalc6  metalc ? ? A DG 7  O6 ? ? ? 1_555 D K  .  K  ? ? A DG 7   A K  102 1_555 ? ? ? ? ? ? ?            2.818 ? ? 
metalc7  metalc ? ? A DG 9  O6 ? ? ? 1_555 D K  .  K  ? ? A DG 9   A K  102 1_555 ? ? ? ? ? ? ?            2.816 ? ? 
metalc8  metalc ? ? A DG 9  O6 ? ? ? 1_555 E K  .  K  ? ? A DG 9   A K  103 1_555 ? ? ? ? ? ? ?            2.899 ? ? 
metalc9  metalc ? ? A DG 10 O6 ? ? ? 1_555 E K  .  K  ? ? A DG 10  A K  103 1_555 ? ? ? ? ? ? ?            2.870 ? ? 
metalc10 metalc ? ? A DG 10 O6 ? ? ? 1_555 H NA .  NA ? ? A DG 10  A NA 106 1_555 ? ? ? ? ? ? ?            3.046 ? ? 
metalc11 metalc ? ? A DG 12 O6 ? ? ? 1_555 D K  .  K  ? ? A DG 12  A K  102 1_555 ? ? ? ? ? ? ?            2.801 ? ? 
metalc12 metalc ? ? A DG 12 O6 ? ? ? 1_555 E K  .  K  ? ? A DG 12  A K  103 1_555 ? ? ? ? ? ? ?            2.834 ? ? 
metalc13 metalc ? ? A DG 13 O6 ? ? ? 1_555 E K  .  K  ? ? A DG 13  A K  103 1_555 ? ? ? ? ? ? ?            2.829 ? ? 
metalc14 metalc ? ? A DG 13 O6 ? ? ? 1_555 H NA .  NA ? ? A DG 13  A NA 106 1_555 ? ? ? ? ? ? ?            2.837 ? ? 
metalc15 metalc ? ? C K  .  K  ? ? ? 1_555 B DG 1  O6 ? ? A K  101 B DG 1   1_555 ? ? ? ? ? ? ?            2.858 ? ? 
metalc16 metalc ? ? C K  .  K  ? ? ? 1_555 B DG 2  O6 ? ? A K  101 B DG 2   1_555 ? ? ? ? ? ? ?            2.731 ? ? 
metalc17 metalc ? ? C K  .  K  ? ? ? 1_555 B DG 6  O6 ? ? A K  101 B DG 6   1_555 ? ? ? ? ? ? ?            2.656 ? ? 
metalc18 metalc ? ? C K  .  K  ? ? ? 1_555 B DG 7  O6 ? ? A K  101 B DG 7   1_555 ? ? ? ? ? ? ?            2.926 ? ? 
metalc19 metalc ? ? D K  .  K  ? ? ? 1_555 B DG 1  O6 ? ? A K  102 B DG 1   1_555 ? ? ? ? ? ? ?            2.807 ? ? 
metalc20 metalc ? ? D K  .  K  ? ? ? 1_555 B DG 7  O6 ? ? A K  102 B DG 7   1_555 ? ? ? ? ? ? ?            2.792 ? ? 
metalc21 metalc ? ? D K  .  K  ? ? ? 1_555 B DG 9  O6 ? ? A K  102 B DG 9   1_555 ? ? ? ? ? ? ?            2.798 ? ? 
metalc22 metalc ? ? D K  .  K  ? ? ? 1_555 B DG 12 O6 ? ? A K  102 B DG 12  1_555 ? ? ? ? ? ? ?            2.792 ? ? 
metalc23 metalc ? ? E K  .  K  ? ? ? 1_555 B DG 9  O6 ? ? A K  103 B DG 9   1_555 ? ? ? ? ? ? ?            2.926 ? ? 
metalc24 metalc ? ? E K  .  K  ? ? ? 1_555 B DG 10 O6 ? ? A K  103 B DG 10  1_555 ? ? ? ? ? ? ?            2.885 ? ? 
metalc25 metalc ? ? E K  .  K  ? ? ? 1_555 B DG 12 O6 ? ? A K  103 B DG 12  1_555 ? ? ? ? ? ? ?            2.859 ? ? 
metalc26 metalc ? ? E K  .  K  ? ? ? 1_555 B DG 13 O6 ? ? A K  103 B DG 13  1_555 ? ? ? ? ? ? ?            2.765 ? ? 
metalc27 metalc ? ? H NA .  NA ? ? ? 1_555 B DG 10 O6 ? ? A NA 106 B DG 10  1_555 ? ? ? ? ? ? ?            3.022 ? ? 
metalc28 metalc ? ? H NA .  NA ? ? ? 1_555 B DG 13 O6 ? ? A NA 106 B DG 13  1_555 ? ? ? ? ? ? ?            2.976 ? ? 
hydrog1  hydrog ? ? A DG 1  N7 ? ? ? 1_555 A DG 7  N2 ? ? A DG 1   A DG 7   1_555 ? ? ? ? ? ? TYPE_6_PAIR  ?     ? ? 
hydrog2  hydrog ? ? A DG 1  O6 ? ? ? 1_555 A DG 7  N1 ? ? A DG 1   A DG 7   1_555 ? ? ? ? ? ? TYPE_6_PAIR  ?     ? ? 
hydrog3  hydrog ? ? A DG 1  N1 ? ? ? 1_555 B DG 7  O6 ? ? A DG 1   B DG 7   1_555 ? ? ? ? ? ? TYPE_6_PAIR  ?     ? ? 
hydrog4  hydrog ? ? A DG 1  N2 ? ? ? 1_555 B DG 7  N7 ? ? A DG 1   B DG 7   1_555 ? ? ? ? ? ? TYPE_6_PAIR  ?     ? ? 
hydrog5  hydrog ? ? A DG 2  N1 ? ? ? 1_555 A DG 6  O6 ? ? A DG 2   A DG 6   1_555 ? ? ? ? ? ? TYPE_6_PAIR  ?     ? ? 
hydrog6  hydrog ? ? A DG 2  N2 ? ? ? 1_555 A DG 6  N7 ? ? A DG 2   A DG 6   1_555 ? ? ? ? ? ? TYPE_6_PAIR  ?     ? ? 
hydrog7  hydrog ? ? A DG 2  N7 ? ? ? 1_555 B DG 6  N2 ? ? A DG 2   B DG 6   1_555 ? ? ? ? ? ? TYPE_6_PAIR  ?     ? ? 
hydrog8  hydrog ? ? A DG 2  O6 ? ? ? 1_555 B DG 6  N1 ? ? A DG 2   B DG 6   1_555 ? ? ? ? ? ? TYPE_6_PAIR  ?     ? ? 
hydrog9  hydrog ? ? A DC 5  N4 ? ? ? 1_555 B DC 5  O2 ? ? A DC 5   B DC 5   1_555 ? ? ? ? ? ? TYPE_15_PAIR ?     ? ? 
hydrog10 hydrog ? ? A DC 5  O2 ? ? ? 1_555 B DC 5  N4 ? ? A DC 5   B DC 5   1_555 ? ? ? ? ? ? TYPE_15_PAIR ?     ? ? 
hydrog11 hydrog ? ? A DG 6  N1 ? ? ? 1_555 B DG 2  O6 ? ? A DG 6   B DG 2   1_555 ? ? ? ? ? ? TYPE_6_PAIR  ?     ? ? 
hydrog12 hydrog ? ? A DG 6  N2 ? ? ? 1_555 B DG 2  N7 ? ? A DG 6   B DG 2   1_555 ? ? ? ? ? ? TYPE_6_PAIR  ?     ? ? 
hydrog13 hydrog ? ? A DG 7  N7 ? ? ? 1_555 B DG 1  N2 ? ? A DG 7   B DG 1   1_555 ? ? ? ? ? ? TYPE_6_PAIR  ?     ? ? 
hydrog14 hydrog ? ? A DG 7  O6 ? ? ? 1_555 B DG 1  N1 ? ? A DG 7   B DG 1   1_555 ? ? ? ? ? ? TYPE_6_PAIR  ?     ? ? 
hydrog15 hydrog ? ? A DG 9  N1 ? ? ? 1_555 A DG 12 O6 ? ? A DG 9   A DG 12  1_555 ? ? ? ? ? ? TYPE_6_PAIR  ?     ? ? 
hydrog16 hydrog ? ? A DG 9  N2 ? ? ? 1_555 A DG 12 N7 ? ? A DG 9   A DG 12  1_555 ? ? ? ? ? ? TYPE_6_PAIR  ?     ? ? 
hydrog17 hydrog ? ? A DG 9  N7 ? ? ? 1_555 B DG 12 N2 ? ? A DG 9   B DG 12  1_555 ? ? ? ? ? ? TYPE_6_PAIR  ?     ? ? 
hydrog18 hydrog ? ? A DG 9  O6 ? ? ? 1_555 B DG 12 N1 ? ? A DG 9   B DG 12  1_555 ? ? ? ? ? ? TYPE_6_PAIR  ?     ? ? 
hydrog19 hydrog ? ? A DG 10 N1 ? ? ? 1_555 A DG 13 O6 ? ? A DG 10  A DG 13  1_555 ? ? ? ? ? ? TYPE_6_PAIR  ?     ? ? 
hydrog20 hydrog ? ? A DG 10 N2 ? ? ? 1_555 A DG 13 N7 ? ? A DG 10  A DG 13  1_555 ? ? ? ? ? ? TYPE_6_PAIR  ?     ? ? 
hydrog21 hydrog ? ? A DG 10 N7 ? ? ? 1_555 B DG 13 N2 ? ? A DG 10  B DG 13  1_555 ? ? ? ? ? ? TYPE_6_PAIR  ?     ? ? 
hydrog22 hydrog ? ? A DG 10 O6 ? ? ? 1_555 B DG 13 N1 ? ? A DG 10  B DG 13  1_555 ? ? ? ? ? ? TYPE_6_PAIR  ?     ? ? 
hydrog23 hydrog ? ? A DG 12 N1 ? ? ? 1_555 B DG 9  O6 ? ? A DG 12  B DG 9   1_555 ? ? ? ? ? ? TYPE_6_PAIR  ?     ? ? 
hydrog24 hydrog ? ? A DG 12 N2 ? ? ? 1_555 B DG 9  N7 ? ? A DG 12  B DG 9   1_555 ? ? ? ? ? ? TYPE_6_PAIR  ?     ? ? 
hydrog25 hydrog ? ? A DG 13 N1 ? ? ? 1_555 B DG 10 O6 ? ? A DG 13  B DG 10  1_555 ? ? ? ? ? ? TYPE_6_PAIR  ?     ? ? 
hydrog26 hydrog ? ? A DG 13 N2 ? ? ? 1_555 B DG 10 N7 ? ? A DG 13  B DG 10  1_555 ? ? ? ? ? ? TYPE_6_PAIR  ?     ? ? 
hydrog27 hydrog ? ? B DG 1  N7 ? ? ? 1_555 B DG 7  N2 ? ? B DG 1   B DG 7   1_555 ? ? ? ? ? ? TYPE_6_PAIR  ?     ? ? 
hydrog28 hydrog ? ? B DG 1  O6 ? ? ? 1_555 B DG 7  N1 ? ? B DG 1   B DG 7   1_555 ? ? ? ? ? ? TYPE_6_PAIR  ?     ? ? 
hydrog29 hydrog ? ? B DG 2  N1 ? ? ? 1_555 B DG 6  O6 ? ? B DG 2   B DG 6   1_555 ? ? ? ? ? ? TYPE_6_PAIR  ?     ? ? 
hydrog30 hydrog ? ? B DG 2  N2 ? ? ? 1_555 B DG 6  N7 ? ? B DG 2   B DG 6   1_555 ? ? ? ? ? ? TYPE_6_PAIR  ?     ? ? 
hydrog31 hydrog ? ? B DG 9  N1 ? ? ? 1_555 B DG 12 O6 ? ? B DG 9   B DG 12  1_555 ? ? ? ? ? ? TYPE_6_PAIR  ?     ? ? 
hydrog32 hydrog ? ? B DG 9  N2 ? ? ? 1_555 B DG 12 N7 ? ? B DG 9   B DG 12  1_555 ? ? ? ? ? ? TYPE_6_PAIR  ?     ? ? 
hydrog33 hydrog ? ? B DG 10 N1 ? ? ? 1_555 B DG 13 O6 ? ? B DG 10  B DG 13  1_555 ? ? ? ? ? ? TYPE_6_PAIR  ?     ? ? 
hydrog34 hydrog ? ? B DG 10 N2 ? ? ? 1_555 B DG 13 N7 ? ? B DG 10  B DG 13  1_555 ? ? ? ? ? ? TYPE_6_PAIR  ?     ? ? 
# 
loop_
_struct_conn_type.id 
_struct_conn_type.criteria 
_struct_conn_type.reference 
metalc ? ? 
hydrog ? ? 
# 
loop_
_pdbx_struct_conn_angle.id 
_pdbx_struct_conn_angle.ptnr1_label_atom_id 
_pdbx_struct_conn_angle.ptnr1_label_alt_id 
_pdbx_struct_conn_angle.ptnr1_label_asym_id 
_pdbx_struct_conn_angle.ptnr1_label_comp_id 
_pdbx_struct_conn_angle.ptnr1_label_seq_id 
_pdbx_struct_conn_angle.ptnr1_auth_atom_id 
_pdbx_struct_conn_angle.ptnr1_auth_asym_id 
_pdbx_struct_conn_angle.ptnr1_auth_comp_id 
_pdbx_struct_conn_angle.ptnr1_auth_seq_id 
_pdbx_struct_conn_angle.ptnr1_PDB_ins_code 
_pdbx_struct_conn_angle.ptnr1_symmetry 
_pdbx_struct_conn_angle.ptnr2_label_atom_id 
_pdbx_struct_conn_angle.ptnr2_label_alt_id 
_pdbx_struct_conn_angle.ptnr2_label_asym_id 
_pdbx_struct_conn_angle.ptnr2_label_comp_id 
_pdbx_struct_conn_angle.ptnr2_label_seq_id 
_pdbx_struct_conn_angle.ptnr2_auth_atom_id 
_pdbx_struct_conn_angle.ptnr2_auth_asym_id 
_pdbx_struct_conn_angle.ptnr2_auth_comp_id 
_pdbx_struct_conn_angle.ptnr2_auth_seq_id 
_pdbx_struct_conn_angle.ptnr2_PDB_ins_code 
_pdbx_struct_conn_angle.ptnr2_symmetry 
_pdbx_struct_conn_angle.ptnr3_label_atom_id 
_pdbx_struct_conn_angle.ptnr3_label_alt_id 
_pdbx_struct_conn_angle.ptnr3_label_asym_id 
_pdbx_struct_conn_angle.ptnr3_label_comp_id 
_pdbx_struct_conn_angle.ptnr3_label_seq_id 
_pdbx_struct_conn_angle.ptnr3_auth_atom_id 
_pdbx_struct_conn_angle.ptnr3_auth_asym_id 
_pdbx_struct_conn_angle.ptnr3_auth_comp_id 
_pdbx_struct_conn_angle.ptnr3_auth_seq_id 
_pdbx_struct_conn_angle.ptnr3_PDB_ins_code 
_pdbx_struct_conn_angle.ptnr3_symmetry 
_pdbx_struct_conn_angle.value 
_pdbx_struct_conn_angle.value_esd 
1  O6 ? A DG 1  ? A DG 1  ? 1_555 K  ? C K  . ? A K  101 ? 1_555 O6 ? A DG 2  ? A DG 2  ? 1_555 69.1  ? 
2  O6 ? A DG 1  ? A DG 1  ? 1_555 K  ? C K  . ? A K  101 ? 1_555 O6 ? A DG 6  ? A DG 6  ? 1_555 98.4  ? 
3  O6 ? A DG 2  ? A DG 2  ? 1_555 K  ? C K  . ? A K  101 ? 1_555 O6 ? A DG 6  ? A DG 6  ? 1_555 75.5  ? 
4  O6 ? A DG 1  ? A DG 1  ? 1_555 K  ? C K  . ? A K  101 ? 1_555 O6 ? A DG 7  ? A DG 7  ? 1_555 67.8  ? 
5  O6 ? A DG 2  ? A DG 2  ? 1_555 K  ? C K  . ? A K  101 ? 1_555 O6 ? A DG 7  ? A DG 7  ? 1_555 120.6 ? 
6  O6 ? A DG 6  ? A DG 6  ? 1_555 K  ? C K  . ? A K  101 ? 1_555 O6 ? A DG 7  ? A DG 7  ? 1_555 72.5  ? 
7  O6 ? A DG 1  ? A DG 1  ? 1_555 K  ? C K  . ? A K  101 ? 1_555 O6 ? B DG 1  ? B DG 1  ? 1_555 102.7 ? 
8  O6 ? A DG 2  ? A DG 2  ? 1_555 K  ? C K  . ? A K  101 ? 1_555 O6 ? B DG 1  ? B DG 1  ? 1_555 163.0 ? 
9  O6 ? A DG 6  ? A DG 6  ? 1_555 K  ? C K  . ? A K  101 ? 1_555 O6 ? B DG 1  ? B DG 1  ? 1_555 121.2 ? 
10 O6 ? A DG 7  ? A DG 7  ? 1_555 K  ? C K  . ? A K  101 ? 1_555 O6 ? B DG 1  ? B DG 1  ? 1_555 66.4  ? 
11 O6 ? A DG 1  ? A DG 1  ? 1_555 K  ? C K  . ? A K  101 ? 1_555 O6 ? B DG 2  ? B DG 2  ? 1_555 164.0 ? 
12 O6 ? A DG 2  ? A DG 2  ? 1_555 K  ? C K  . ? A K  101 ? 1_555 O6 ? B DG 2  ? B DG 2  ? 1_555 122.0 ? 
13 O6 ? A DG 6  ? A DG 6  ? 1_555 K  ? C K  . ? A K  101 ? 1_555 O6 ? B DG 2  ? B DG 2  ? 1_555 75.4  ? 
14 O6 ? A DG 7  ? A DG 7  ? 1_555 K  ? C K  . ? A K  101 ? 1_555 O6 ? B DG 2  ? B DG 2  ? 1_555 96.2  ? 
15 O6 ? B DG 1  ? B DG 1  ? 1_555 K  ? C K  . ? A K  101 ? 1_555 O6 ? B DG 2  ? B DG 2  ? 1_555 69.5  ? 
16 O6 ? A DG 1  ? A DG 1  ? 1_555 K  ? C K  . ? A K  101 ? 1_555 O6 ? B DG 6  ? B DG 6  ? 1_555 119.0 ? 
17 O6 ? A DG 2  ? A DG 2  ? 1_555 K  ? C K  . ? A K  101 ? 1_555 O6 ? B DG 6  ? B DG 6  ? 1_555 77.6  ? 
18 O6 ? A DG 6  ? A DG 6  ? 1_555 K  ? C K  . ? A K  101 ? 1_555 O6 ? B DG 6  ? B DG 6  ? 1_555 121.0 ? 
19 O6 ? A DG 7  ? A DG 7  ? 1_555 K  ? C K  . ? A K  101 ? 1_555 O6 ? B DG 6  ? B DG 6  ? 1_555 161.0 ? 
20 O6 ? B DG 1  ? B DG 1  ? 1_555 K  ? C K  . ? A K  101 ? 1_555 O6 ? B DG 6  ? B DG 6  ? 1_555 94.6  ? 
21 O6 ? B DG 2  ? B DG 2  ? 1_555 K  ? C K  . ? A K  101 ? 1_555 O6 ? B DG 6  ? B DG 6  ? 1_555 76.3  ? 
22 O6 ? A DG 1  ? A DG 1  ? 1_555 K  ? C K  . ? A K  101 ? 1_555 O6 ? B DG 7  ? B DG 7  ? 1_555 66.1  ? 
23 O6 ? A DG 2  ? A DG 2  ? 1_555 K  ? C K  . ? A K  101 ? 1_555 O6 ? B DG 7  ? B DG 7  ? 1_555 96.2  ? 
24 O6 ? A DG 6  ? A DG 6  ? 1_555 K  ? C K  . ? A K  101 ? 1_555 O6 ? B DG 7  ? B DG 7  ? 1_555 164.4 ? 
25 O6 ? A DG 7  ? A DG 7  ? 1_555 K  ? C K  . ? A K  101 ? 1_555 O6 ? B DG 7  ? B DG 7  ? 1_555 101.6 ? 
26 O6 ? B DG 1  ? B DG 1  ? 1_555 K  ? C K  . ? A K  101 ? 1_555 O6 ? B DG 7  ? B DG 7  ? 1_555 66.8  ? 
27 O6 ? B DG 2  ? B DG 2  ? 1_555 K  ? C K  . ? A K  101 ? 1_555 O6 ? B DG 7  ? B DG 7  ? 1_555 120.0 ? 
28 O6 ? B DG 6  ? B DG 6  ? 1_555 K  ? C K  . ? A K  101 ? 1_555 O6 ? B DG 7  ? B DG 7  ? 1_555 68.6  ? 
29 O6 ? A DG 1  ? A DG 1  ? 1_555 K  ? D K  . ? A K  102 ? 1_555 O6 ? A DG 7  ? A DG 7  ? 1_555 69.0  ? 
30 O6 ? A DG 1  ? A DG 1  ? 1_555 K  ? D K  . ? A K  102 ? 1_555 O6 ? A DG 9  ? A DG 9  ? 1_555 81.8  ? 
31 O6 ? A DG 7  ? A DG 7  ? 1_555 K  ? D K  . ? A K  102 ? 1_555 O6 ? A DG 9  ? A DG 9  ? 1_555 87.1  ? 
32 O6 ? A DG 1  ? A DG 1  ? 1_555 K  ? D K  . ? A K  102 ? 1_555 O6 ? A DG 12 ? A DG 12 ? 1_555 88.7  ? 
33 O6 ? A DG 7  ? A DG 7  ? 1_555 K  ? D K  . ? A K  102 ? 1_555 O6 ? A DG 12 ? A DG 12 ? 1_555 149.9 ? 
34 O6 ? A DG 9  ? A DG 9  ? 1_555 K  ? D K  . ? A K  102 ? 1_555 O6 ? A DG 12 ? A DG 12 ? 1_555 69.5  ? 
35 O6 ? A DG 1  ? A DG 1  ? 1_555 K  ? D K  . ? A K  102 ? 1_555 O6 ? B DG 1  ? B DG 1  ? 1_555 104.5 ? 
36 O6 ? A DG 7  ? A DG 7  ? 1_555 K  ? D K  . ? A K  102 ? 1_555 O6 ? B DG 1  ? B DG 1  ? 1_555 67.9  ? 
37 O6 ? A DG 9  ? A DG 9  ? 1_555 K  ? D K  . ? A K  102 ? 1_555 O6 ? B DG 1  ? B DG 1  ? 1_555 148.9 ? 
38 O6 ? A DG 12 ? A DG 12 ? 1_555 K  ? D K  . ? A K  102 ? 1_555 O6 ? B DG 1  ? B DG 1  ? 1_555 139.8 ? 
39 O6 ? A DG 1  ? A DG 1  ? 1_555 K  ? D K  . ? A K  102 ? 1_555 O6 ? B DG 7  ? B DG 7  ? 1_555 68.2  ? 
40 O6 ? A DG 7  ? A DG 7  ? 1_555 K  ? D K  . ? A K  102 ? 1_555 O6 ? B DG 7  ? B DG 7  ? 1_555 106.7 ? 
41 O6 ? A DG 9  ? A DG 9  ? 1_555 K  ? D K  . ? A K  102 ? 1_555 O6 ? B DG 7  ? B DG 7  ? 1_555 138.5 ? 
42 O6 ? A DG 12 ? A DG 12 ? 1_555 K  ? D K  . ? A K  102 ? 1_555 O6 ? B DG 7  ? B DG 7  ? 1_555 81.5  ? 
43 O6 ? B DG 1  ? B DG 1  ? 1_555 K  ? D K  . ? A K  102 ? 1_555 O6 ? B DG 7  ? B DG 7  ? 1_555 69.3  ? 
44 O6 ? A DG 1  ? A DG 1  ? 1_555 K  ? D K  . ? A K  102 ? 1_555 O6 ? B DG 9  ? B DG 9  ? 1_555 149.0 ? 
45 O6 ? A DG 7  ? A DG 7  ? 1_555 K  ? D K  . ? A K  102 ? 1_555 O6 ? B DG 9  ? B DG 9  ? 1_555 138.5 ? 
46 O6 ? A DG 9  ? A DG 9  ? 1_555 K  ? D K  . ? A K  102 ? 1_555 O6 ? B DG 9  ? B DG 9  ? 1_555 109.0 ? 
47 O6 ? A DG 12 ? A DG 12 ? 1_555 K  ? D K  . ? A K  102 ? 1_555 O6 ? B DG 9  ? B DG 9  ? 1_555 69.5  ? 
48 O6 ? B DG 1  ? B DG 1  ? 1_555 K  ? D K  . ? A K  102 ? 1_555 O6 ? B DG 9  ? B DG 9  ? 1_555 81.4  ? 
49 O6 ? B DG 7  ? B DG 7  ? 1_555 K  ? D K  . ? A K  102 ? 1_555 O6 ? B DG 9  ? B DG 9  ? 1_555 86.5  ? 
50 O6 ? A DG 1  ? A DG 1  ? 1_555 K  ? D K  . ? A K  102 ? 1_555 O6 ? B DG 12 ? B DG 12 ? 1_555 139.5 ? 
51 O6 ? A DG 7  ? A DG 7  ? 1_555 K  ? D K  . ? A K  102 ? 1_555 O6 ? B DG 12 ? B DG 12 ? 1_555 81.3  ? 
52 O6 ? A DG 9  ? A DG 9  ? 1_555 K  ? D K  . ? A K  102 ? 1_555 O6 ? B DG 12 ? B DG 12 ? 1_555 69.4  ? 
53 O6 ? A DG 12 ? A DG 12 ? 1_555 K  ? D K  . ? A K  102 ? 1_555 O6 ? B DG 12 ? B DG 12 ? 1_555 106.3 ? 
54 O6 ? B DG 1  ? B DG 1  ? 1_555 K  ? D K  . ? A K  102 ? 1_555 O6 ? B DG 12 ? B DG 12 ? 1_555 88.1  ? 
55 O6 ? B DG 7  ? B DG 7  ? 1_555 K  ? D K  . ? A K  102 ? 1_555 O6 ? B DG 12 ? B DG 12 ? 1_555 149.8 ? 
56 O6 ? B DG 9  ? B DG 9  ? 1_555 K  ? D K  . ? A K  102 ? 1_555 O6 ? B DG 12 ? B DG 12 ? 1_555 70.1  ? 
57 O6 ? A DG 9  ? A DG 9  ? 1_555 K  ? E K  . ? A K  103 ? 1_555 O6 ? A DG 10 ? A DG 10 ? 1_555 78.5  ? 
58 O6 ? A DG 9  ? A DG 9  ? 1_555 K  ? E K  . ? A K  103 ? 1_555 O6 ? A DG 12 ? A DG 12 ? 1_555 67.9  ? 
59 O6 ? A DG 10 ? A DG 10 ? 1_555 K  ? E K  . ? A K  103 ? 1_555 O6 ? A DG 12 ? A DG 12 ? 1_555 88.1  ? 
60 O6 ? A DG 9  ? A DG 9  ? 1_555 K  ? E K  . ? A K  103 ? 1_555 O6 ? A DG 13 ? A DG 13 ? 1_555 137.3 ? 
61 O6 ? A DG 10 ? A DG 10 ? 1_555 K  ? E K  . ? A K  103 ? 1_555 O6 ? A DG 13 ? A DG 13 ? 1_555 71.5  ? 
62 O6 ? A DG 12 ? A DG 12 ? 1_555 K  ? E K  . ? A K  103 ? 1_555 O6 ? A DG 13 ? A DG 13 ? 1_555 81.1  ? 
63 O6 ? A DG 9  ? A DG 9  ? 1_555 K  ? E K  . ? A K  103 ? 1_555 O6 ? B DG 9  ? B DG 9  ? 1_555 103.4 ? 
64 O6 ? A DG 10 ? A DG 10 ? 1_555 K  ? E K  . ? A K  103 ? 1_555 O6 ? B DG 9  ? B DG 9  ? 1_555 151.5 ? 
65 O6 ? A DG 12 ? A DG 12 ? 1_555 K  ? E K  . ? A K  103 ? 1_555 O6 ? B DG 9  ? B DG 9  ? 1_555 67.2  ? 
66 O6 ? A DG 13 ? A DG 13 ? 1_555 K  ? E K  . ? A K  103 ? 1_555 O6 ? B DG 9  ? B DG 9  ? 1_555 90.1  ? 
67 O6 ? A DG 9  ? A DG 9  ? 1_555 K  ? E K  . ? A K  103 ? 1_555 O6 ? B DG 10 ? B DG 10 ? 1_555 152.1 ? 
68 O6 ? A DG 10 ? A DG 10 ? 1_555 K  ? E K  . ? A K  103 ? 1_555 O6 ? B DG 10 ? B DG 10 ? 1_555 112.2 ? 
69 O6 ? A DG 12 ? A DG 12 ? 1_555 K  ? E K  . ? A K  103 ? 1_555 O6 ? B DG 10 ? B DG 10 ? 1_555 135.5 ? 
70 O6 ? A DG 13 ? A DG 13 ? 1_555 K  ? E K  . ? A K  103 ? 1_555 O6 ? B DG 10 ? B DG 10 ? 1_555 69.7  ? 
71 O6 ? B DG 9  ? B DG 9  ? 1_555 K  ? E K  . ? A K  103 ? 1_555 O6 ? B DG 10 ? B DG 10 ? 1_555 79.6  ? 
72 O6 ? A DG 9  ? A DG 9  ? 1_555 K  ? E K  . ? A K  103 ? 1_555 O6 ? B DG 12 ? B DG 12 ? 1_555 67.4  ? 
73 O6 ? A DG 10 ? A DG 10 ? 1_555 K  ? E K  . ? A K  103 ? 1_555 O6 ? B DG 12 ? B DG 12 ? 1_555 135.6 ? 
74 O6 ? A DG 12 ? A DG 12 ? 1_555 K  ? E K  . ? A K  103 ? 1_555 O6 ? B DG 12 ? B DG 12 ? 1_555 103.6 ? 
75 O6 ? A DG 13 ? A DG 13 ? 1_555 K  ? E K  . ? A K  103 ? 1_555 O6 ? B DG 12 ? B DG 12 ? 1_555 151.9 ? 
76 O6 ? B DG 9  ? B DG 9  ? 1_555 K  ? E K  . ? A K  103 ? 1_555 O6 ? B DG 12 ? B DG 12 ? 1_555 67.4  ? 
77 O6 ? B DG 10 ? B DG 10 ? 1_555 K  ? E K  . ? A K  103 ? 1_555 O6 ? B DG 12 ? B DG 12 ? 1_555 89.1  ? 
78 O6 ? A DG 9  ? A DG 9  ? 1_555 K  ? E K  . ? A K  103 ? 1_555 O6 ? B DG 13 ? B DG 13 ? 1_555 88.7  ? 
79 O6 ? A DG 10 ? A DG 10 ? 1_555 K  ? E K  . ? A K  103 ? 1_555 O6 ? B DG 13 ? B DG 13 ? 1_555 69.6  ? 
80 O6 ? A DG 12 ? A DG 12 ? 1_555 K  ? E K  . ? A K  103 ? 1_555 O6 ? B DG 13 ? B DG 13 ? 1_555 150.7 ? 
81 O6 ? A DG 13 ? A DG 13 ? 1_555 K  ? E K  . ? A K  103 ? 1_555 O6 ? B DG 13 ? B DG 13 ? 1_555 107.9 ? 
82 O6 ? B DG 9  ? B DG 9  ? 1_555 K  ? E K  . ? A K  103 ? 1_555 O6 ? B DG 13 ? B DG 13 ? 1_555 138.4 ? 
83 O6 ? B DG 10 ? B DG 10 ? 1_555 K  ? E K  . ? A K  103 ? 1_555 O6 ? B DG 13 ? B DG 13 ? 1_555 72.6  ? 
84 O6 ? B DG 12 ? B DG 12 ? 1_555 K  ? E K  . ? A K  103 ? 1_555 O6 ? B DG 13 ? B DG 13 ? 1_555 81.7  ? 
85 O6 ? A DG 10 ? A DG 10 ? 1_555 NA ? H NA . ? A NA 106 ? 1_555 O6 ? A DG 13 ? A DG 13 ? 1_555 68.9  ? 
86 O6 ? A DG 10 ? A DG 10 ? 1_555 NA ? H NA . ? A NA 106 ? 1_555 O6 ? B DG 10 ? B DG 10 ? 1_555 103.9 ? 
87 O6 ? A DG 13 ? A DG 13 ? 1_555 NA ? H NA . ? A NA 106 ? 1_555 O6 ? B DG 10 ? B DG 10 ? 1_555 67.7  ? 
88 O6 ? A DG 10 ? A DG 10 ? 1_555 NA ? H NA . ? A NA 106 ? 1_555 O6 ? B DG 13 ? B DG 13 ? 1_555 64.5  ? 
89 O6 ? A DG 13 ? A DG 13 ? 1_555 NA ? H NA . ? A NA 106 ? 1_555 O6 ? B DG 13 ? B DG 13 ? 1_555 102.1 ? 
90 O6 ? B DG 10 ? B DG 10 ? 1_555 NA ? H NA . ? A NA 106 ? 1_555 O6 ? B DG 13 ? B DG 13 ? 1_555 67.8  ? 
# 
loop_
_struct_site.id 
_struct_site.pdbx_evidence_code 
_struct_site.pdbx_auth_asym_id 
_struct_site.pdbx_auth_comp_id 
_struct_site.pdbx_auth_seq_id 
_struct_site.pdbx_auth_ins_code 
_struct_site.pdbx_num_residues 
_struct_site.details 
AC1 Software A K   101 ? 9  'binding site for residue K A 101'   
AC2 Software A K   102 ? 10 'binding site for residue K A 102'   
AC3 Software A K   103 ? 10 'binding site for residue K A 103'   
AC4 Software A NCO 104 ? 5  'binding site for residue NCO A 104' 
AC5 Software A NCO 105 ? 7  'binding site for residue NCO A 105' 
AC6 Software A NA  106 ? 9  'binding site for residue NA A 106'  
AC7 Software B NCO 101 ? 5  'binding site for residue NCO B 101' 
# 
loop_
_struct_site_gen.id 
_struct_site_gen.site_id 
_struct_site_gen.pdbx_num_res 
_struct_site_gen.label_comp_id 
_struct_site_gen.label_asym_id 
_struct_site_gen.label_seq_id 
_struct_site_gen.pdbx_auth_ins_code 
_struct_site_gen.auth_comp_id 
_struct_site_gen.auth_asym_id 
_struct_site_gen.auth_seq_id 
_struct_site_gen.label_atom_id 
_struct_site_gen.label_alt_id 
_struct_site_gen.symmetry 
_struct_site_gen.details 
1  AC1 9  DG  A 1  ? DG  A 1   . ? 1_555 ? 
2  AC1 9  DG  A 2  ? DG  A 2   . ? 1_555 ? 
3  AC1 9  DG  A 6  ? DG  A 6   . ? 1_555 ? 
4  AC1 9  DG  A 7  ? DG  A 7   . ? 1_555 ? 
5  AC1 9  K   D .  ? K   A 102 . ? 1_555 ? 
6  AC1 9  DG  B 1  ? DG  B 1   . ? 1_555 ? 
7  AC1 9  DG  B 2  ? DG  B 2   . ? 1_555 ? 
8  AC1 9  DG  B 6  ? DG  B 6   . ? 1_555 ? 
9  AC1 9  DG  B 7  ? DG  B 7   . ? 1_555 ? 
10 AC2 10 DG  A 1  ? DG  A 1   . ? 1_555 ? 
11 AC2 10 DG  A 7  ? DG  A 7   . ? 1_555 ? 
12 AC2 10 DG  A 9  ? DG  A 9   . ? 1_555 ? 
13 AC2 10 DG  A 12 ? DG  A 12  . ? 1_555 ? 
14 AC2 10 K   C .  ? K   A 101 . ? 1_555 ? 
15 AC2 10 K   E .  ? K   A 103 . ? 1_555 ? 
16 AC2 10 DG  B 1  ? DG  B 1   . ? 1_555 ? 
17 AC2 10 DG  B 7  ? DG  B 7   . ? 1_555 ? 
18 AC2 10 DG  B 9  ? DG  B 9   . ? 1_555 ? 
19 AC2 10 DG  B 12 ? DG  B 12  . ? 1_555 ? 
20 AC3 10 DG  A 9  ? DG  A 9   . ? 1_555 ? 
21 AC3 10 DG  A 10 ? DG  A 10  . ? 1_555 ? 
22 AC3 10 DG  A 12 ? DG  A 12  . ? 1_555 ? 
23 AC3 10 DG  A 13 ? DG  A 13  . ? 1_555 ? 
24 AC3 10 K   D .  ? K   A 102 . ? 1_555 ? 
25 AC3 10 NA  H .  ? NA  A 106 . ? 1_555 ? 
26 AC3 10 DG  B 9  ? DG  B 9   . ? 1_555 ? 
27 AC3 10 DG  B 10 ? DG  B 10  . ? 1_555 ? 
28 AC3 10 DG  B 12 ? DG  B 12  . ? 1_555 ? 
29 AC3 10 DG  B 13 ? DG  B 13  . ? 1_555 ? 
30 AC4 5  DC  A 11 ? DC  A 11  . ? 2_555 ? 
31 AC4 5  DA  A 14 ? DA  A 14  . ? 1_555 ? 
32 AC4 5  HOH J .  ? HOH A 203 . ? 1_555 ? 
33 AC4 5  HOH J .  ? HOH A 204 . ? 1_555 ? 
34 AC4 5  DG  B 2  ? DG  B 2   . ? 4_455 ? 
35 AC5 7  DC  A 3  ? DC  A 3   . ? 2_554 ? 
36 AC5 7  DT  A 4  ? DT  A 4   . ? 2_554 ? 
37 AC5 7  DA  A 14 ? DA  A 14  . ? 2_555 ? 
38 AC5 7  HOH J .  ? HOH A 214 . ? 1_555 ? 
39 AC5 7  HOH J .  ? HOH A 218 . ? 1_555 ? 
40 AC5 7  DC  B 8  ? DC  B 8   . ? 2_555 ? 
41 AC5 7  DC  B 11 ? DC  B 11  . ? 3_555 ? 
42 AC6 9  DG  A 10 ? DG  A 10  . ? 1_555 ? 
43 AC6 9  DG  A 13 ? DG  A 13  . ? 1_555 ? 
44 AC6 9  DA  A 14 ? DA  A 14  . ? 1_555 ? 
45 AC6 9  DA  A 14 ? DA  A 14  . ? 2_555 ? 
46 AC6 9  K   E .  ? K   A 103 . ? 1_555 ? 
47 AC6 9  DG  B 10 ? DG  B 10  . ? 1_555 ? 
48 AC6 9  DG  B 13 ? DG  B 13  . ? 1_555 ? 
49 AC6 9  DA  B 14 ? DA  B 14  . ? 1_555 ? 
50 AC6 9  DA  B 14 ? DA  B 14  . ? 2_555 ? 
51 AC7 5  DG  B 7  ? DG  B 7   . ? 3_545 ? 
52 AC7 5  DC  B 11 ? DC  B 11  . ? 2_555 ? 
53 AC7 5  DA  B 14 ? DA  B 14  . ? 1_555 ? 
54 AC7 5  HOH K .  ? HOH B 203 . ? 1_555 ? 
55 AC7 5  HOH K .  ? HOH B 205 . ? 1_555 ? 
# 
loop_
_pdbx_validate_rmsd_angle.id 
_pdbx_validate_rmsd_angle.PDB_model_num 
_pdbx_validate_rmsd_angle.auth_atom_id_1 
_pdbx_validate_rmsd_angle.auth_asym_id_1 
_pdbx_validate_rmsd_angle.auth_comp_id_1 
_pdbx_validate_rmsd_angle.auth_seq_id_1 
_pdbx_validate_rmsd_angle.PDB_ins_code_1 
_pdbx_validate_rmsd_angle.label_alt_id_1 
_pdbx_validate_rmsd_angle.auth_atom_id_2 
_pdbx_validate_rmsd_angle.auth_asym_id_2 
_pdbx_validate_rmsd_angle.auth_comp_id_2 
_pdbx_validate_rmsd_angle.auth_seq_id_2 
_pdbx_validate_rmsd_angle.PDB_ins_code_2 
_pdbx_validate_rmsd_angle.label_alt_id_2 
_pdbx_validate_rmsd_angle.auth_atom_id_3 
_pdbx_validate_rmsd_angle.auth_asym_id_3 
_pdbx_validate_rmsd_angle.auth_comp_id_3 
_pdbx_validate_rmsd_angle.auth_seq_id_3 
_pdbx_validate_rmsd_angle.PDB_ins_code_3 
_pdbx_validate_rmsd_angle.label_alt_id_3 
_pdbx_validate_rmsd_angle.angle_value 
_pdbx_validate_rmsd_angle.angle_target_value 
_pdbx_validate_rmsd_angle.angle_deviation 
_pdbx_validate_rmsd_angle.angle_standard_deviation 
_pdbx_validate_rmsd_angle.linker_flag 
1 1 "O4'" A DG 2 ? ? "C1'" A DG 2 ? ? N9 A DG 2 ? ? 110.86 108.30 2.56 0.30 N 
2 1 "O4'" A DG 7 ? ? "C1'" A DG 7 ? ? N9 A DG 7 ? ? 113.59 108.30 5.29 0.30 N 
3 1 "O4'" A DG 9 ? ? "C1'" A DG 9 ? ? N9 A DG 9 ? ? 110.23 108.30 1.93 0.30 N 
4 1 "O4'" B DG 7 ? ? "C1'" B DG 7 ? ? N9 B DG 7 ? ? 112.95 108.30 4.65 0.30 N 
5 1 "O4'" B DG 9 ? ? "C1'" B DG 9 ? ? N9 B DG 9 ? ? 110.12 108.30 1.82 0.30 N 
# 
_pdbx_refine_tls.id               1 
_pdbx_refine_tls.pdbx_refine_id   'X-RAY DIFFRACTION' 
_pdbx_refine_tls.details          ? 
_pdbx_refine_tls.method           refined 
_pdbx_refine_tls.origin_x         0.2781 
_pdbx_refine_tls.origin_y         0.2121 
_pdbx_refine_tls.origin_z         0.0936 
_pdbx_refine_tls.T[1][1]          0.2317 
_pdbx_refine_tls.T[1][1]_esd      ? 
_pdbx_refine_tls.T[1][2]          0.0165 
_pdbx_refine_tls.T[1][2]_esd      ? 
_pdbx_refine_tls.T[1][3]          0.0023 
_pdbx_refine_tls.T[1][3]_esd      ? 
_pdbx_refine_tls.T[2][2]          0.2209 
_pdbx_refine_tls.T[2][2]_esd      ? 
_pdbx_refine_tls.T[2][3]          -0.0044 
_pdbx_refine_tls.T[2][3]_esd      ? 
_pdbx_refine_tls.T[3][3]          0.2424 
_pdbx_refine_tls.T[3][3]_esd      ? 
_pdbx_refine_tls.L[1][1]          2.0844 
_pdbx_refine_tls.L[1][1]_esd      ? 
_pdbx_refine_tls.L[1][2]          0.8883 
_pdbx_refine_tls.L[1][2]_esd      ? 
_pdbx_refine_tls.L[1][3]          -0.1754 
_pdbx_refine_tls.L[1][3]_esd      ? 
_pdbx_refine_tls.L[2][2]          1.2987 
_pdbx_refine_tls.L[2][2]_esd      ? 
_pdbx_refine_tls.L[2][3]          -0.0188 
_pdbx_refine_tls.L[2][3]_esd      ? 
_pdbx_refine_tls.L[3][3]          1.8835 
_pdbx_refine_tls.L[3][3]_esd      ? 
_pdbx_refine_tls.S[1][1]          0.0511 
_pdbx_refine_tls.S[1][1]_esd      ? 
_pdbx_refine_tls.S[1][2]          0.0554 
_pdbx_refine_tls.S[1][2]_esd      ? 
_pdbx_refine_tls.S[1][3]          -0.0573 
_pdbx_refine_tls.S[1][3]_esd      ? 
_pdbx_refine_tls.S[2][1]          -0.0039 
_pdbx_refine_tls.S[2][1]_esd      ? 
_pdbx_refine_tls.S[2][2]          0.0126 
_pdbx_refine_tls.S[2][2]_esd      ? 
_pdbx_refine_tls.S[2][3]          0.1697 
_pdbx_refine_tls.S[2][3]_esd      ? 
_pdbx_refine_tls.S[3][1]          -0.0177 
_pdbx_refine_tls.S[3][1]_esd      ? 
_pdbx_refine_tls.S[3][2]          -0.0521 
_pdbx_refine_tls.S[3][2]_esd      ? 
_pdbx_refine_tls.S[3][3]          -0.0651 
_pdbx_refine_tls.S[3][3]_esd      ? 
# 
loop_
_pdbx_refine_tls_group.id 
_pdbx_refine_tls_group.pdbx_refine_id 
_pdbx_refine_tls_group.refine_tls_id 
_pdbx_refine_tls_group.beg_label_asym_id 
_pdbx_refine_tls_group.beg_label_seq_id 
_pdbx_refine_tls_group.beg_auth_asym_id 
_pdbx_refine_tls_group.beg_auth_seq_id 
_pdbx_refine_tls_group.end_label_asym_id 
_pdbx_refine_tls_group.end_label_seq_id 
_pdbx_refine_tls_group.end_auth_asym_id 
_pdbx_refine_tls_group.end_auth_seq_id 
_pdbx_refine_tls_group.selection 
_pdbx_refine_tls_group.selection_details 
1 'X-RAY DIFFRACTION' 1 ? ? A 1   ? ? A 14  ? all 
2 'X-RAY DIFFRACTION' 1 ? ? B 1   ? ? B 14  ? all 
3 'X-RAY DIFFRACTION' 1 ? ? C 1   ? ? C 3   ? all 
4 'X-RAY DIFFRACTION' 1 ? ? D 1   ? ? D 1   ? all 
5 'X-RAY DIFFRACTION' 1 ? ? E 101 ? ? E 103 ? all 
6 'X-RAY DIFFRACTION' 1 ? ? S 1   ? ? S 68  ? all 
# 
_pdbx_entry_details.entry_id                 6JJF 
_pdbx_entry_details.has_ligand_of_interest   Y 
_pdbx_entry_details.compound_details         ? 
_pdbx_entry_details.source_details           ? 
_pdbx_entry_details.nonpolymer_details       ? 
_pdbx_entry_details.sequence_details         ? 
# 
_pdbx_distant_solvent_atoms.id                                1 
_pdbx_distant_solvent_atoms.PDB_model_num                     1 
_pdbx_distant_solvent_atoms.auth_atom_id                      O 
_pdbx_distant_solvent_atoms.label_alt_id                      ? 
_pdbx_distant_solvent_atoms.auth_asym_id                      A 
_pdbx_distant_solvent_atoms.auth_comp_id                      HOH 
_pdbx_distant_solvent_atoms.auth_seq_id                       244 
_pdbx_distant_solvent_atoms.PDB_ins_code                      ? 
_pdbx_distant_solvent_atoms.neighbor_macromolecule_distance   6.53 
_pdbx_distant_solvent_atoms.neighbor_ligand_distance          . 
# 
loop_
_chem_comp_atom.comp_id 
_chem_comp_atom.atom_id 
_chem_comp_atom.type_symbol 
_chem_comp_atom.pdbx_aromatic_flag 
_chem_comp_atom.pdbx_stereo_config 
_chem_comp_atom.pdbx_ordinal 
DA  OP3    O  N N 1   
DA  P      P  N N 2   
DA  OP1    O  N N 3   
DA  OP2    O  N N 4   
DA  "O5'"  O  N N 5   
DA  "C5'"  C  N N 6   
DA  "C4'"  C  N R 7   
DA  "O4'"  O  N N 8   
DA  "C3'"  C  N S 9   
DA  "O3'"  O  N N 10  
DA  "C2'"  C  N N 11  
DA  "C1'"  C  N R 12  
DA  N9     N  Y N 13  
DA  C8     C  Y N 14  
DA  N7     N  Y N 15  
DA  C5     C  Y N 16  
DA  C6     C  Y N 17  
DA  N6     N  N N 18  
DA  N1     N  Y N 19  
DA  C2     C  Y N 20  
DA  N3     N  Y N 21  
DA  C4     C  Y N 22  
DA  HOP3   H  N N 23  
DA  HOP2   H  N N 24  
DA  "H5'"  H  N N 25  
DA  "H5''" H  N N 26  
DA  "H4'"  H  N N 27  
DA  "H3'"  H  N N 28  
DA  "HO3'" H  N N 29  
DA  "H2'"  H  N N 30  
DA  "H2''" H  N N 31  
DA  "H1'"  H  N N 32  
DA  H8     H  N N 33  
DA  H61    H  N N 34  
DA  H62    H  N N 35  
DA  H2     H  N N 36  
DC  OP3    O  N N 37  
DC  P      P  N N 38  
DC  OP1    O  N N 39  
DC  OP2    O  N N 40  
DC  "O5'"  O  N N 41  
DC  "C5'"  C  N N 42  
DC  "C4'"  C  N R 43  
DC  "O4'"  O  N N 44  
DC  "C3'"  C  N S 45  
DC  "O3'"  O  N N 46  
DC  "C2'"  C  N N 47  
DC  "C1'"  C  N R 48  
DC  N1     N  N N 49  
DC  C2     C  N N 50  
DC  O2     O  N N 51  
DC  N3     N  N N 52  
DC  C4     C  N N 53  
DC  N4     N  N N 54  
DC  C5     C  N N 55  
DC  C6     C  N N 56  
DC  HOP3   H  N N 57  
DC  HOP2   H  N N 58  
DC  "H5'"  H  N N 59  
DC  "H5''" H  N N 60  
DC  "H4'"  H  N N 61  
DC  "H3'"  H  N N 62  
DC  "HO3'" H  N N 63  
DC  "H2'"  H  N N 64  
DC  "H2''" H  N N 65  
DC  "H1'"  H  N N 66  
DC  H41    H  N N 67  
DC  H42    H  N N 68  
DC  H5     H  N N 69  
DC  H6     H  N N 70  
DG  OP3    O  N N 71  
DG  P      P  N N 72  
DG  OP1    O  N N 73  
DG  OP2    O  N N 74  
DG  "O5'"  O  N N 75  
DG  "C5'"  C  N N 76  
DG  "C4'"  C  N R 77  
DG  "O4'"  O  N N 78  
DG  "C3'"  C  N S 79  
DG  "O3'"  O  N N 80  
DG  "C2'"  C  N N 81  
DG  "C1'"  C  N R 82  
DG  N9     N  Y N 83  
DG  C8     C  Y N 84  
DG  N7     N  Y N 85  
DG  C5     C  Y N 86  
DG  C6     C  N N 87  
DG  O6     O  N N 88  
DG  N1     N  N N 89  
DG  C2     C  N N 90  
DG  N2     N  N N 91  
DG  N3     N  N N 92  
DG  C4     C  Y N 93  
DG  HOP3   H  N N 94  
DG  HOP2   H  N N 95  
DG  "H5'"  H  N N 96  
DG  "H5''" H  N N 97  
DG  "H4'"  H  N N 98  
DG  "H3'"  H  N N 99  
DG  "HO3'" H  N N 100 
DG  "H2'"  H  N N 101 
DG  "H2''" H  N N 102 
DG  "H1'"  H  N N 103 
DG  H8     H  N N 104 
DG  H1     H  N N 105 
DG  H21    H  N N 106 
DG  H22    H  N N 107 
DT  OP3    O  N N 108 
DT  P      P  N N 109 
DT  OP1    O  N N 110 
DT  OP2    O  N N 111 
DT  "O5'"  O  N N 112 
DT  "C5'"  C  N N 113 
DT  "C4'"  C  N R 114 
DT  "O4'"  O  N N 115 
DT  "C3'"  C  N S 116 
DT  "O3'"  O  N N 117 
DT  "C2'"  C  N N 118 
DT  "C1'"  C  N R 119 
DT  N1     N  N N 120 
DT  C2     C  N N 121 
DT  O2     O  N N 122 
DT  N3     N  N N 123 
DT  C4     C  N N 124 
DT  O4     O  N N 125 
DT  C5     C  N N 126 
DT  C7     C  N N 127 
DT  C6     C  N N 128 
DT  HOP3   H  N N 129 
DT  HOP2   H  N N 130 
DT  "H5'"  H  N N 131 
DT  "H5''" H  N N 132 
DT  "H4'"  H  N N 133 
DT  "H3'"  H  N N 134 
DT  "HO3'" H  N N 135 
DT  "H2'"  H  N N 136 
DT  "H2''" H  N N 137 
DT  "H1'"  H  N N 138 
DT  H3     H  N N 139 
DT  H71    H  N N 140 
DT  H72    H  N N 141 
DT  H73    H  N N 142 
DT  H6     H  N N 143 
HOH O      O  N N 144 
HOH H1     H  N N 145 
HOH H2     H  N N 146 
K   K      K  N N 147 
NA  NA     NA N N 148 
NCO CO     CO N N 149 
NCO N1     N  N N 150 
NCO N2     N  N N 151 
NCO N3     N  N N 152 
NCO N4     N  N N 153 
NCO N5     N  N N 154 
NCO N6     N  N N 155 
NCO HN11   H  N N 156 
NCO HN12   H  N N 157 
NCO HN13   H  N N 158 
NCO HN21   H  N N 159 
NCO HN22   H  N N 160 
NCO HN23   H  N N 161 
NCO HN31   H  N N 162 
NCO HN32   H  N N 163 
NCO HN33   H  N N 164 
NCO HN41   H  N N 165 
NCO HN42   H  N N 166 
NCO HN43   H  N N 167 
NCO HN51   H  N N 168 
NCO HN52   H  N N 169 
NCO HN53   H  N N 170 
NCO HN61   H  N N 171 
NCO HN62   H  N N 172 
NCO HN63   H  N N 173 
# 
loop_
_chem_comp_bond.comp_id 
_chem_comp_bond.atom_id_1 
_chem_comp_bond.atom_id_2 
_chem_comp_bond.value_order 
_chem_comp_bond.pdbx_aromatic_flag 
_chem_comp_bond.pdbx_stereo_config 
_chem_comp_bond.pdbx_ordinal 
DA  OP3   P      sing N N 1   
DA  OP3   HOP3   sing N N 2   
DA  P     OP1    doub N N 3   
DA  P     OP2    sing N N 4   
DA  P     "O5'"  sing N N 5   
DA  OP2   HOP2   sing N N 6   
DA  "O5'" "C5'"  sing N N 7   
DA  "C5'" "C4'"  sing N N 8   
DA  "C5'" "H5'"  sing N N 9   
DA  "C5'" "H5''" sing N N 10  
DA  "C4'" "O4'"  sing N N 11  
DA  "C4'" "C3'"  sing N N 12  
DA  "C4'" "H4'"  sing N N 13  
DA  "O4'" "C1'"  sing N N 14  
DA  "C3'" "O3'"  sing N N 15  
DA  "C3'" "C2'"  sing N N 16  
DA  "C3'" "H3'"  sing N N 17  
DA  "O3'" "HO3'" sing N N 18  
DA  "C2'" "C1'"  sing N N 19  
DA  "C2'" "H2'"  sing N N 20  
DA  "C2'" "H2''" sing N N 21  
DA  "C1'" N9     sing N N 22  
DA  "C1'" "H1'"  sing N N 23  
DA  N9    C8     sing Y N 24  
DA  N9    C4     sing Y N 25  
DA  C8    N7     doub Y N 26  
DA  C8    H8     sing N N 27  
DA  N7    C5     sing Y N 28  
DA  C5    C6     sing Y N 29  
DA  C5    C4     doub Y N 30  
DA  C6    N6     sing N N 31  
DA  C6    N1     doub Y N 32  
DA  N6    H61    sing N N 33  
DA  N6    H62    sing N N 34  
DA  N1    C2     sing Y N 35  
DA  C2    N3     doub Y N 36  
DA  C2    H2     sing N N 37  
DA  N3    C4     sing Y N 38  
DC  OP3   P      sing N N 39  
DC  OP3   HOP3   sing N N 40  
DC  P     OP1    doub N N 41  
DC  P     OP2    sing N N 42  
DC  P     "O5'"  sing N N 43  
DC  OP2   HOP2   sing N N 44  
DC  "O5'" "C5'"  sing N N 45  
DC  "C5'" "C4'"  sing N N 46  
DC  "C5'" "H5'"  sing N N 47  
DC  "C5'" "H5''" sing N N 48  
DC  "C4'" "O4'"  sing N N 49  
DC  "C4'" "C3'"  sing N N 50  
DC  "C4'" "H4'"  sing N N 51  
DC  "O4'" "C1'"  sing N N 52  
DC  "C3'" "O3'"  sing N N 53  
DC  "C3'" "C2'"  sing N N 54  
DC  "C3'" "H3'"  sing N N 55  
DC  "O3'" "HO3'" sing N N 56  
DC  "C2'" "C1'"  sing N N 57  
DC  "C2'" "H2'"  sing N N 58  
DC  "C2'" "H2''" sing N N 59  
DC  "C1'" N1     sing N N 60  
DC  "C1'" "H1'"  sing N N 61  
DC  N1    C2     sing N N 62  
DC  N1    C6     sing N N 63  
DC  C2    O2     doub N N 64  
DC  C2    N3     sing N N 65  
DC  N3    C4     doub N N 66  
DC  C4    N4     sing N N 67  
DC  C4    C5     sing N N 68  
DC  N4    H41    sing N N 69  
DC  N4    H42    sing N N 70  
DC  C5    C6     doub N N 71  
DC  C5    H5     sing N N 72  
DC  C6    H6     sing N N 73  
DG  OP3   P      sing N N 74  
DG  OP3   HOP3   sing N N 75  
DG  P     OP1    doub N N 76  
DG  P     OP2    sing N N 77  
DG  P     "O5'"  sing N N 78  
DG  OP2   HOP2   sing N N 79  
DG  "O5'" "C5'"  sing N N 80  
DG  "C5'" "C4'"  sing N N 81  
DG  "C5'" "H5'"  sing N N 82  
DG  "C5'" "H5''" sing N N 83  
DG  "C4'" "O4'"  sing N N 84  
DG  "C4'" "C3'"  sing N N 85  
DG  "C4'" "H4'"  sing N N 86  
DG  "O4'" "C1'"  sing N N 87  
DG  "C3'" "O3'"  sing N N 88  
DG  "C3'" "C2'"  sing N N 89  
DG  "C3'" "H3'"  sing N N 90  
DG  "O3'" "HO3'" sing N N 91  
DG  "C2'" "C1'"  sing N N 92  
DG  "C2'" "H2'"  sing N N 93  
DG  "C2'" "H2''" sing N N 94  
DG  "C1'" N9     sing N N 95  
DG  "C1'" "H1'"  sing N N 96  
DG  N9    C8     sing Y N 97  
DG  N9    C4     sing Y N 98  
DG  C8    N7     doub Y N 99  
DG  C8    H8     sing N N 100 
DG  N7    C5     sing Y N 101 
DG  C5    C6     sing N N 102 
DG  C5    C4     doub Y N 103 
DG  C6    O6     doub N N 104 
DG  C6    N1     sing N N 105 
DG  N1    C2     sing N N 106 
DG  N1    H1     sing N N 107 
DG  C2    N2     sing N N 108 
DG  C2    N3     doub N N 109 
DG  N2    H21    sing N N 110 
DG  N2    H22    sing N N 111 
DG  N3    C4     sing N N 112 
DT  OP3   P      sing N N 113 
DT  OP3   HOP3   sing N N 114 
DT  P     OP1    doub N N 115 
DT  P     OP2    sing N N 116 
DT  P     "O5'"  sing N N 117 
DT  OP2   HOP2   sing N N 118 
DT  "O5'" "C5'"  sing N N 119 
DT  "C5'" "C4'"  sing N N 120 
DT  "C5'" "H5'"  sing N N 121 
DT  "C5'" "H5''" sing N N 122 
DT  "C4'" "O4'"  sing N N 123 
DT  "C4'" "C3'"  sing N N 124 
DT  "C4'" "H4'"  sing N N 125 
DT  "O4'" "C1'"  sing N N 126 
DT  "C3'" "O3'"  sing N N 127 
DT  "C3'" "C2'"  sing N N 128 
DT  "C3'" "H3'"  sing N N 129 
DT  "O3'" "HO3'" sing N N 130 
DT  "C2'" "C1'"  sing N N 131 
DT  "C2'" "H2'"  sing N N 132 
DT  "C2'" "H2''" sing N N 133 
DT  "C1'" N1     sing N N 134 
DT  "C1'" "H1'"  sing N N 135 
DT  N1    C2     sing N N 136 
DT  N1    C6     sing N N 137 
DT  C2    O2     doub N N 138 
DT  C2    N3     sing N N 139 
DT  N3    C4     sing N N 140 
DT  N3    H3     sing N N 141 
DT  C4    O4     doub N N 142 
DT  C4    C5     sing N N 143 
DT  C5    C7     sing N N 144 
DT  C5    C6     doub N N 145 
DT  C7    H71    sing N N 146 
DT  C7    H72    sing N N 147 
DT  C7    H73    sing N N 148 
DT  C6    H6     sing N N 149 
HOH O     H1     sing N N 150 
HOH O     H2     sing N N 151 
NCO CO    N1     sing N N 152 
NCO CO    N2     sing N N 153 
NCO CO    N3     sing N N 154 
NCO CO    N4     sing N N 155 
NCO CO    N5     sing N N 156 
NCO CO    N6     sing N N 157 
NCO N1    HN11   sing N N 158 
NCO N1    HN12   sing N N 159 
NCO N1    HN13   sing N N 160 
NCO N2    HN21   sing N N 161 
NCO N2    HN22   sing N N 162 
NCO N2    HN23   sing N N 163 
NCO N3    HN31   sing N N 164 
NCO N3    HN32   sing N N 165 
NCO N3    HN33   sing N N 166 
NCO N4    HN41   sing N N 167 
NCO N4    HN42   sing N N 168 
NCO N4    HN43   sing N N 169 
NCO N5    HN51   sing N N 170 
NCO N5    HN52   sing N N 171 
NCO N5    HN53   sing N N 172 
NCO N6    HN61   sing N N 173 
NCO N6    HN62   sing N N 174 
NCO N6    HN63   sing N N 175 
# 
loop_
_ndb_struct_conf_na.entry_id 
_ndb_struct_conf_na.feature 
6JJF 'double helix'     
6JJF 'parallel strands' 
6JJF 'hairpin loop'     
# 
loop_
_ndb_struct_na_base_pair.model_number 
_ndb_struct_na_base_pair.i_label_asym_id 
_ndb_struct_na_base_pair.i_label_comp_id 
_ndb_struct_na_base_pair.i_label_seq_id 
_ndb_struct_na_base_pair.i_symmetry 
_ndb_struct_na_base_pair.j_label_asym_id 
_ndb_struct_na_base_pair.j_label_comp_id 
_ndb_struct_na_base_pair.j_label_seq_id 
_ndb_struct_na_base_pair.j_symmetry 
_ndb_struct_na_base_pair.shear 
_ndb_struct_na_base_pair.stretch 
_ndb_struct_na_base_pair.stagger 
_ndb_struct_na_base_pair.buckle 
_ndb_struct_na_base_pair.propeller 
_ndb_struct_na_base_pair.opening 
_ndb_struct_na_base_pair.pair_number 
_ndb_struct_na_base_pair.pair_name 
_ndb_struct_na_base_pair.i_auth_asym_id 
_ndb_struct_na_base_pair.i_auth_seq_id 
_ndb_struct_na_base_pair.i_PDB_ins_code 
_ndb_struct_na_base_pair.j_auth_asym_id 
_ndb_struct_na_base_pair.j_auth_seq_id 
_ndb_struct_na_base_pair.j_PDB_ins_code 
_ndb_struct_na_base_pair.hbond_type_28 
_ndb_struct_na_base_pair.hbond_type_12 
1 A DC 5  1_555 B DC 5  1_555 -1.862 1.220  0.111  -3.189 10.961 -179.669 1 A_DC5:DC5_B   A 5  ? B 5  ? 15 2 
1 A DG 2  1_555 B DG 6  1_555 1.855  -3.321 -0.094 2.374  8.482  -89.497  2 A_DG2:DG6_B   A 2  ? B 6  ? 6  3 
1 A DG 10 1_555 B DG 13 1_555 1.643  -3.439 -0.146 5.030  -4.584 -91.831  3 A_DG10:DG13_B A 10 ? B 13 ? 6  3 
1 A DG 13 1_555 B DG 10 1_555 -1.656 3.428  0.108  -2.367 4.423  91.435   4 A_DG13:DG10_B A 13 ? B 10 ? 6  3 
1 B DG 12 1_555 B DG 9  1_555 1.568  -3.553 0.005  -1.734 1.964  -90.823  5 B_DG12:DG9_B  B 12 ? B 9  ? 6  3 
# 
loop_
_ndb_struct_na_base_pair_step.model_number 
_ndb_struct_na_base_pair_step.i_label_asym_id_1 
_ndb_struct_na_base_pair_step.i_label_comp_id_1 
_ndb_struct_na_base_pair_step.i_label_seq_id_1 
_ndb_struct_na_base_pair_step.i_symmetry_1 
_ndb_struct_na_base_pair_step.j_label_asym_id_1 
_ndb_struct_na_base_pair_step.j_label_comp_id_1 
_ndb_struct_na_base_pair_step.j_label_seq_id_1 
_ndb_struct_na_base_pair_step.j_symmetry_1 
_ndb_struct_na_base_pair_step.i_label_asym_id_2 
_ndb_struct_na_base_pair_step.i_label_comp_id_2 
_ndb_struct_na_base_pair_step.i_label_seq_id_2 
_ndb_struct_na_base_pair_step.i_symmetry_2 
_ndb_struct_na_base_pair_step.j_label_asym_id_2 
_ndb_struct_na_base_pair_step.j_label_comp_id_2 
_ndb_struct_na_base_pair_step.j_label_seq_id_2 
_ndb_struct_na_base_pair_step.j_symmetry_2 
_ndb_struct_na_base_pair_step.shift 
_ndb_struct_na_base_pair_step.slide 
_ndb_struct_na_base_pair_step.rise 
_ndb_struct_na_base_pair_step.tilt 
_ndb_struct_na_base_pair_step.roll 
_ndb_struct_na_base_pair_step.twist 
_ndb_struct_na_base_pair_step.x_displacement 
_ndb_struct_na_base_pair_step.y_displacement 
_ndb_struct_na_base_pair_step.helical_rise 
_ndb_struct_na_base_pair_step.inclination 
_ndb_struct_na_base_pair_step.tip 
_ndb_struct_na_base_pair_step.helical_twist 
_ndb_struct_na_base_pair_step.step_number 
_ndb_struct_na_base_pair_step.step_name 
_ndb_struct_na_base_pair_step.i_auth_asym_id_1 
_ndb_struct_na_base_pair_step.i_auth_seq_id_1 
_ndb_struct_na_base_pair_step.i_PDB_ins_code_1 
_ndb_struct_na_base_pair_step.j_auth_asym_id_1 
_ndb_struct_na_base_pair_step.j_auth_seq_id_1 
_ndb_struct_na_base_pair_step.j_PDB_ins_code_1 
_ndb_struct_na_base_pair_step.i_auth_asym_id_2 
_ndb_struct_na_base_pair_step.i_auth_seq_id_2 
_ndb_struct_na_base_pair_step.i_PDB_ins_code_2 
_ndb_struct_na_base_pair_step.j_auth_asym_id_2 
_ndb_struct_na_base_pair_step.j_auth_seq_id_2 
_ndb_struct_na_base_pair_step.j_PDB_ins_code_2 
1 A DC 5  1_555 B DC 5  1_555 A DG 2  1_555 B DG 6  1_555 -1.552 1.817  3.027  -3.328 -4.560 59.257  2.042 1.410 2.968  -4.601 
3.357  59.501  1 AA_DC5DG2:DG6DC5_BB     A 5  ? B 5  ? A 2  ? B 6  ? 
1 A DG 10 1_555 B DG 13 1_555 A DG 13 1_555 B DG 10 1_555 -1.692 3.580  -0.013 10.027 5.302  179.667 1.790 0.846 -0.013 2.651  
-5.013 179.668 2 AA_DG10DG13:DG10DG13_BB A 10 ? B 13 ? A 13 ? B 10 ? 
1 A DG 13 1_555 B DG 10 1_555 B DG 12 1_555 B DG 9  1_555 0.815  -1.444 3.496  -2.385 2.985  -53.993 1.388 0.737 3.596  -3.283 
-2.624 -54.117 3 AB_DG13DG12:DG9DG10_BB  A 13 ? B 10 ? B 12 ? B 9  ? 
# 
_pdbx_audit_support.funding_organization   'National Natural Science Foundation of China (NSFC)' 
_pdbx_audit_support.country                China 
_pdbx_audit_support.grant_number           31672558 
_pdbx_audit_support.ordinal                1 
# 
loop_
_pdbx_entity_instance_feature.ordinal 
_pdbx_entity_instance_feature.comp_id 
_pdbx_entity_instance_feature.asym_id 
_pdbx_entity_instance_feature.seq_num 
_pdbx_entity_instance_feature.auth_comp_id 
_pdbx_entity_instance_feature.auth_asym_id 
_pdbx_entity_instance_feature.auth_seq_num 
_pdbx_entity_instance_feature.feature_type 
_pdbx_entity_instance_feature.details 
1 NA  ? ? NA  ? ? 'SUBJECT OF INVESTIGATION' ? 
2 NCO ? ? NCO ? ? 'SUBJECT OF INVESTIGATION' ? 
3 K   ? ? K   ? ? 'SUBJECT OF INVESTIGATION' ? 
# 
_atom_sites.entry_id                    6JJF 
_atom_sites.Cartn_transf_matrix[1][1]   ? 
_atom_sites.Cartn_transf_matrix[1][2]   ? 
_atom_sites.Cartn_transf_matrix[1][3]   ? 
_atom_sites.Cartn_transf_matrix[2][1]   ? 
_atom_sites.Cartn_transf_matrix[2][2]   ? 
_atom_sites.Cartn_transf_matrix[2][3]   ? 
_atom_sites.Cartn_transf_matrix[3][1]   ? 
_atom_sites.Cartn_transf_matrix[3][2]   ? 
_atom_sites.Cartn_transf_matrix[3][3]   ? 
_atom_sites.Cartn_transf_vector[1]      ? 
_atom_sites.Cartn_transf_vector[2]      ? 
_atom_sites.Cartn_transf_vector[3]      ? 
_atom_sites.fract_transf_matrix[1][1]   0.00329683 
_atom_sites.fract_transf_matrix[1][2]   -0.01790014 
_atom_sites.fract_transf_matrix[1][3]   0.01479927 
_atom_sites.fract_transf_matrix[2][1]   0.01107493 
_atom_sites.fract_transf_matrix[2][2]   -0.01011918 
_atom_sites.fract_transf_matrix[2][3]   -0.01470660 
_atom_sites.fract_transf_matrix[3][1]   0.02356934 
_atom_sites.fract_transf_matrix[3][2]   0.00405337 
_atom_sites.fract_transf_matrix[3][3]   0.01496008 
_atom_sites.fract_transf_vector[1]      -0.139293 
_atom_sites.fract_transf_vector[2]      -0.160200 
_atom_sites.fract_transf_vector[3]      -0.224391 
_atom_sites.solution_primary            ? 
_atom_sites.solution_secondary          ? 
_atom_sites.solution_hydrogens          ? 
_atom_sites.special_details             ? 
# 
loop_
_atom_type.symbol 
C  
CO 
K  
N  
NA 
O  
P  
# 
loop_
_atom_site.group_PDB 
_atom_site.id 
_atom_site.type_symbol 
_atom_site.label_atom_id 
_atom_site.label_alt_id 
_atom_site.label_comp_id 
_atom_site.label_asym_id 
_atom_site.label_entity_id 
_atom_site.label_seq_id 
_atom_site.pdbx_PDB_ins_code 
_atom_site.Cartn_x 
_atom_site.Cartn_y 
_atom_site.Cartn_z 
_atom_site.occupancy 
_atom_site.B_iso_or_equiv 
_atom_site.pdbx_formal_charge 
_atom_site.auth_seq_id 
_atom_site.auth_comp_id 
_atom_site.auth_asym_id 
_atom_site.auth_atom_id 
_atom_site.pdbx_PDB_model_num 
ATOM   1   O  "O5'" . DG  A 1 1  ? 4.090   -4.224  -5.915  1.00 27.88 ? 1   DG  A "O5'" 1 
ATOM   2   C  "C5'" . DG  A 1 1  ? 4.320   -5.579  -5.574  1.00 26.98 ? 1   DG  A "C5'" 1 
ATOM   3   C  "C4'" . DG  A 1 1  ? 3.074   -6.414  -5.795  1.00 29.26 ? 1   DG  A "C4'" 1 
ATOM   4   O  "O4'" . DG  A 1 1  ? 2.084   -6.111  -4.787  1.00 27.28 ? 1   DG  A "O4'" 1 
ATOM   5   C  "C3'" . DG  A 1 1  ? 2.376   -6.217  -7.140  1.00 28.91 ? 1   DG  A "C3'" 1 
ATOM   6   O  "O3'" . DG  A 1 1  ? 1.869   -7.477  -7.572  1.00 31.36 ? 1   DG  A "O3'" 1 
ATOM   7   C  "C2'" . DG  A 1 1  ? 1.250   -5.231  -6.809  1.00 30.09 ? 1   DG  A "C2'" 1 
ATOM   8   C  "C1'" . DG  A 1 1  ? 0.871   -5.696  -5.409  1.00 28.47 ? 1   DG  A "C1'" 1 
ATOM   9   N  N9    . DG  A 1 1  ? 0.277   -4.691  -4.530  1.00 24.26 ? 1   DG  A N9    1 
ATOM   10  C  C8    . DG  A 1 1  ? -0.800  -4.878  -3.696  1.00 24.65 ? 1   DG  A C8    1 
ATOM   11  N  N7    . DG  A 1 1  ? -1.071  -3.844  -2.945  1.00 24.55 ? 1   DG  A N7    1 
ATOM   12  C  C5    . DG  A 1 1  ? -0.103  -2.908  -3.288  1.00 24.21 ? 1   DG  A C5    1 
ATOM   13  C  C6    . DG  A 1 1  ? 0.120   -1.589  -2.798  1.00 23.21 ? 1   DG  A C6    1 
ATOM   14  O  O6    . DG  A 1 1  ? -0.527  -0.964  -1.939  1.00 23.84 ? 1   DG  A O6    1 
ATOM   15  N  N1    . DG  A 1 1  ? 1.221   -0.989  -3.422  1.00 23.44 ? 1   DG  A N1    1 
ATOM   16  C  C2    . DG  A 1 1  ? 2.006   -1.588  -4.377  1.00 24.27 ? 1   DG  A C2    1 
ATOM   17  N  N2    . DG  A 1 1  ? 3.023   -0.855  -4.849  1.00 25.47 ? 1   DG  A N2    1 
ATOM   18  N  N3    . DG  A 1 1  ? 1.825   -2.818  -4.824  1.00 22.33 ? 1   DG  A N3    1 
ATOM   19  C  C4    . DG  A 1 1  ? 0.752   -3.420  -4.251  1.00 24.42 ? 1   DG  A C4    1 
ATOM   20  P  P     . DG  A 1 2  ? 1.230   -7.644  -9.031  1.00 34.98 ? 2   DG  A P     1 
ATOM   21  O  OP1   . DG  A 1 2  ? 1.295   -9.088  -9.323  1.00 37.65 ? 2   DG  A OP1   1 
ATOM   22  O  OP2   . DG  A 1 2  ? 1.796   -6.618  -9.939  1.00 36.11 ? 2   DG  A OP2   1 
ATOM   23  O  "O5'" . DG  A 1 2  ? -0.295  -7.275  -8.821  1.00 30.74 ? 2   DG  A "O5'" 1 
ATOM   24  C  "C5'" . DG  A 1 2  ? -1.118  -8.070  -7.998  1.00 29.98 ? 2   DG  A "C5'" 1 
ATOM   25  C  "C4'" . DG  A 1 2  ? -2.417  -7.348  -7.747  1.00 29.91 ? 2   DG  A "C4'" 1 
ATOM   26  O  "O4'" . DG  A 1 2  ? -2.162  -6.196  -6.895  1.00 28.24 ? 2   DG  A "O4'" 1 
ATOM   27  C  "C3'" . DG  A 1 2  ? -3.081  -6.787  -9.028  1.00 31.87 ? 2   DG  A "C3'" 1 
ATOM   28  O  "O3'" . DG  A 1 2  ? -4.450  -7.164  -9.099  1.00 36.39 ? 2   DG  A "O3'" 1 
ATOM   29  C  "C2'" . DG  A 1 2  ? -2.952  -5.278  -8.860  1.00 32.67 ? 2   DG  A "C2'" 1 
ATOM   30  C  "C1'" . DG  A 1 2  ? -2.985  -5.159  -7.348  1.00 28.39 ? 2   DG  A "C1'" 1 
ATOM   31  N  N9    . DG  A 1 2  ? -2.513  -3.870  -6.860  1.00 27.26 ? 2   DG  A N9    1 
ATOM   32  C  C8    . DG  A 1 2  ? -1.498  -3.113  -7.383  1.00 27.32 ? 2   DG  A C8    1 
ATOM   33  N  N7    . DG  A 1 2  ? -1.320  -1.992  -6.750  1.00 26.39 ? 2   DG  A N7    1 
ATOM   34  C  C5    . DG  A 1 2  ? -2.295  -1.989  -5.759  1.00 24.46 ? 2   DG  A C5    1 
ATOM   35  C  C6    . DG  A 1 2  ? -2.595  -1.016  -4.756  1.00 24.56 ? 2   DG  A C6    1 
ATOM   36  O  O6    . DG  A 1 2  ? -2.049  0.069   -4.553  1.00 25.81 ? 2   DG  A O6    1 
ATOM   37  N  N1    . DG  A 1 2  ? -3.657  -1.414  -3.943  1.00 23.04 ? 2   DG  A N1    1 
ATOM   38  C  C2    . DG  A 1 2  ? -4.345  -2.609  -4.086  1.00 26.30 ? 2   DG  A C2    1 
ATOM   39  N  N2    . DG  A 1 2  ? -5.342  -2.837  -3.215  1.00 27.72 ? 2   DG  A N2    1 
ATOM   40  N  N3    . DG  A 1 2  ? -4.069  -3.518  -5.020  1.00 26.70 ? 2   DG  A N3    1 
ATOM   41  C  C4    . DG  A 1 2  ? -3.037  -3.142  -5.816  1.00 26.09 ? 2   DG  A C4    1 
ATOM   42  P  P     . DC  A 1 3  ? -4.877  -8.622  -9.631  1.00 38.54 ? 3   DC  A P     1 
ATOM   43  O  OP1   . DC  A 1 3  ? -5.341  -9.371  -8.433  1.00 35.45 ? 3   DC  A OP1   1 
ATOM   44  O  OP2   . DC  A 1 3  ? -3.814  -9.155  -10.504 1.00 37.92 ? 3   DC  A OP2   1 
ATOM   45  O  "O5'" . DC  A 1 3  ? -6.141  -8.328  -10.543 1.00 35.01 ? 3   DC  A "O5'" 1 
ATOM   46  C  "C5'" . DC  A 1 3  ? -6.058  -7.399  -11.602 1.00 34.89 ? 3   DC  A "C5'" 1 
ATOM   47  C  "C4'" . DC  A 1 3  ? -7.162  -6.371  -11.497 1.00 30.33 ? 3   DC  A "C4'" 1 
ATOM   48  O  "O4'" . DC  A 1 3  ? -8.454  -7.012  -11.680 1.00 35.74 ? 3   DC  A "O4'" 1 
ATOM   49  C  "C3'" . DC  A 1 3  ? -7.234  -5.650  -10.159 1.00 31.69 ? 3   DC  A "C3'" 1 
ATOM   50  O  "O3'" . DC  A 1 3  ? -7.587  -4.299  -10.382 1.00 35.14 ? 3   DC  A "O3'" 1 
ATOM   51  C  "C2'" . DC  A 1 3  ? -8.338  -6.416  -9.411  1.00 31.41 ? 3   DC  A "C2'" 1 
ATOM   52  C  "C1'" . DC  A 1 3  ? -9.279  -6.792  -10.551 1.00 33.99 ? 3   DC  A "C1'" 1 
ATOM   53  N  N1    . DC  A 1 3  ? -10.078 -8.055  -10.307 1.00 35.51 ? 3   DC  A N1    1 
ATOM   54  C  C2    . DC  A 1 3  ? -11.477 -8.044  -10.428 1.00 35.57 ? 3   DC  A C2    1 
ATOM   55  O  O2    . DC  A 1 3  ? -12.056 -6.990  -10.716 1.00 41.17 ? 3   DC  A O2    1 
ATOM   56  N  N3    . DC  A 1 3  ? -12.163 -9.191  -10.216 1.00 36.57 ? 3   DC  A N3    1 
ATOM   57  C  C4    . DC  A 1 3  ? -11.514 -10.313 -9.902  1.00 31.08 ? 3   DC  A C4    1 
ATOM   58  N  N4    . DC  A 1 3  ? -12.242 -11.423 -9.705  1.00 34.28 ? 3   DC  A N4    1 
ATOM   59  C  C5    . DC  A 1 3  ? -10.096 -10.353 -9.785  1.00 34.16 ? 3   DC  A C5    1 
ATOM   60  C  C6    . DC  A 1 3  ? -9.426  -9.215  -9.991  1.00 38.37 ? 3   DC  A C6    1 
ATOM   61  P  P     . DT  A 1 4  ? -7.486  -3.231  -9.191  1.00 37.15 ? 4   DT  A P     1 
ATOM   62  O  OP1   . DT  A 1 4  ? -7.306  -1.892  -9.795  1.00 41.12 ? 4   DT  A OP1   1 
ATOM   63  O  OP2   . DT  A 1 4  ? -6.520  -3.739  -8.196  1.00 35.24 ? 4   DT  A OP2   1 
ATOM   64  O  "O5'" . DT  A 1 4  ? -8.933  -3.253  -8.534  1.00 33.67 ? 4   DT  A "O5'" 1 
ATOM   65  C  "C5'" . DT  A 1 4  ? -10.020 -2.750  -9.261  1.00 31.02 ? 4   DT  A "C5'" 1 
ATOM   66  C  "C4'" . DT  A 1 4  ? -11.319 -3.051  -8.567  1.00 33.73 ? 4   DT  A "C4'" 1 
ATOM   67  O  "O4'" . DT  A 1 4  ? -11.555 -4.480  -8.559  1.00 37.89 ? 4   DT  A "O4'" 1 
ATOM   68  C  "C3'" . DT  A 1 4  ? -11.410 -2.611  -7.109  1.00 31.47 ? 4   DT  A "C3'" 1 
ATOM   69  O  "O3'" . DT  A 1 4  ? -12.672 -2.032  -6.900  1.00 37.80 ? 4   DT  A "O3'" 1 
ATOM   70  C  "C2'" . DT  A 1 4  ? -11.303 -3.933  -6.358  1.00 34.24 ? 4   DT  A "C2'" 1 
ATOM   71  C  "C1'" . DT  A 1 4  ? -12.077 -4.809  -7.308  1.00 35.27 ? 4   DT  A "C1'" 1 
ATOM   72  N  N1    . DT  A 1 4  ? -11.958 -6.287  -7.078  1.00 29.92 ? 4   DT  A N1    1 
ATOM   73  C  C2    . DT  A 1 4  ? -13.104 -7.047  -7.137  1.00 29.93 ? 4   DT  A C2    1 
ATOM   74  O  O2    . DT  A 1 4  ? -14.200 -6.578  -7.372  1.00 36.02 ? 4   DT  A O2    1 
ATOM   75  N  N3    . DT  A 1 4  ? -12.924 -8.378  -6.929  1.00 30.74 ? 4   DT  A N3    1 
ATOM   76  C  C4    . DT  A 1 4  ? -11.734 -9.024  -6.645  1.00 31.43 ? 4   DT  A C4    1 
ATOM   77  O  O4    . DT  A 1 4  ? -11.684 -10.241 -6.474  1.00 36.56 ? 4   DT  A O4    1 
ATOM   78  C  C5    . DT  A 1 4  ? -10.566 -8.175  -6.588  1.00 28.79 ? 4   DT  A C5    1 
ATOM   79  C  C7    . DT  A 1 4  ? -9.221  -8.764  -6.301  1.00 32.91 ? 4   DT  A C7    1 
ATOM   80  C  C6    . DT  A 1 4  ? -10.727 -6.859  -6.806  1.00 31.21 ? 4   DT  A C6    1 
ATOM   81  P  P     . DC  A 1 5  ? -12.798 -0.492  -6.466  1.00 38.60 ? 5   DC  A P     1 
ATOM   82  O  OP1   . DC  A 1 5  ? -14.248 -0.204  -6.409  1.00 39.15 ? 5   DC  A OP1   1 
ATOM   83  O  OP2   . DC  A 1 5  ? -11.867 0.305   -7.294  1.00 37.45 ? 5   DC  A OP2   1 
ATOM   84  O  "O5'" . DC  A 1 5  ? -12.197 -0.454  -4.998  1.00 36.87 ? 5   DC  A "O5'" 1 
ATOM   85  C  "C5'" . DC  A 1 5  ? -12.872 -1.081  -3.941  1.00 36.43 ? 5   DC  A "C5'" 1 
ATOM   86  C  "C4'" . DC  A 1 5  ? -12.280 -0.646  -2.624  1.00 30.86 ? 5   DC  A "C4'" 1 
ATOM   87  O  "O4'" . DC  A 1 5  ? -10.922 -1.142  -2.518  1.00 32.73 ? 5   DC  A "O4'" 1 
ATOM   88  C  "C3'" . DC  A 1 5  ? -12.187 0.860   -2.428  1.00 29.50 ? 5   DC  A "C3'" 1 
ATOM   89  O  "O3'" . DC  A 1 5  ? -12.371 1.170   -1.049  1.00 34.59 ? 5   DC  A "O3'" 1 
ATOM   90  C  "C2'" . DC  A 1 5  ? -10.774 1.193   -2.915  1.00 29.42 ? 5   DC  A "C2'" 1 
ATOM   91  C  "C1'" . DC  A 1 5  ? -9.989  -0.081  -2.598  1.00 32.20 ? 5   DC  A "C1'" 1 
ATOM   92  N  N1    . DC  A 1 5  ? -8.945  -0.434  -3.646  1.00 28.81 ? 5   DC  A N1    1 
ATOM   93  C  C2    . DC  A 1 5  ? -7.868  0.419   -3.860  1.00 28.08 ? 5   DC  A C2    1 
ATOM   94  O  O2    . DC  A 1 5  ? -7.783  1.453   -3.192  1.00 29.53 ? 5   DC  A O2    1 
ATOM   95  N  N3    . DC  A 1 5  ? -6.942  0.090   -4.801  1.00 28.14 ? 5   DC  A N3    1 
ATOM   96  C  C4    . DC  A 1 5  ? -7.068  -1.035  -5.512  1.00 28.53 ? 5   DC  A C4    1 
ATOM   97  N  N4    . DC  A 1 5  ? -6.133  -1.305  -6.435  1.00 30.07 ? 5   DC  A N4    1 
ATOM   98  C  C5    . DC  A 1 5  ? -8.163  -1.920  -5.311  1.00 31.18 ? 5   DC  A C5    1 
ATOM   99  C  C6    . DC  A 1 5  ? -9.072  -1.583  -4.378  1.00 30.72 ? 5   DC  A C6    1 
ATOM   100 P  P     . DG  A 1 6  ? -12.288 2.690   -0.530  1.00 35.85 ? 6   DG  A P     1 
ATOM   101 O  OP1   . DG  A 1 6  ? -13.258 2.799   0.579   1.00 37.03 ? 6   DG  A OP1   1 
ATOM   102 O  OP2   . DG  A 1 6  ? -12.447 3.582   -1.709  1.00 37.77 ? 6   DG  A OP2   1 
ATOM   103 O  "O5'" . DG  A 1 6  ? -10.782 2.826   0.020   1.00 32.76 ? 6   DG  A "O5'" 1 
ATOM   104 C  "C5'" . DG  A 1 6  ? -10.422 2.448   1.370   1.00 32.68 ? 6   DG  A "C5'" 1 
ATOM   105 C  "C4'" . DG  A 1 6  ? -10.708 0.981   1.644   1.00 30.36 ? 6   DG  A "C4'" 1 
ATOM   106 O  "O4'" . DG  A 1 6  ? -10.011 0.144   0.691   1.00 29.34 ? 6   DG  A "O4'" 1 
ATOM   107 C  "C3'" . DG  A 1 6  ? -10.247 0.475   2.999   1.00 31.83 ? 6   DG  A "C3'" 1 
ATOM   108 O  "O3'" . DG  A 1 6  ? -11.010 -0.673  3.336   1.00 32.34 ? 6   DG  A "O3'" 1 
ATOM   109 C  "C2'" . DG  A 1 6  ? -8.790  0.115   2.706   1.00 29.20 ? 6   DG  A "C2'" 1 
ATOM   110 C  "C1'" . DG  A 1 6  ? -8.938  -0.539  1.339   1.00 31.22 ? 6   DG  A "C1'" 1 
ATOM   111 N  N9    . DG  A 1 6  ? -7.775  -0.472  0.446   1.00 29.22 ? 6   DG  A N9    1 
ATOM   112 C  C8    . DG  A 1 6  ? -7.326  -1.487  -0.365  1.00 28.68 ? 6   DG  A C8    1 
ATOM   113 N  N7    . DG  A 1 6  ? -6.323  -1.156  -1.123  1.00 26.96 ? 6   DG  A N7    1 
ATOM   114 C  C5    . DG  A 1 6  ? -6.103  0.180   -0.826  1.00 25.54 ? 6   DG  A C5    1 
ATOM   115 C  C6    . DG  A 1 6  ? -5.140  1.076   -1.346  1.00 24.03 ? 6   DG  A C6    1 
ATOM   116 O  O6    . DG  A 1 6  ? -4.279  0.852   -2.206  1.00 26.06 ? 6   DG  A O6    1 
ATOM   117 N  N1    . DG  A 1 6  ? -5.249  2.338   -0.772  1.00 26.09 ? 6   DG  A N1    1 
ATOM   118 C  C2    . DG  A 1 6  ? -6.181  2.696   0.165   1.00 25.98 ? 6   DG  A C2    1 
ATOM   119 N  N2    . DG  A 1 6  ? -6.131  3.958   0.593   1.00 28.49 ? 6   DG  A N2    1 
ATOM   120 N  N3    . DG  A 1 6  ? -7.087  1.868   0.665   1.00 27.98 ? 6   DG  A N3    1 
ATOM   121 C  C4    . DG  A 1 6  ? -6.994  0.630   0.128   1.00 26.15 ? 6   DG  A C4    1 
ATOM   122 P  P     . DG  A 1 7  ? -10.917 -1.338  4.793   1.00 34.06 ? 7   DG  A P     1 
ATOM   123 O  OP1   . DG  A 1 7  ? -12.106 -2.191  4.959   1.00 38.90 ? 7   DG  A OP1   1 
ATOM   124 O  OP2   . DG  A 1 7  ? -10.573 -0.322  5.783   1.00 33.77 ? 7   DG  A OP2   1 
ATOM   125 O  "O5'" . DG  A 1 7  ? -9.617  -2.260  4.716   1.00 28.36 ? 7   DG  A "O5'" 1 
ATOM   126 C  "C5'" . DG  A 1 7  ? -9.606  -3.408  3.906   1.00 26.84 ? 7   DG  A "C5'" 1 
ATOM   127 C  "C4'" . DG  A 1 7  ? -8.185  -3.878  3.748   1.00 28.94 ? 7   DG  A "C4'" 1 
ATOM   128 O  "O4'" . DG  A 1 7  ? -7.475  -2.960  2.867   1.00 28.65 ? 7   DG  A "O4'" 1 
ATOM   129 C  "C3'" . DG  A 1 7  ? -7.378  -3.898  5.067   1.00 25.37 ? 7   DG  A "C3'" 1 
ATOM   130 O  "O3'" . DG  A 1 7  ? -6.838  -5.207  5.329   1.00 25.76 ? 7   DG  A "O3'" 1 
ATOM   131 C  "C2'" . DG  A 1 7  ? -6.259  -2.887  4.814   1.00 24.64 ? 7   DG  A "C2'" 1 
ATOM   132 C  "C1'" . DG  A 1 7  ? -6.160  -2.950  3.305   1.00 26.43 ? 7   DG  A "C1'" 1 
ATOM   133 N  N9    . DG  A 1 7  ? -5.365  -1.868  2.738   1.00 22.96 ? 7   DG  A N9    1 
ATOM   134 C  C8    . DG  A 1 7  ? -5.202  -0.602  3.244   1.00 25.63 ? 7   DG  A C8    1 
ATOM   135 N  N7    . DG  A 1 7  ? -4.330  0.113   2.576   1.00 26.57 ? 7   DG  A N7    1 
ATOM   136 C  C5    . DG  A 1 7  ? -3.862  -0.753  1.597   1.00 24.07 ? 7   DG  A C5    1 
ATOM   137 C  C6    . DG  A 1 7  ? -2.893  -0.550  0.589   1.00 24.15 ? 7   DG  A C6    1 
ATOM   138 O  O6    . DG  A 1 7  ? -2.243  0.478   0.343   1.00 25.56 ? 7   DG  A O6    1 
ATOM   139 N  N1    . DG  A 1 7  ? -2.724  -1.686  -0.199  1.00 22.69 ? 7   DG  A N1    1 
ATOM   140 C  C2    . DG  A 1 7  ? -3.393  -2.872  -0.030  1.00 24.80 ? 7   DG  A C2    1 
ATOM   141 N  N2    . DG  A 1 7  ? -3.079  -3.857  -0.887  1.00 23.90 ? 7   DG  A N2    1 
ATOM   142 N  N3    . DG  A 1 7  ? -4.304  -3.076  0.910   1.00 22.71 ? 7   DG  A N3    1 
ATOM   143 C  C4    . DG  A 1 7  ? -4.479  -1.978  1.691   1.00 22.63 ? 7   DG  A C4    1 
ATOM   144 P  P     . DC  A 1 8  ? -7.718  -6.278  6.136   1.00 26.50 ? 8   DC  A P     1 
ATOM   145 O  OP1   . DC  A 1 8  ? -9.004  -6.416  5.421   1.00 30.17 ? 8   DC  A OP1   1 
ATOM   146 O  OP2   . DC  A 1 8  ? -7.681  -5.894  7.557   1.00 29.67 ? 8   DC  A OP2   1 
ATOM   147 O  "O5'" . DC  A 1 8  ? -6.940  -7.646  5.912   1.00 26.11 ? 8   DC  A "O5'" 1 
ATOM   148 C  "C5'" . DC  A 1 8  ? -5.734  -7.954  6.588   1.00 25.25 ? 8   DC  A "C5'" 1 
ATOM   149 C  "C4'" . DC  A 1 8  ? -5.292  -9.364  6.208   1.00 27.26 ? 8   DC  A "C4'" 1 
ATOM   150 O  "O4'" . DC  A 1 8  ? -6.316  -10.312 6.622   1.00 32.65 ? 8   DC  A "O4'" 1 
ATOM   151 C  "C3'" . DC  A 1 8  ? -5.109  -9.600  4.707   1.00 26.65 ? 8   DC  A "C3'" 1 
ATOM   152 O  "O3'" . DC  A 1 8  ? -4.134  -10.630 4.500   1.00 28.92 ? 8   DC  A "O3'" 1 
ATOM   153 C  "C2'" . DC  A 1 8  ? -6.487  -10.109 4.308   1.00 25.76 ? 8   DC  A "C2'" 1 
ATOM   154 C  "C1'" . DC  A 1 8  ? -6.788  -11.012 5.491   1.00 29.77 ? 8   DC  A "C1'" 1 
ATOM   155 N  N1    . DC  A 1 8  ? -8.222  -11.305 5.663   1.00 31.12 ? 8   DC  A N1    1 
ATOM   156 C  C2    . DC  A 1 8  ? -8.724  -12.514 5.200   1.00 31.75 ? 8   DC  A C2    1 
ATOM   157 O  O2    . DC  A 1 8  ? -7.954  -13.308 4.657   1.00 38.06 ? 8   DC  A O2    1 
ATOM   158 N  N3    . DC  A 1 8  ? -10.043 -12.784 5.339   1.00 32.01 ? 8   DC  A N3    1 
ATOM   159 C  C4    . DC  A 1 8  ? -10.838 -11.900 5.927   1.00 28.89 ? 8   DC  A C4    1 
ATOM   160 N  N4    . DC  A 1 8  ? -12.129 -12.215 6.042   1.00 31.04 ? 8   DC  A N4    1 
ATOM   161 C  C5    . DC  A 1 8  ? -10.344 -10.650 6.408   1.00 30.29 ? 8   DC  A C5    1 
ATOM   162 C  C6    . DC  A 1 8  ? -9.039  -10.399 6.257   1.00 30.16 ? 8   DC  A C6    1 
ATOM   163 P  P     . DG  A 1 9  ? -2.617  -10.304 4.075   1.00 28.22 ? 9   DG  A P     1 
ATOM   164 O  OP1   . DG  A 1 9  ? -2.044  -11.601 3.654   1.00 27.98 ? 9   DG  A OP1   1 
ATOM   165 O  OP2   . DG  A 1 9  ? -1.933  -9.544  5.133   1.00 30.18 ? 9   DG  A OP2   1 
ATOM   166 O  "O5'" . DG  A 1 9  ? -2.754  -9.289  2.861   1.00 25.30 ? 9   DG  A "O5'" 1 
ATOM   167 C  "C5'" . DG  A 1 9  ? -3.400  -9.692  1.667   1.00 27.27 ? 9   DG  A "C5'" 1 
ATOM   168 C  "C4'" . DG  A 1 9  ? -2.521  -9.383  0.476   1.00 27.04 ? 9   DG  A "C4'" 1 
ATOM   169 O  "O4'" . DG  A 1 9  ? -2.522  -7.949  0.251   1.00 26.33 ? 9   DG  A "O4'" 1 
ATOM   170 C  "C3'" . DG  A 1 9  ? -1.060  -9.790  0.664   1.00 27.29 ? 9   DG  A "C3'" 1 
ATOM   171 O  "O3'" . DG  A 1 9  ? -0.550  -10.422 -0.481  1.00 32.76 ? 9   DG  A "O3'" 1 
ATOM   172 C  "C2'" . DG  A 1 9  ? -0.364  -8.470  0.912   1.00 28.43 ? 9   DG  A "C2'" 1 
ATOM   173 C  "C1'" . DG  A 1 9  ? -1.200  -7.513  0.088   1.00 26.79 ? 9   DG  A "C1'" 1 
ATOM   174 N  N9    . DG  A 1 9  ? -1.053  -6.154  0.588   1.00 24.23 ? 9   DG  A N9    1 
ATOM   175 C  C8    . DG  A 1 9  ? -1.725  -5.568  1.622   1.00 25.51 ? 9   DG  A C8    1 
ATOM   176 N  N7    . DG  A 1 9  ? -1.308  -4.361  1.895   1.00 21.53 ? 9   DG  A N7    1 
ATOM   177 C  C5    . DG  A 1 9  ? -0.272  -4.150  0.997   1.00 23.56 ? 9   DG  A C5    1 
ATOM   178 C  C6    . DG  A 1 9  ? 0.578   -3.029  0.822   1.00 24.01 ? 9   DG  A C6    1 
ATOM   179 O  O6    . DG  A 1 9  ? 0.575   -1.952  1.449   1.00 21.46 ? 9   DG  A O6    1 
ATOM   180 N  N1    . DG  A 1 9  ? 1.510   -3.244  -0.200  1.00 23.31 ? 9   DG  A N1    1 
ATOM   181 C  C2    . DG  A 1 9  ? 1.609   -4.398  -0.948  1.00 22.78 ? 9   DG  A C2    1 
ATOM   182 N  N2    . DG  A 1 9  ? 2.578   -4.422  -1.884  1.00 22.24 ? 9   DG  A N2    1 
ATOM   183 N  N3    . DG  A 1 9  ? 0.815   -5.457  -0.783  1.00 25.45 ? 9   DG  A N3    1 
ATOM   184 C  C4    . DG  A 1 9  ? -0.087  -5.264  0.206   1.00 23.28 ? 9   DG  A C4    1 
ATOM   185 P  P     . DG  A 1 10 ? 0.965   -10.966 -0.479  1.00 34.01 ? 10  DG  A P     1 
ATOM   186 O  OP1   . DG  A 1 10 ? 1.055   -11.997 -1.522  1.00 35.17 ? 10  DG  A OP1   1 
ATOM   187 O  OP2   . DG  A 1 10 ? 1.386   -11.269 0.914   1.00 34.25 ? 10  DG  A OP2   1 
ATOM   188 O  "O5'" . DG  A 1 10 ? 1.827   -9.690  -0.917  1.00 33.67 ? 10  DG  A "O5'" 1 
ATOM   189 C  "C5'" . DG  A 1 10 ? 1.773   -9.188  -2.249  1.00 27.02 ? 10  DG  A "C5'" 1 
ATOM   190 C  "C4'" . DG  A 1 10 ? 3.153   -8.719  -2.698  1.00 26.73 ? 10  DG  A "C4'" 1 
ATOM   191 O  "O4'" . DG  A 1 10 ? 3.474   -7.452  -2.095  1.00 27.30 ? 10  DG  A "O4'" 1 
ATOM   192 C  "C3'" . DG  A 1 10 ? 4.303   -9.620  -2.320  1.00 29.45 ? 10  DG  A "C3'" 1 
ATOM   193 O  "O3'" . DG  A 1 10 ? 5.348   -9.403  -3.247  1.00 33.56 ? 10  DG  A "O3'" 1 
ATOM   194 C  "C2'" . DG  A 1 10 ? 4.679   -9.094  -0.926  1.00 31.00 ? 10  DG  A "C2'" 1 
ATOM   195 C  "C1'" . DG  A 1 10 ? 4.550   -7.602  -1.168  1.00 28.83 ? 10  DG  A "C1'" 1 
ATOM   196 N  N9    . DG  A 1 10 ? 4.180   -6.767  -0.035  1.00 25.11 ? 10  DG  A N9    1 
ATOM   197 C  C8    . DG  A 1 10 ? 3.100   -6.930  0.796   1.00 24.35 ? 10  DG  A C8    1 
ATOM   198 N  N7    . DG  A 1 10 ? 2.947   -5.945  1.648   1.00 24.07 ? 10  DG  A N7    1 
ATOM   199 C  C5    . DG  A 1 10 ? 3.965   -5.051  1.318   1.00 22.65 ? 10  DG  A C5    1 
ATOM   200 C  C6    . DG  A 1 10 ? 4.298   -3.792  1.873   1.00 24.81 ? 10  DG  A C6    1 
ATOM   201 O  O6    . DG  A 1 10 ? 3.734   -3.180  2.809   1.00 24.72 ? 10  DG  A O6    1 
ATOM   202 N  N1    . DG  A 1 10 ? 5.403   -3.227  1.233   1.00 24.26 ? 10  DG  A N1    1 
ATOM   203 C  C2    . DG  A 1 10 ? 6.097   -3.819  0.191   1.00 21.40 ? 10  DG  A C2    1 
ATOM   204 N  N2    . DG  A 1 10 ? 7.150   -3.135  -0.294  1.00 23.49 ? 10  DG  A N2    1 
ATOM   205 N  N3    . DG  A 1 10 ? 5.785   -4.978  -0.331  1.00 24.57 ? 10  DG  A N3    1 
ATOM   206 C  C4    . DG  A 1 10 ? 4.720   -5.542  0.274   1.00 23.49 ? 10  DG  A C4    1 
ATOM   207 P  P     . DC  A 1 11 ? 5.522   -10.384 -4.499  1.00 40.16 ? 11  DC  A P     1 
ATOM   208 O  OP1   . DC  A 1 11 ? 4.258   -10.362 -5.279  1.00 37.34 ? 11  DC  A OP1   1 
ATOM   209 O  OP2   . DC  A 1 11 ? 6.056   -11.677 -4.001  1.00 42.94 ? 11  DC  A OP2   1 
ATOM   210 O  "O5'" . DC  A 1 11 ? 6.654   -9.668  -5.361  1.00 39.82 ? 11  DC  A "O5'" 1 
ATOM   211 C  "C5'" . DC  A 1 11 ? 8.022   -9.646  -4.913  1.00 45.54 ? 11  DC  A "C5'" 1 
ATOM   212 C  "C4'" . DC  A 1 11 ? 8.878   -8.875  -5.891  1.00 53.55 ? 11  DC  A "C4'" 1 
ATOM   213 O  "O4'" . DC  A 1 11 ? 8.998   -9.628  -7.120  1.00 57.82 ? 11  DC  A "O4'" 1 
ATOM   214 C  "C3'" . DC  A 1 11 ? 8.315   -7.513  -6.291  1.00 58.95 ? 11  DC  A "C3'" 1 
ATOM   215 O  "O3'" . DC  A 1 11 ? 9.379   -6.587  -6.538  1.00 68.35 ? 11  DC  A "O3'" 1 
ATOM   216 C  "C2'" . DC  A 1 11 ? 7.559   -7.817  -7.571  1.00 67.09 ? 11  DC  A "C2'" 1 
ATOM   217 C  "C1'" . DC  A 1 11 ? 8.399   -8.919  -8.198  1.00 71.27 ? 11  DC  A "C1'" 1 
ATOM   218 N  N1    . DC  A 1 11 ? 7.626   -9.882  -8.995  1.00 87.36 ? 11  DC  A N1    1 
ATOM   219 C  C2    . DC  A 1 11 ? 8.016   -10.132 -10.313 1.00 90.21 ? 11  DC  A C2    1 
ATOM   220 O  O2    . DC  A 1 11 ? 9.003   -9.535  -10.769 1.00 91.76 ? 11  DC  A O2    1 
ATOM   221 N  N3    . DC  A 1 11 ? 7.312   -11.017 -11.054 1.00 88.43 ? 11  DC  A N3    1 
ATOM   222 C  C4    . DC  A 1 11 ? 6.256   -11.640 -10.525 1.00 83.11 ? 11  DC  A C4    1 
ATOM   223 N  N4    . DC  A 1 11 ? 5.589   -12.504 -11.293 1.00 84.44 ? 11  DC  A N4    1 
ATOM   224 C  C5    . DC  A 1 11 ? 5.836   -11.402 -9.184  1.00 79.72 ? 11  DC  A C5    1 
ATOM   225 C  C6    . DC  A 1 11 ? 6.544   -10.524 -8.462  1.00 87.92 ? 11  DC  A C6    1 
ATOM   226 P  P     . DG  A 1 12 ? 9.712   -5.450  -5.463  1.00 68.43 ? 12  DG  A P     1 
ATOM   227 O  OP1   . DG  A 1 12 ? 10.888  -4.686  -5.944  1.00 71.84 ? 12  DG  A OP1   1 
ATOM   228 O  OP2   . DG  A 1 12 ? 9.774   -6.082  -4.119  1.00 66.79 ? 12  DG  A OP2   1 
ATOM   229 O  "O5'" . DG  A 1 12 ? 8.433   -4.490  -5.537  1.00 48.93 ? 12  DG  A "O5'" 1 
ATOM   230 C  "C5'" . DG  A 1 12 ? 8.281   -3.623  -6.628  1.00 35.59 ? 12  DG  A "C5'" 1 
ATOM   231 C  "C4'" . DG  A 1 12 ? 8.346   -2.184  -6.165  1.00 25.66 ? 12  DG  A "C4'" 1 
ATOM   232 O  "O4'" . DG  A 1 12 ? 7.113   -1.855  -5.505  1.00 26.97 ? 12  DG  A "O4'" 1 
ATOM   233 C  "C3'" . DG  A 1 12 ? 9.457   -1.861  -5.166  1.00 28.74 ? 12  DG  A "C3'" 1 
ATOM   234 O  "O3'" . DG  A 1 12 ? 10.018  -0.606  -5.487  1.00 33.80 ? 12  DG  A "O3'" 1 
ATOM   235 C  "C2'" . DG  A 1 12 ? 8.712   -1.796  -3.837  1.00 30.43 ? 12  DG  A "C2'" 1 
ATOM   236 C  "C1'" . DG  A 1 12 ? 7.404   -1.198  -4.306  1.00 27.84 ? 12  DG  A "C1'" 1 
ATOM   237 N  N9    . DG  A 1 12 ? 6.290   -1.394  -3.393  1.00 23.07 ? 12  DG  A N9    1 
ATOM   238 C  C8    . DG  A 1 12 ? 5.525   -2.527  -3.235  1.00 25.24 ? 12  DG  A C8    1 
ATOM   239 N  N7    . DG  A 1 12 ? 4.574   -2.390  -2.346  1.00 23.95 ? 12  DG  A N7    1 
ATOM   240 C  C5    . DG  A 1 12 ? 4.723   -1.083  -1.891  1.00 23.26 ? 12  DG  A C5    1 
ATOM   241 C  C6    . DG  A 1 12 ? 3.991   -0.361  -0.915  1.00 24.22 ? 12  DG  A C6    1 
ATOM   242 O  O6    . DG  A 1 12 ? 3.013   -0.743  -0.235  1.00 22.73 ? 12  DG  A O6    1 
ATOM   243 N  N1    . DG  A 1 12 ? 4.472   0.939   -0.769  1.00 21.57 ? 12  DG  A N1    1 
ATOM   244 C  C2    . DG  A 1 12 ? 5.525   1.471   -1.463  1.00 24.13 ? 12  DG  A C2    1 
ATOM   245 N  N2    . DG  A 1 12 ? 5.839   2.734   -1.179  1.00 24.23 ? 12  DG  A N2    1 
ATOM   246 N  N3    . DG  A 1 12 ? 6.226   0.807   -2.371  1.00 22.68 ? 12  DG  A N3    1 
ATOM   247 C  C4    . DG  A 1 12 ? 5.772   -0.460  -2.533  1.00 23.42 ? 12  DG  A C4    1 
ATOM   248 P  P     . DG  A 1 13 ? 11.376  -0.114  -4.784  1.00 34.95 ? 13  DG  A P     1 
ATOM   249 O  OP1   . DG  A 1 13 ? 12.093  0.659   -5.812  1.00 38.18 ? 13  DG  A OP1   1 
ATOM   250 O  OP2   . DG  A 1 13 ? 12.030  -1.223  -4.071  1.00 37.20 ? 13  DG  A OP2   1 
ATOM   251 O  "O5'" . DG  A 1 13 ? 10.881  0.867   -3.616  1.00 31.39 ? 13  DG  A "O5'" 1 
ATOM   252 C  "C5'" . DG  A 1 13 ? 10.337  2.133   -3.944  1.00 27.71 ? 13  DG  A "C5'" 1 
ATOM   253 C  "C4'" . DG  A 1 13 ? 10.446  3.098   -2.776  1.00 26.37 ? 13  DG  A "C4'" 1 
ATOM   254 O  "O4'" . DG  A 1 13 ? 9.358   2.873   -1.836  1.00 26.32 ? 13  DG  A "O4'" 1 
ATOM   255 C  "C3'" . DG  A 1 13 ? 11.724  3.009   -1.948  1.00 25.08 ? 13  DG  A "C3'" 1 
ATOM   256 O  "O3'" . DG  A 1 13 ? 12.059  4.311   -1.497  1.00 27.82 ? 13  DG  A "O3'" 1 
ATOM   257 C  "C2'" . DG  A 1 13 ? 11.306  2.105   -0.783  1.00 25.82 ? 13  DG  A "C2'" 1 
ATOM   258 C  "C1'" . DG  A 1 13 ? 9.887   2.589   -0.541  1.00 26.33 ? 13  DG  A "C1'" 1 
ATOM   259 N  N9    . DG  A 1 13 ? 8.998   1.603   0.049   1.00 23.82 ? 13  DG  A N9    1 
ATOM   260 C  C8    . DG  A 1 13 ? 8.861   0.297   -0.335  1.00 25.35 ? 13  DG  A C8    1 
ATOM   261 N  N7    . DG  A 1 13 ? 7.918   -0.336  0.309   1.00 24.32 ? 13  DG  A N7    1 
ATOM   262 C  C5    . DG  A 1 13 ? 7.377   0.624   1.152   1.00 22.67 ? 13  DG  A C5    1 
ATOM   263 C  C6    . DG  A 1 13 ? 6.315   0.526   2.085   1.00 21.97 ? 13  DG  A C6    1 
ATOM   264 O  O6    . DG  A 1 13 ? 5.620   -0.473  2.354   1.00 23.07 ? 13  DG  A O6    1 
ATOM   265 N  N1    . DG  A 1 13 ? 6.084   1.741   2.734   1.00 21.90 ? 13  DG  A N1    1 
ATOM   266 C  C2    . DG  A 1 13 ? 6.781   2.905   2.501   1.00 24.85 ? 13  DG  A C2    1 
ATOM   267 N  N2    . DG  A 1 13 ? 6.408   3.980   3.225   1.00 24.40 ? 13  DG  A N2    1 
ATOM   268 N  N3    . DG  A 1 13 ? 7.770   3.012   1.621   1.00 25.06 ? 13  DG  A N3    1 
ATOM   269 C  C4    . DG  A 1 13 ? 8.015   1.834   0.985   1.00 24.25 ? 13  DG  A C4    1 
ATOM   270 P  P     A DA  A 1 14 ? 13.485  4.571   -0.816  0.50 28.15 ? 14  DA  A P     1 
ATOM   271 P  P     B DA  A 1 14 ? 13.366  4.584   -0.602  0.50 27.72 ? 14  DA  A P     1 
ATOM   272 O  OP1   A DA  A 1 14 ? 13.952  5.912   -1.226  0.50 28.40 ? 14  DA  A OP1   1 
ATOM   273 O  OP1   B DA  A 1 14 ? 13.577  6.050   -0.598  0.50 28.31 ? 14  DA  A OP1   1 
ATOM   274 O  OP2   A DA  A 1 14 ? 14.327  3.381   -1.048  0.50 29.99 ? 14  DA  A OP2   1 
ATOM   275 O  OP2   B DA  A 1 14 ? 14.446  3.694   -1.069  0.50 27.52 ? 14  DA  A OP2   1 
ATOM   276 O  "O5'" A DA  A 1 14 ? 13.146  4.615   0.736   0.50 27.77 ? 14  DA  A "O5'" 1 
ATOM   277 O  "O5'" B DA  A 1 14 ? 12.966  4.115   0.871   0.50 25.80 ? 14  DA  A "O5'" 1 
ATOM   278 C  "C5'" A DA  A 1 14 ? 12.143  5.487   1.208   0.50 27.24 ? 14  DA  A "C5'" 1 
ATOM   279 C  "C5'" B DA  A 1 14 ? 12.011  4.837   1.631   0.50 24.83 ? 14  DA  A "C5'" 1 
ATOM   280 C  "C4'" A DA  A 1 14 ? 11.696  5.080   2.593   0.50 25.37 ? 14  DA  A "C4'" 1 
ATOM   281 C  "C4'" B DA  A 1 14 ? 11.665  4.071   2.895   0.50 25.72 ? 14  DA  A "C4'" 1 
ATOM   282 O  "O4'" A DA  A 1 14 ? 10.994  3.821   2.529   0.50 29.43 ? 14  DA  A "O4'" 1 
ATOM   283 O  "O4'" B DA  A 1 14 ? 11.053  2.803   2.531   0.50 24.86 ? 14  DA  A "O4'" 1 
ATOM   284 C  "C3'" A DA  A 1 14 ? 12.822  4.889   3.610   0.50 28.87 ? 14  DA  A "C3'" 1 
ATOM   285 C  "C3'" B DA  A 1 14 ? 12.869  3.725   3.787   0.50 25.27 ? 14  DA  A "C3'" 1 
ATOM   286 O  "O3'" A DA  A 1 14 ? 12.520  5.635   4.767   0.50 28.79 ? 14  DA  A "O3'" 1 
ATOM   287 O  "O3'" B DA  A 1 14 ? 12.583  4.024   5.141   0.50 24.29 ? 14  DA  A "O3'" 1 
ATOM   288 C  "C2'" A DA  A 1 14 ? 12.821  3.380   3.891   0.50 27.08 ? 14  DA  A "C2'" 1 
ATOM   289 C  "C2'" B DA  A 1 14 ? 13.039  2.223   3.585   0.50 24.95 ? 14  DA  A "C2'" 1 
ATOM   290 C  "C1'" A DA  A 1 14 ? 11.369  3.020   3.620   0.50 27.71 ? 14  DA  A "C1'" 1 
ATOM   291 C  "C1'" B DA  A 1 14 ? 11.604  1.787   3.335   0.50 24.32 ? 14  DA  A "C1'" 1 
ATOM   292 N  N9    A DA  A 1 14 ? 11.148  1.624   3.240   0.50 26.80 ? 14  DA  A N9    1 
ATOM   293 N  N9    B DA  A 1 14 ? 11.515  0.517   2.623   0.50 20.68 ? 14  DA  A N9    1 
ATOM   294 C  C8    A DA  A 1 14 ? 11.883  0.880   2.357   0.50 24.87 ? 14  DA  A C8    1 
ATOM   295 C  C8    B DA  A 1 14 ? 12.395  0.053   1.683   0.50 23.63 ? 14  DA  A C8    1 
ATOM   296 N  N7    A DA  A 1 14 ? 11.430  -0.340  2.186   0.50 25.82 ? 14  DA  A N7    1 
ATOM   297 N  N7    B DA  A 1 14 ? 12.096  -1.131  1.210   0.50 26.26 ? 14  DA  A N7    1 
ATOM   298 C  C5    A DA  A 1 14 ? 10.315  -0.397  3.009   0.50 25.01 ? 14  DA  A C5    1 
ATOM   299 C  C5    B DA  A 1 14 ? 10.940  -1.478  1.890   0.50 24.06 ? 14  DA  A C5    1 
ATOM   300 C  C6    A DA  A 1 14 ? 9.386   -1.424  3.283   0.50 27.36 ? 14  DA  A C6    1 
ATOM   301 C  C6    B DA  A 1 14 ? 10.125  -2.626  1.837   0.50 27.01 ? 14  DA  A C6    1 
ATOM   302 N  N6    A DA  A 1 14 ? 9.449   -2.640  2.738   0.50 25.99 ? 14  DA  A N6    1 
ATOM   303 N  N6    B DA  A 1 14 ? 10.378  -3.673  1.030   0.50 27.71 ? 14  DA  A N6    1 
ATOM   304 N  N1    A DA  A 1 14 ? 8.390   -1.148  4.155   0.50 28.43 ? 14  DA  A N1    1 
ATOM   305 N  N1    B DA  A 1 14 ? 9.046   -2.662  2.652   0.50 26.38 ? 14  DA  A N1    1 
ATOM   306 C  C2    A DA  A 1 14 ? 8.334   0.070   4.710   0.50 28.26 ? 14  DA  A C2    1 
ATOM   307 C  C2    B DA  A 1 14 ? 8.804   -1.615  3.454   0.50 26.34 ? 14  DA  A C2    1 
ATOM   308 N  N3    A DA  A 1 14 ? 9.147   1.112   4.526   0.50 28.21 ? 14  DA  A N3    1 
ATOM   309 N  N3    B DA  A 1 14 ? 9.499   -0.477  3.594   0.50 22.51 ? 14  DA  A N3    1 
ATOM   310 C  C4    A DA  A 1 14 ? 10.125  0.807   3.659   0.50 25.03 ? 14  DA  A C4    1 
ATOM   311 C  C4    B DA  A 1 14 ? 10.566  -0.473  2.772   0.50 25.80 ? 14  DA  A C4    1 
ATOM   312 O  "O5'" . DG  B 1 1  ? -3.682  5.649   5.354   1.00 30.72 ? 1   DG  B "O5'" 1 
ATOM   313 C  "C5'" . DG  B 1 1  ? -2.956  6.475   6.244   1.00 26.37 ? 1   DG  B "C5'" 1 
ATOM   314 C  "C4'" . DG  B 1 1  ? -2.461  7.739   5.560   1.00 27.49 ? 1   DG  B "C4'" 1 
ATOM   315 O  "O4'" . DG  B 1 1  ? -1.482  7.419   4.543   1.00 27.77 ? 1   DG  B "O4'" 1 
ATOM   316 C  "C3'" . DG  B 1 1  ? -3.515  8.570   4.856   1.00 32.89 ? 1   DG  B "C3'" 1 
ATOM   317 O  "O3'" . DG  B 1 1  ? -3.141  9.941   4.983   1.00 34.84 ? 1   DG  B "O3'" 1 
ATOM   318 C  "C2'" . DG  B 1 1  ? -3.412  8.075   3.404   1.00 28.22 ? 1   DG  B "C2'" 1 
ATOM   319 C  "C1'" . DG  B 1 1  ? -1.911  7.896   3.279   1.00 29.62 ? 1   DG  B "C1'" 1 
ATOM   320 N  N9    . DG  B 1 1  ? -1.451  6.917   2.292   1.00 26.27 ? 1   DG  B N9    1 
ATOM   321 C  C8    . DG  B 1 1  ? -0.447  7.107   1.369   1.00 25.06 ? 1   DG  B C8    1 
ATOM   322 N  N7    . DG  B 1 1  ? -0.183  6.052   0.655   1.00 26.30 ? 1   DG  B N7    1 
ATOM   323 C  C5    . DG  B 1 1  ? -1.043  5.080   1.151   1.00 23.94 ? 1   DG  B C5    1 
ATOM   324 C  C6    . DG  B 1 1  ? -1.202  3.733   0.762   1.00 23.62 ? 1   DG  B C6    1 
ATOM   325 O  O6    . DG  B 1 1  ? -0.581  3.105   -0.114  1.00 22.90 ? 1   DG  B O6    1 
ATOM   326 N  N1    . DG  B 1 1  ? -2.187  3.096   1.508   1.00 23.05 ? 1   DG  B N1    1 
ATOM   327 C  C2    . DG  B 1 1  ? -2.921  3.687   2.507   1.00 24.05 ? 1   DG  B C2    1 
ATOM   328 N  N2    . DG  B 1 1  ? -3.817  2.899   3.123   1.00 24.77 ? 1   DG  B N2    1 
ATOM   329 N  N3    . DG  B 1 1  ? -2.775  4.947   2.891   1.00 24.16 ? 1   DG  B N3    1 
ATOM   330 C  C4    . DG  B 1 1  ? -1.823  5.586   2.169   1.00 25.42 ? 1   DG  B C4    1 
ATOM   331 P  P     . DG  B 1 2  ? -4.136  11.120  4.552   1.00 36.70 ? 2   DG  B P     1 
ATOM   332 O  OP1   . DG  B 1 2  ? -3.571  12.330  5.187   1.00 45.07 ? 2   DG  B OP1   1 
ATOM   333 O  OP2   . DG  B 1 2  ? -5.532  10.704  4.810   1.00 36.81 ? 2   DG  B OP2   1 
ATOM   334 O  "O5'" . DG  B 1 2  ? -3.933  11.218  2.975   1.00 32.24 ? 2   DG  B "O5'" 1 
ATOM   335 C  "C5'" . DG  B 1 2  ? -2.708  11.650  2.460   1.00 32.97 ? 2   DG  B "C5'" 1 
ATOM   336 C  "C4'" . DG  B 1 2  ? -2.674  11.416  0.969   1.00 35.07 ? 2   DG  B "C4'" 1 
ATOM   337 O  "O4'" . DG  B 1 2  ? -2.558  9.998   0.700   1.00 34.32 ? 2   DG  B "O4'" 1 
ATOM   338 C  "C3'" . DG  B 1 2  ? -3.927  11.876  0.208   1.00 36.52 ? 2   DG  B "C3'" 1 
ATOM   339 O  "O3'" . DG  B 1 2  ? -3.544  12.701  -0.854  1.00 47.16 ? 2   DG  B "O3'" 1 
ATOM   340 C  "C2'" . DG  B 1 2  ? -4.529  10.574  -0.316  1.00 32.85 ? 2   DG  B "C2'" 1 
ATOM   341 C  "C1'" . DG  B 1 2  ? -3.270  9.752   -0.474  1.00 34.87 ? 2   DG  B "C1'" 1 
ATOM   342 N  N9    . DG  B 1 2  ? -3.485  8.321   -0.607  1.00 30.10 ? 2   DG  B N9    1 
ATOM   343 C  C8    . DG  B 1 2  ? -4.411  7.545   0.048   1.00 34.01 ? 2   DG  B C8    1 
ATOM   344 N  N7    . DG  B 1 2  ? -4.350  6.283   -0.282  1.00 29.77 ? 2   DG  B N7    1 
ATOM   345 C  C5    . DG  B 1 2  ? -3.309  6.218   -1.200  1.00 27.02 ? 2   DG  B C5    1 
ATOM   346 C  C6    . DG  B 1 2  ? -2.772  5.113   -1.904  1.00 25.59 ? 2   DG  B C6    1 
ATOM   347 O  O6    . DG  B 1 2  ? -3.120  3.920   -1.859  1.00 27.97 ? 2   DG  B O6    1 
ATOM   348 N  N1    . DG  B 1 2  ? -1.720  5.495   -2.734  1.00 27.01 ? 2   DG  B N1    1 
ATOM   349 C  C2    . DG  B 1 2  ? -1.251  6.782   -2.871  1.00 28.15 ? 2   DG  B C2    1 
ATOM   350 N  N2    . DG  B 1 2  ? -0.233  6.957   -3.729  1.00 28.31 ? 2   DG  B N2    1 
ATOM   351 N  N3    . DG  B 1 2  ? -1.746  7.822   -2.218  1.00 30.08 ? 2   DG  B N3    1 
ATOM   352 C  C4    . DG  B 1 2  ? -2.767  7.466   -1.405  1.00 29.33 ? 2   DG  B C4    1 
ATOM   353 P  P     . DC  B 1 3  ? -3.794  14.282  -0.767  1.00 58.39 ? 3   DC  B P     1 
ATOM   354 O  OP1   . DC  B 1 3  ? -2.808  14.846  0.181   1.00 44.25 ? 3   DC  B OP1   1 
ATOM   355 O  OP2   . DC  B 1 3  ? -5.260  14.479  -0.601  1.00 48.21 ? 3   DC  B OP2   1 
ATOM   356 O  "O5'" . DC  B 1 3  ? -3.387  14.802  -2.209  1.00 67.18 ? 3   DC  B "O5'" 1 
ATOM   357 C  "C5'" . DC  B 1 3  ? -4.286  14.659  -3.287  1.00 61.17 ? 3   DC  B "C5'" 1 
ATOM   358 C  "C4'" . DC  B 1 3  ? -3.543  14.811  -4.591  1.00 61.03 ? 3   DC  B "C4'" 1 
ATOM   359 O  "O4'" . DC  B 1 3  ? -2.837  16.082  -4.602  1.00 65.56 ? 3   DC  B "O4'" 1 
ATOM   360 C  "C3'" . DC  B 1 3  ? -2.484  13.743  -4.831  1.00 69.35 ? 3   DC  B "C3'" 1 
ATOM   361 O  "O3'" . DC  B 1 3  ? -2.437  13.437  -6.198  1.00 85.19 ? 3   DC  B "O3'" 1 
ATOM   362 C  "C2'" . DC  B 1 3  ? -1.197  14.417  -4.364  1.00 69.07 ? 3   DC  B "C2'" 1 
ATOM   363 C  "C1'" . DC  B 1 3  ? -1.447  15.863  -4.767  1.00 73.64 ? 3   DC  B "C1'" 1 
ATOM   364 N  N1    . DC  B 1 3  ? -0.698  16.861  -3.929  1.00 84.19 ? 3   DC  B N1    1 
ATOM   365 C  C2    . DC  B 1 3  ? 0.294   17.663  -4.516  1.00 86.35 ? 3   DC  B C2    1 
ATOM   366 O  O2    . DC  B 1 3  ? 0.536   17.535  -5.723  1.00 90.95 ? 3   DC  B O2    1 
ATOM   367 N  N3    . DC  B 1 3  ? 0.956   18.561  -3.740  1.00 80.39 ? 3   DC  B N3    1 
ATOM   368 C  C4    . DC  B 1 3  ? 0.663   18.670  -2.443  1.00 78.82 ? 3   DC  B C4    1 
ATOM   369 N  N4    . DC  B 1 3  ? 1.340   19.563  -1.721  1.00 81.58 ? 3   DC  B N4    1 
ATOM   370 C  C5    . DC  B 1 3  ? -0.337  17.863  -1.829  1.00 81.14 ? 3   DC  B C5    1 
ATOM   371 C  C6    . DC  B 1 3  ? -0.986  16.981  -2.600  1.00 87.67 ? 3   DC  B C6    1 
ATOM   372 P  P     . DT  B 1 4  ? -3.366  12.269  -6.787  1.00 86.68 ? 4   DT  B P     1 
ATOM   373 O  OP1   . DT  B 1 4  ? -3.848  12.699  -8.124  1.00 86.06 ? 4   DT  B OP1   1 
ATOM   374 O  OP2   . DT  B 1 4  ? -4.353  11.896  -5.745  1.00 91.59 ? 4   DT  B OP2   1 
ATOM   375 O  "O5'" . DT  B 1 4  ? -2.352  11.045  -6.940  1.00 76.51 ? 4   DT  B "O5'" 1 
ATOM   376 C  "C5'" . DT  B 1 4  ? -1.855  10.396  -5.793  1.00 49.40 ? 4   DT  B "C5'" 1 
ATOM   377 C  "C4'" . DT  B 1 4  ? -2.518  9.044   -5.619  1.00 38.74 ? 4   DT  B "C4'" 1 
ATOM   378 O  "O4'" . DT  B 1 4  ? -3.444  9.100   -4.535  1.00 43.23 ? 4   DT  B "O4'" 1 
ATOM   379 C  "C3'" . DT  B 1 4  ? -3.328  8.553   -6.818  1.00 37.09 ? 4   DT  B "C3'" 1 
ATOM   380 O  "O3'" . DT  B 1 4  ? -2.715  7.420   -7.360  1.00 39.44 ? 4   DT  B "O3'" 1 
ATOM   381 C  "C2'" . DT  B 1 4  ? -4.707  8.207   -6.239  1.00 35.16 ? 4   DT  B "C2'" 1 
ATOM   382 C  "C1'" . DT  B 1 4  ? -4.418  8.127   -4.759  1.00 39.51 ? 4   DT  B "C1'" 1 
ATOM   383 N  N1    . DT  B 1 4  ? -5.560  8.454   -3.922  1.00 43.68 ? 4   DT  B N1    1 
ATOM   384 C  C2    . DT  B 1 4  ? -6.148  7.468   -3.165  1.00 35.25 ? 4   DT  B C2    1 
ATOM   385 O  O2    . DT  B 1 4  ? -5.782  6.294   -3.172  1.00 32.26 ? 4   DT  B O2    1 
ATOM   386 N  N3    . DT  B 1 4  ? -7.211  7.899   -2.410  1.00 47.18 ? 4   DT  B N3    1 
ATOM   387 C  C4    . DT  B 1 4  ? -7.715  9.189   -2.330  1.00 46.72 ? 4   DT  B C4    1 
ATOM   388 O  O4    . DT  B 1 4  ? -8.671  9.477   -1.621  1.00 58.43 ? 4   DT  B O4    1 
ATOM   389 C  C5    . DT  B 1 4  ? -7.044  10.165  -3.145  1.00 46.61 ? 4   DT  B C5    1 
ATOM   390 C  C7    . DT  B 1 4  ? -7.500  11.593  -3.137  1.00 47.63 ? 4   DT  B C7    1 
ATOM   391 C  C6    . DT  B 1 4  ? -6.009  9.759   -3.889  1.00 47.02 ? 4   DT  B C6    1 
ATOM   392 P  P     . DC  B 1 5  ? -2.885  7.092   -8.917  1.00 43.04 ? 5   DC  B P     1 
ATOM   393 O  OP1   . DC  B 1 5  ? -1.960  7.999   -9.636  1.00 45.12 ? 5   DC  B OP1   1 
ATOM   394 O  OP2   . DC  B 1 5  ? -4.332  7.023   -9.221  1.00 40.82 ? 5   DC  B OP2   1 
ATOM   395 O  "O5'" . DC  B 1 5  ? -2.359  5.595   -9.042  1.00 37.86 ? 5   DC  B "O5'" 1 
ATOM   396 C  "C5'" . DC  B 1 5  ? -0.982  5.327   -9.112  1.00 35.23 ? 5   DC  B "C5'" 1 
ATOM   397 C  "C4'" . DC  B 1 5  ? -0.748  3.831   -9.108  1.00 28.69 ? 5   DC  B "C4'" 1 
ATOM   398 O  "O4'" . DC  B 1 5  ? -1.139  3.286   -7.826  1.00 28.32 ? 5   DC  B "O4'" 1 
ATOM   399 C  "C3'" . DC  B 1 5  ? -1.527  3.050   -10.145 1.00 27.45 ? 5   DC  B "C3'" 1 
ATOM   400 O  "O3'" . DC  B 1 5  ? -0.771  1.940   -10.548 1.00 32.30 ? 5   DC  B "O3'" 1 
ATOM   401 C  "C2'" . DC  B 1 5  ? -2.782  2.625   -9.379  1.00 28.61 ? 5   DC  B "C2'" 1 
ATOM   402 C  "C1'" . DC  B 1 5  ? -2.231  2.405   -7.973  1.00 28.08 ? 5   DC  B "C1'" 1 
ATOM   403 N  N1    . DC  B 1 5  ? -3.195  2.712   -6.882  1.00 26.11 ? 5   DC  B N1    1 
ATOM   404 C  C2    . DC  B 1 5  ? -4.112  1.744   -6.470  1.00 29.17 ? 5   DC  B C2    1 
ATOM   405 O  O2    . DC  B 1 5  ? -4.122  0.644   -7.038  1.00 31.83 ? 5   DC  B O2    1 
ATOM   406 N  N3    . DC  B 1 5  ? -4.976  2.041   -5.475  1.00 27.33 ? 5   DC  B N3    1 
ATOM   407 C  C4    . DC  B 1 5  ? -4.938  3.227   -4.887  1.00 26.50 ? 5   DC  B C4    1 
ATOM   408 N  N4    . DC  B 1 5  ? -5.818  3.464   -3.912  1.00 29.08 ? 5   DC  B N4    1 
ATOM   409 C  C5    . DC  B 1 5  ? -4.005  4.234   -5.282  1.00 30.80 ? 5   DC  B C5    1 
ATOM   410 C  C6    . DC  B 1 5  ? -3.159  3.935   -6.274  1.00 28.18 ? 5   DC  B C6    1 
ATOM   411 P  P     . DG  B 1 6  ? 0.202   2.051   -11.818 1.00 33.60 ? 6   DG  B P     1 
ATOM   412 O  OP1   . DG  B 1 6  ? -0.508  2.791   -12.869 1.00 37.54 ? 6   DG  B OP1   1 
ATOM   413 O  OP2   . DG  B 1 6  ? 0.759   0.706   -12.060 1.00 36.55 ? 6   DG  B OP2   1 
ATOM   414 O  "O5'" . DG  B 1 6  ? 1.364   3.042   -11.348 1.00 32.94 ? 6   DG  B "O5'" 1 
ATOM   415 C  "C5'" . DG  B 1 6  ? 2.494   2.563   -10.633 1.00 32.10 ? 6   DG  B "C5'" 1 
ATOM   416 C  "C4'" . DG  B 1 6  ? 3.426   3.714   -10.335 1.00 28.52 ? 6   DG  B "C4'" 1 
ATOM   417 O  "O4'" . DG  B 1 6  ? 2.798   4.586   -9.377  1.00 27.45 ? 6   DG  B "O4'" 1 
ATOM   418 C  "C3'" . DG  B 1 6  ? 4.771   3.354   -9.720  1.00 27.79 ? 6   DG  B "C3'" 1 
ATOM   419 O  "O3'" . DG  B 1 6  ? 5.699   4.408   -10.027 1.00 30.99 ? 6   DG  B "O3'" 1 
ATOM   420 C  "C2'" . DG  B 1 6  ? 4.424   3.320   -8.232  1.00 27.00 ? 6   DG  B "C2'" 1 
ATOM   421 C  "C1'" . DG  B 1 6  ? 3.495   4.528   -8.144  1.00 26.41 ? 6   DG  B "C1'" 1 
ATOM   422 N  N9    . DG  B 1 6  ? 2.498   4.470   -7.080  1.00 26.10 ? 6   DG  B N9    1 
ATOM   423 C  C8    . DG  B 1 6  ? 2.150   5.491   -6.246  1.00 26.39 ? 6   DG  B C8    1 
ATOM   424 N  N7    . DG  B 1 6  ? 1.212   5.178   -5.397  1.00 25.15 ? 6   DG  B N7    1 
ATOM   425 C  C5    . DG  B 1 6  ? 0.907   3.856   -5.693  1.00 25.32 ? 6   DG  B C5    1 
ATOM   426 C  C6    . DG  B 1 6  ? -0.033  2.982   -5.090  1.00 25.51 ? 6   DG  B C6    1 
ATOM   427 O  O6    . DG  B 1 6  ? -0.819  3.222   -4.159  1.00 26.38 ? 6   DG  B O6    1 
ATOM   428 N  N1    . DG  B 1 6  ? -0.014  1.721   -5.680  1.00 26.75 ? 6   DG  B N1    1 
ATOM   429 C  C2    . DG  B 1 6  ? 0.793   1.355   -6.727  1.00 24.55 ? 6   DG  B C2    1 
ATOM   430 N  N2    . DG  B 1 6  ? 0.659   0.093   -7.172  1.00 28.26 ? 6   DG  B N2    1 
ATOM   431 N  N3    . DG  B 1 6  ? 1.679   2.162   -7.292  1.00 25.91 ? 6   DG  B N3    1 
ATOM   432 C  C4    . DG  B 1 6  ? 1.682   3.397   -6.727  1.00 27.28 ? 6   DG  B C4    1 
ATOM   433 P  P     . DG  B 1 7  ? 7.260   4.309   -9.659  1.00 31.19 ? 7   DG  B P     1 
ATOM   434 O  OP1   . DG  B 1 7  ? 7.946   5.398   -10.390 1.00 37.32 ? 7   DG  B OP1   1 
ATOM   435 O  OP2   . DG  B 1 7  ? 7.725   2.924   -9.821  1.00 32.96 ? 7   DG  B OP2   1 
ATOM   436 O  "O5'" . DG  B 1 7  ? 7.304   4.653   -8.104  1.00 29.05 ? 7   DG  B "O5'" 1 
ATOM   437 C  "C5'" . DG  B 1 7  ? 7.027   5.979   -7.664  1.00 26.62 ? 7   DG  B "C5'" 1 
ATOM   438 C  "C4'" . DG  B 1 7  ? 6.851   6.001   -6.164  1.00 24.92 ? 7   DG  B "C4'" 1 
ATOM   439 O  "O4'" . DG  B 1 7  ? 5.589   5.358   -5.827  1.00 27.47 ? 7   DG  B "O4'" 1 
ATOM   440 C  "C3'" . DG  B 1 7  ? 7.941   5.236   -5.388  1.00 26.47 ? 7   DG  B "C3'" 1 
ATOM   441 O  "O3'" . DG  B 1 7  ? 8.519   6.073   -4.397  1.00 27.75 ? 7   DG  B "O3'" 1 
ATOM   442 C  "C2'" . DG  B 1 7  ? 7.163   4.086   -4.739  1.00 23.50 ? 7   DG  B "C2'" 1 
ATOM   443 C  "C1'" . DG  B 1 7  ? 5.793   4.713   -4.616  1.00 24.95 ? 7   DG  B "C1'" 1 
ATOM   444 N  N9    . DG  B 1 7  ? 4.746   3.753   -4.301  1.00 23.16 ? 7   DG  B N9    1 
ATOM   445 C  C8    . DG  B 1 7  ? 4.679   2.434   -4.669  1.00 25.40 ? 7   DG  B C8    1 
ATOM   446 N  N7    . DG  B 1 7  ? 3.659   1.798   -4.142  1.00 24.14 ? 7   DG  B N7    1 
ATOM   447 C  C5    . DG  B 1 7  ? 3.046   2.749   -3.340  1.00 24.65 ? 7   DG  B C5    1 
ATOM   448 C  C6    . DG  B 1 7  ? 1.919   2.640   -2.506  1.00 26.20 ? 7   DG  B C6    1 
ATOM   449 O  O6    . DG  B 1 7  ? 1.198   1.646   -2.315  1.00 25.15 ? 7   DG  B O6    1 
ATOM   450 N  N1    . DG  B 1 7  ? 1.625   3.849   -1.871  1.00 23.85 ? 7   DG  B N1    1 
ATOM   451 C  C2    . DG  B 1 7  ? 2.353   5.005   -2.009  1.00 23.96 ? 7   DG  B C2    1 
ATOM   452 N  N2    . DG  B 1 7  ? 1.916   6.075   -1.317  1.00 24.45 ? 7   DG  B N2    1 
ATOM   453 N  N3    . DG  B 1 7  ? 3.420   5.115   -2.782  1.00 24.27 ? 7   DG  B N3    1 
ATOM   454 C  C4    . DG  B 1 7  ? 3.709   3.951   -3.413  1.00 23.48 ? 7   DG  B C4    1 
ATOM   455 P  P     . DC  B 1 8  ? 9.868   6.885   -4.701  1.00 28.09 ? 8   DC  B P     1 
ATOM   456 O  OP1   . DC  B 1 8  ? 9.602   7.781   -5.852  1.00 29.15 ? 8   DC  B OP1   1 
ATOM   457 O  OP2   . DC  B 1 8  ? 10.974  5.920   -4.784  1.00 27.32 ? 8   DC  B OP2   1 
ATOM   458 O  "O5'" . DC  B 1 8  ? 10.035  7.775   -3.393  1.00 26.86 ? 8   DC  B "O5'" 1 
ATOM   459 C  "C5'" . DC  B 1 8  ? 10.449  7.194   -2.162  1.00 25.73 ? 8   DC  B "C5'" 1 
ATOM   460 C  "C4'" . DC  B 1 8  ? 10.726  8.277   -1.137  1.00 27.17 ? 8   DC  B "C4'" 1 
ATOM   461 O  "O4'" . DC  B 1 8  ? 11.897  9.025   -1.550  1.00 29.43 ? 8   DC  B "O4'" 1 
ATOM   462 C  "C3'" . DC  B 1 8  ? 9.607   9.301   -0.979  1.00 27.35 ? 8   DC  B "C3'" 1 
ATOM   463 O  "O3'" . DC  B 1 8  ? 9.585   9.829   0.354   1.00 27.35 ? 8   DC  B "O3'" 1 
ATOM   464 C  "C2'" . DC  B 1 8  ? 10.018  10.381  -1.970  1.00 26.53 ? 8   DC  B "C2'" 1 
ATOM   465 C  "C1'" . DC  B 1 8  ? 11.539  10.360  -1.822  1.00 26.65 ? 8   DC  B "C1'" 1 
ATOM   466 N  N1    . DC  B 1 8  ? 12.260  10.762  -3.025  1.00 28.44 ? 8   DC  B N1    1 
ATOM   467 C  C2    . DC  B 1 8  ? 13.369  11.579  -2.905  1.00 30.21 ? 8   DC  B C2    1 
ATOM   468 O  O2    . DC  B 1 8  ? 13.707  11.970  -1.786  1.00 37.93 ? 8   DC  B O2    1 
ATOM   469 N  N3    . DC  B 1 8  ? 14.041  11.936  -4.019  1.00 30.44 ? 8   DC  B N3    1 
ATOM   470 C  C4    . DC  B 1 8  ? 13.651  11.487  -5.203  1.00 29.34 ? 8   DC  B C4    1 
ATOM   471 N  N4    . DC  B 1 8  ? 14.348  11.866  -6.277  1.00 38.51 ? 8   DC  B N4    1 
ATOM   472 C  C5    . DC  B 1 8  ? 12.520  10.632  -5.345  1.00 28.47 ? 8   DC  B C5    1 
ATOM   473 C  C6    . DC  B 1 8  ? 11.865  10.294  -4.235  1.00 28.17 ? 8   DC  B C6    1 
ATOM   474 P  P     . DG  B 1 9  ? 8.782   9.094   1.533   1.00 28.81 ? 9   DG  B P     1 
ATOM   475 O  OP1   . DG  B 1 9  ? 8.750   10.028  2.671   1.00 31.87 ? 9   DG  B OP1   1 
ATOM   476 O  OP2   . DG  B 1 9  ? 9.344   7.750   1.677   1.00 29.54 ? 9   DG  B OP2   1 
ATOM   477 O  "O5'" . DG  B 1 9  ? 7.316   8.860   0.944   1.00 28.78 ? 9   DG  B "O5'" 1 
ATOM   478 C  "C5'" . DG  B 1 9  ? 6.446   9.950   0.702   1.00 28.97 ? 9   DG  B "C5'" 1 
ATOM   479 C  "C4'" . DG  B 1 9  ? 5.176   9.804   1.518   1.00 23.17 ? 9   DG  B "C4'" 1 
ATOM   480 O  "O4'" . DG  B 1 9  ? 4.379   8.708   1.007   1.00 25.17 ? 9   DG  B "O4'" 1 
ATOM   481 C  "C3'" . DG  B 1 9  ? 5.395   9.512   3.002   1.00 25.87 ? 9   DG  B "C3'" 1 
ATOM   482 O  "O3'" . DG  B 1 9  ? 4.443   10.222  3.751   1.00 27.09 ? 9   DG  B "O3'" 1 
ATOM   483 C  "C2'" . DG  B 1 9  ? 5.144   8.025   3.091   1.00 25.47 ? 9   DG  B "C2'" 1 
ATOM   484 C  "C1'" . DG  B 1 9  ? 4.029   7.869   2.079   1.00 24.00 ? 9   DG  B "C1'" 1 
ATOM   485 N  N9    . DG  B 1 9  ? 3.909   6.497   1.619   1.00 23.84 ? 9   DG  B N9    1 
ATOM   486 C  C8    . DG  B 1 9  ? 4.695   5.855   0.690   1.00 24.78 ? 9   DG  B C8    1 
ATOM   487 N  N7    . DG  B 1 9  ? 4.379   4.599   0.522   1.00 23.30 ? 9   DG  B N7    1 
ATOM   488 C  C5    . DG  B 1 9  ? 3.323   4.397   1.419   1.00 24.05 ? 9   DG  B C5    1 
ATOM   489 C  C6    . DG  B 1 9  ? 2.568   3.232   1.694   1.00 25.42 ? 9   DG  B C6    1 
ATOM   490 O  O6    . DG  B 1 9  ? 2.683   2.094   1.187   1.00 23.91 ? 9   DG  B O6    1 
ATOM   491 N  N1    . DG  B 1 9  ? 1.600   3.468   2.672   1.00 23.33 ? 9   DG  B N1    1 
ATOM   492 C  C2    . DG  B 1 9  ? 1.395   4.670   3.296   1.00 23.53 ? 9   DG  B C2    1 
ATOM   493 N  N2    . DG  B 1 9  ? 0.422   4.706   4.208   1.00 23.43 ? 9   DG  B N2    1 
ATOM   494 N  N3    . DG  B 1 9  ? 2.097   5.765   3.042   1.00 23.43 ? 9   DG  B N3    1 
ATOM   495 C  C4    . DG  B 1 9  ? 3.043   5.553   2.111   1.00 20.31 ? 9   DG  B C4    1 
ATOM   496 P  P     . DG  B 1 10 ? 4.409   10.133  5.345   1.00 30.89 ? 10  DG  B P     1 
ATOM   497 O  OP1   . DG  B 1 10 ? 3.793   11.406  5.766   1.00 32.36 ? 10  DG  B OP1   1 
ATOM   498 O  OP2   . DG  B 1 10 ? 5.735   9.724   5.863   1.00 32.70 ? 10  DG  B OP2   1 
ATOM   499 O  "O5'" . DG  B 1 10 ? 3.425   8.908   5.632   1.00 30.14 ? 10  DG  B "O5'" 1 
ATOM   500 C  "C5'" . DG  B 1 10 ? 2.024   9.036   5.444   1.00 29.61 ? 10  DG  B "C5'" 1 
ATOM   501 C  "C4'" . DG  B 1 10 ? 1.271   8.317   6.553   1.00 24.93 ? 10  DG  B "C4'" 1 
ATOM   502 O  "O4'" . DG  B 1 10 ? 1.249   6.890   6.320   1.00 29.22 ? 10  DG  B "O4'" 1 
ATOM   503 C  "C3'" . DG  B 1 10 ? 1.858   8.454   7.935   1.00 26.87 ? 10  DG  B "C3'" 1 
ATOM   504 O  "O3'" . DG  B 1 10 ? 0.829   8.298   8.847   1.00 28.44 ? 10  DG  B "O3'" 1 
ATOM   505 C  "C2'" . DG  B 1 10 ? 2.826   7.269   8.005   1.00 27.66 ? 10  DG  B "C2'" 1 
ATOM   506 C  "C1'" . DG  B 1 10 ? 2.005   6.206   7.318   1.00 26.59 ? 10  DG  B "C1'" 1 
ATOM   507 N  N9    . DG  B 1 10 ? 2.745   5.190   6.596   1.00 25.61 ? 10  DG  B N9    1 
ATOM   508 C  C8    . DG  B 1 10 ? 3.761   5.384   5.690   1.00 24.52 ? 10  DG  B C8    1 
ATOM   509 N  N7    . DG  B 1 10 ? 4.163   4.277   5.115   1.00 22.35 ? 10  DG  B N7    1 
ATOM   510 C  C5    . DG  B 1 10 ? 3.320   3.306   5.628   1.00 21.90 ? 10  DG  B C5    1 
ATOM   511 C  C6    . DG  B 1 10 ? 3.260   1.921   5.366   1.00 21.99 ? 10  DG  B C6    1 
ATOM   512 O  O6    . DG  B 1 10 ? 3.960   1.253   4.576   1.00 22.65 ? 10  DG  B O6    1 
ATOM   513 N  N1    . DG  B 1 10 ? 2.269   1.304   6.108   1.00 22.49 ? 10  DG  B N1    1 
ATOM   514 C  C2    . DG  B 1 10 ? 1.441   1.937   7.006   1.00 21.59 ? 10  DG  B C2    1 
ATOM   515 N  N2    . DG  B 1 10 ? 0.534   1.167   7.629   1.00 23.58 ? 10  DG  B N2    1 
ATOM   516 N  N3    . DG  B 1 10 ? 1.475   3.240   7.249   1.00 23.90 ? 10  DG  B N3    1 
ATOM   517 C  C4    . DG  B 1 10 ? 2.441   3.854   6.541   1.00 23.22 ? 10  DG  B C4    1 
ATOM   518 P  P     . DC  B 1 11 ? 0.311   9.556   9.687   1.00 34.44 ? 11  DC  B P     1 
ATOM   519 O  OP1   . DC  B 1 11 ? -0.272  10.565  8.777   1.00 40.84 ? 11  DC  B OP1   1 
ATOM   520 O  OP2   . DC  B 1 11 ? 1.391   9.891   10.630  1.00 36.74 ? 11  DC  B OP2   1 
ATOM   521 O  "O5'" . DC  B 1 11 ? -0.872  8.970   10.524  1.00 34.27 ? 11  DC  B "O5'" 1 
ATOM   522 C  "C5'" . DC  B 1 11 ? -0.698  7.805   11.294  1.00 35.40 ? 11  DC  B "C5'" 1 
ATOM   523 C  "C4'" . DC  B 1 11 ? -2.055  7.274   11.704  1.00 34.96 ? 11  DC  B "C4'" 1 
ATOM   524 O  "O4'" . DC  B 1 11 ? -2.745  8.273   12.499  1.00 31.89 ? 11  DC  B "O4'" 1 
ATOM   525 C  "C3'" . DC  B 1 11 ? -2.991  6.961   10.550  1.00 33.42 ? 11  DC  B "C3'" 1 
ATOM   526 O  "O3'" . DC  B 1 11 ? -3.863  5.906   10.934  1.00 42.25 ? 11  DC  B "O3'" 1 
ATOM   527 C  "C2'" . DC  B 1 11 ? -3.745  8.282   10.340  1.00 33.78 ? 11  DC  B "C2'" 1 
ATOM   528 C  "C1'" . DC  B 1 11 ? -3.806  8.853   11.759  1.00 31.48 ? 11  DC  B "C1'" 1 
ATOM   529 N  N1    . DC  B 1 11 ? -3.663  10.348  11.832  1.00 35.25 ? 11  DC  B N1    1 
ATOM   530 C  C2    . DC  B 1 11 ? -4.753  11.162  11.530  1.00 37.86 ? 11  DC  B C2    1 
ATOM   531 O  O2    . DC  B 1 11 ? -5.818  10.642  11.199  1.00 40.40 ? 11  DC  B O2    1 
ATOM   532 N  N3    . DC  B 1 11 ? -4.618  12.504  11.624  1.00 39.19 ? 11  DC  B N3    1 
ATOM   533 C  C4    . DC  B 1 11 ? -3.455  13.036  11.998  1.00 33.27 ? 11  DC  B C4    1 
ATOM   534 N  N4    . DC  B 1 11 ? -3.365  14.369  12.065  1.00 32.07 ? 11  DC  B N4    1 
ATOM   535 C  C5    . DC  B 1 11 ? -2.327  12.220  12.313  1.00 31.76 ? 11  DC  B C5    1 
ATOM   536 C  C6    . DC  B 1 11 ? -2.477  10.897  12.223  1.00 30.15 ? 11  DC  B C6    1 
ATOM   537 P  P     . DG  B 1 12 ? -3.400  4.365   10.797  1.00 38.06 ? 12  DG  B P     1 
ATOM   538 O  OP1   . DG  B 1 12 ? -4.282  3.587   11.695  1.00 43.55 ? 12  DG  B OP1   1 
ATOM   539 O  OP2   . DG  B 1 12 ? -1.933  4.216   10.960  1.00 36.05 ? 12  DG  B OP2   1 
ATOM   540 O  "O5'" . DG  B 1 12 ? -3.797  4.015   9.292   1.00 37.72 ? 12  DG  B "O5'" 1 
ATOM   541 C  "C5'" . DG  B 1 12 ? -5.140  3.816   8.963   1.00 31.20 ? 12  DG  B "C5'" 1 
ATOM   542 C  "C4'" . DG  B 1 12 ? -5.371  2.386   8.489   1.00 31.21 ? 12  DG  B "C4'" 1 
ATOM   543 O  "O4'" . DG  B 1 12 ? -4.778  2.212   7.175   1.00 27.97 ? 12  DG  B "O4'" 1 
ATOM   544 C  "C3'" . DG  B 1 12 ? -4.776  1.279   9.367   1.00 33.65 ? 12  DG  B "C3'" 1 
ATOM   545 O  "O3'" . DG  B 1 12 ? -5.677  0.160   9.387   1.00 31.13 ? 12  DG  B "O3'" 1 
ATOM   546 C  "C2'" . DG  B 1 12 ? -3.478  0.941   8.637   1.00 27.10 ? 12  DG  B "C2'" 1 
ATOM   547 C  "C1'" . DG  B 1 12 ? -3.924  1.090   7.199   1.00 25.32 ? 12  DG  B "C1'" 1 
ATOM   548 N  N9    . DG  B 1 12 ? -2.843  1.332   6.261   1.00 23.88 ? 12  DG  B N9    1 
ATOM   549 C  C8    . DG  B 1 12 ? -2.160  2.508   6.057   1.00 28.43 ? 12  DG  B C8    1 
ATOM   550 N  N7    . DG  B 1 12 ? -1.248  2.416   5.121   1.00 24.59 ? 12  DG  B N7    1 
ATOM   551 C  C5    . DG  B 1 12 ? -1.347  1.100   4.678   1.00 25.00 ? 12  DG  B C5    1 
ATOM   552 C  C6    . DG  B 1 12 ? -0.621  0.418   3.674   1.00 24.07 ? 12  DG  B C6    1 
ATOM   553 O  O6    . DG  B 1 12 ? 0.297   0.859   2.942   1.00 21.60 ? 12  DG  B O6    1 
ATOM   554 N  N1    . DG  B 1 12 ? -1.046  -0.907  3.541   1.00 21.22 ? 12  DG  B N1    1 
ATOM   555 C  C2    . DG  B 1 12 ? -2.048  -1.483  4.281   1.00 24.36 ? 12  DG  B C2    1 
ATOM   556 N  N2    . DG  B 1 12 ? -2.324  -2.765  4.017   1.00 23.32 ? 12  DG  B N2    1 
ATOM   557 N  N3    . DG  B 1 12 ? -2.728  -0.851  5.222   1.00 22.12 ? 12  DG  B N3    1 
ATOM   558 C  C4    . DG  B 1 12 ? -2.329  0.429   5.364   1.00 22.71 ? 12  DG  B C4    1 
ATOM   559 P  P     . DG  B 1 13 ? -5.423  -1.103  10.352  1.00 32.01 ? 13  DG  B P     1 
ATOM   560 O  OP1   . DG  B 1 13 ? -6.760  -1.625  10.688  1.00 36.27 ? 13  DG  B OP1   1 
ATOM   561 O  OP2   . DG  B 1 13 ? -4.426  -0.802  11.374  1.00 33.65 ? 13  DG  B OP2   1 
ATOM   562 O  "O5'" . DG  B 1 13 ? -4.657  -2.154  9.419   1.00 33.54 ? 13  DG  B "O5'" 1 
ATOM   563 C  "C5'" . DG  B 1 13 ? -5.372  -2.919  8.488   1.00 31.00 ? 13  DG  B "C5'" 1 
ATOM   564 C  "C4'" . DG  B 1 13 ? -4.630  -4.206  8.176   1.00 30.39 ? 13  DG  B "C4'" 1 
ATOM   565 O  "O4'" . DG  B 1 13 ? -3.522  -3.947  7.281   1.00 24.87 ? 13  DG  B "O4'" 1 
ATOM   566 C  "C3'" . DG  B 1 13 ? -4.027  -4.920  9.370   1.00 27.02 ? 13  DG  B "C3'" 1 
ATOM   567 O  "O3'" . DG  B 1 13 ? -4.179  -6.301  9.163   1.00 27.39 ? 13  DG  B "O3'" 1 
ATOM   568 C  "C2'" . DG  B 1 13 ? -2.553  -4.494  9.322   1.00 26.98 ? 13  DG  B "C2'" 1 
ATOM   569 C  "C1'" . DG  B 1 13 ? -2.315  -4.444  7.826   1.00 25.53 ? 13  DG  B "C1'" 1 
ATOM   570 N  N9    . DG  B 1 13 ? -1.269  -3.529  7.390   1.00 23.67 ? 13  DG  B N9    1 
ATOM   571 C  C8    . DG  B 1 13 ? -1.070  -2.232  7.820   1.00 24.00 ? 13  DG  B C8    1 
ATOM   572 N  N7    . DG  B 1 13 ? -0.095  -1.623  7.197   1.00 23.35 ? 13  DG  B N7    1 
ATOM   573 C  C5    . DG  B 1 13 ? 0.360   -2.558  6.269   1.00 19.96 ? 13  DG  B C5    1 
ATOM   574 C  C6    . DG  B 1 13 ? 1.403   -2.468  5.302   1.00 21.03 ? 13  DG  B C6    1 
ATOM   575 O  O6    . DG  B 1 13 ? 2.147   -1.515  5.057   1.00 24.29 ? 13  DG  B O6    1 
ATOM   576 N  N1    . DG  B 1 13 ? 1.537   -3.642  4.571   1.00 22.68 ? 13  DG  B N1    1 
ATOM   577 C  C2    . DG  B 1 13 ? 0.767   -4.763  4.737   1.00 25.47 ? 13  DG  B C2    1 
ATOM   578 N  N2    . DG  B 1 13 ? 1.062   -5.816  3.942   1.00 23.95 ? 13  DG  B N2    1 
ATOM   579 N  N3    . DG  B 1 13 ? -0.205  -4.868  5.641   1.00 23.83 ? 13  DG  B N3    1 
ATOM   580 C  C4    . DG  B 1 13 ? -0.358  -3.729  6.366   1.00 21.36 ? 13  DG  B C4    1 
ATOM   581 P  P     A DA  B 1 14 ? -4.055  -7.331  10.377  0.50 29.36 ? 14  DA  B P     1 
ATOM   582 P  P     B DA  B 1 14 ? -3.551  -7.352  10.207  0.50 26.93 ? 14  DA  B P     1 
ATOM   583 O  OP1   A DA  B 1 14 ? -5.021  -8.423  10.128  0.50 33.08 ? 14  DA  B OP1   1 
ATOM   584 O  OP1   B DA  B 1 14 ? -4.293  -8.615  10.017  0.50 30.15 ? 14  DA  B OP1   1 
ATOM   585 O  OP2   A DA  B 1 14 ? -4.065  -6.569  11.646  0.50 30.37 ? 14  DA  B OP2   1 
ATOM   586 O  OP2   B DA  B 1 14 ? -3.459  -6.731  11.547  0.50 29.08 ? 14  DA  B OP2   1 
ATOM   587 O  "O5'" A DA  B 1 14 ? -2.593  -7.904  10.178  0.50 30.82 ? 14  DA  B "O5'" 1 
ATOM   588 O  "O5'" B DA  B 1 14 ? -2.085  -7.610  9.670   0.50 26.19 ? 14  DA  B "O5'" 1 
ATOM   589 C  "C5'" A DA  B 1 14 ? -2.103  -8.093  8.869   0.50 30.20 ? 14  DA  B "C5'" 1 
ATOM   590 C  "C5'" B DA  B 1 14 ? -1.932  -8.369  8.499   0.50 27.44 ? 14  DA  B "C5'" 1 
ATOM   591 C  "C4'" A DA  B 1 14 ? -0.596  -8.068  8.861   0.50 26.51 ? 14  DA  B "C4'" 1 
ATOM   592 C  "C4'" B DA  B 1 14 ? -0.484  -8.451  8.128   0.50 27.67 ? 14  DA  B "C4'" 1 
ATOM   593 O  "O4'" A DA  B 1 14 ? -0.120  -6.749  8.548   0.50 27.74 ? 14  DA  B "O4'" 1 
ATOM   594 O  "O4'" B DA  B 1 14 ? 0.040   -7.115  7.957   0.50 29.56 ? 14  DA  B "O4'" 1 
ATOM   595 C  "C3'" A DA  B 1 14 ? 0.066   -8.426  10.198  0.50 33.13 ? 14  DA  B "C3'" 1 
ATOM   596 C  "C3'" B DA  B 1 14 ? 0.395   -9.122  9.179   0.50 28.08 ? 14  DA  B "C3'" 1 
ATOM   597 O  "O3'" A DA  B 1 14 ? 0.662   -9.699  10.099  0.50 39.72 ? 14  DA  B "O3'" 1 
ATOM   598 O  "O3'" B DA  B 1 14 ? 1.244   -10.049 8.548   0.50 32.68 ? 14  DA  B "O3'" 1 
ATOM   599 C  "C2'" A DA  B 1 14 ? 1.122   -7.325  10.411  0.50 27.43 ? 14  DA  B "C2'" 1 
ATOM   600 C  "C2'" B DA  B 1 14 ? 1.182   -7.958  9.785   0.50 22.91 ? 14  DA  B "C2'" 1 
ATOM   601 C  "C1'" A DA  B 1 14 ? 1.187   -6.677  9.035   0.50 28.74 ? 14  DA  B "C1'" 1 
ATOM   602 C  "C1'" B DA  B 1 14 ? 1.289   -7.034  8.591   0.50 27.87 ? 14  DA  B "C1'" 1 
ATOM   603 N  N9    A DA  B 1 14 ? 1.649   -5.288  9.028   0.50 26.95 ? 14  DA  B N9    1 
ATOM   604 N  N9    B DA  B 1 14 ? 1.560   -5.634  8.922   0.50 28.89 ? 14  DA  B N9    1 
ATOM   605 C  C8    A DA  B 1 14 ? 2.597   -4.756  8.201   0.50 28.12 ? 14  DA  B C8    1 
ATOM   606 C  C8    B DA  B 1 14 ? 1.009   -4.889  9.928   0.50 23.27 ? 14  DA  B C8    1 
ATOM   607 N  N7    A DA  B 1 14 ? 2.827   -3.483  8.407   0.50 26.83 ? 14  DA  B N7    1 
ATOM   608 N  N7    B DA  B 1 14 ? 1.446   -3.647  9.969   0.50 24.52 ? 14  DA  B N7    1 
ATOM   609 C  C5    A DA  B 1 14 ? 1.972   -3.158  9.443   0.50 21.58 ? 14  DA  B C5    1 
ATOM   610 C  C5    B DA  B 1 14 ? 2.341   -3.575  8.912   0.50 23.78 ? 14  DA  B C5    1 
ATOM   611 C  C6    A DA  B 1 14 ? 1.737   -1.955  10.134  0.50 23.98 ? 14  DA  B C6    1 
ATOM   612 C  C6    B DA  B 1 14 ? 3.163   -2.525  8.413   0.50 19.85 ? 14  DA  B C6    1 
ATOM   613 N  N6    A DA  B 1 14 ? 2.372   -0.814  9.858   0.50 28.17 ? 14  DA  B N6    1 
ATOM   614 N  N6    B DA  B 1 14 ? 3.193   -1.291  8.940   0.50 21.01 ? 14  DA  B N6    1 
ATOM   615 N  N1    A DA  B 1 14 ? 0.814   -1.968  11.112  0.50 26.27 ? 14  DA  B N1    1 
ATOM   616 N  N1    B DA  B 1 14 ? 3.945   -2.796  7.344   0.50 27.63 ? 14  DA  B N1    1 
ATOM   617 C  C2    A DA  B 1 14 ? 0.178   -3.107  11.379  0.50 28.91 ? 14  DA  B C2    1 
ATOM   618 C  C2    B DA  B 1 14 ? 3.917   -4.032  6.819   0.50 27.59 ? 14  DA  B C2    1 
ATOM   619 N  N3    A DA  B 1 14 ? 0.319   -4.299  10.810  0.50 26.79 ? 14  DA  B N3    1 
ATOM   620 N  N3    B DA  B 1 14 ? 3.196   -5.093  7.201   0.50 26.07 ? 14  DA  B N3    1 
ATOM   621 C  C4    A DA  B 1 14 ? 1.243   -4.259  9.843   0.50 22.97 ? 14  DA  B C4    1 
ATOM   622 C  C4    B DA  B 1 14 ? 2.422   -4.793  8.260   0.50 27.45 ? 14  DA  B C4    1 
HETATM 623 K  K     . K   C 2 .  ? -1.727  1.604   -2.259  1.00 24.65 ? 101 K   A K     1 
HETATM 624 K  K     . K   D 2 .  ? 0.570   0.561   0.179   1.00 23.48 ? 102 K   A K     1 
HETATM 625 K  K     . K   E 2 .  ? 2.800   -0.476  2.579   1.00 21.99 ? 103 K   A K     1 
HETATM 626 CO CO    . NCO F 3 .  ? 17.237  1.139   -2.835  1.00 66.85 ? 104 NCO A CO    1 
HETATM 627 N  N1    . NCO F 3 .  ? 19.173  0.808   -2.765  1.00 61.35 ? 104 NCO A N1    1 
HETATM 628 N  N2    . NCO F 3 .  ? 15.330  1.566   -3.045  1.00 51.60 ? 104 NCO A N2    1 
HETATM 629 N  N3    . NCO F 3 .  ? 17.582  2.724   -1.727  1.00 62.00 ? 104 NCO A N3    1 
HETATM 630 N  N4    . NCO F 3 .  ? 17.050  0.198   -1.111  1.00 49.77 ? 104 NCO A N4    1 
HETATM 631 N  N5    . NCO F 3 .  ? 16.929  -0.553  -3.785  1.00 62.66 ? 104 NCO A N5    1 
HETATM 632 N  N6    . NCO F 3 .  ? 17.524  2.151   -4.476  1.00 62.24 ? 104 NCO A N6    1 
HETATM 633 CO CO    . NCO G 3 .  ? 0.294   -15.960 5.911   1.00 46.87 ? 105 NCO A CO    1 
HETATM 634 N  N1    . NCO G 3 .  ? 1.914   -16.860 6.587   1.00 34.97 ? 105 NCO A N1    1 
HETATM 635 N  N2    . NCO G 3 .  ? -1.302  -15.016 5.252   1.00 43.52 ? 105 NCO A N2    1 
HETATM 636 N  N3    . NCO G 3 .  ? -0.738  -16.246 7.566   1.00 46.29 ? 105 NCO A N3    1 
HETATM 637 N  N4    . NCO G 3 .  ? -0.323  -17.653 5.168   1.00 38.59 ? 105 NCO A N4    1 
HETATM 638 N  N5    . NCO G 3 .  ? 1.285   -15.561 4.273   1.00 54.04 ? 105 NCO A N5    1 
HETATM 639 N  N6    . NCO G 3 .  ? 0.962   -14.318 6.749   1.00 43.10 ? 105 NCO A N6    1 
HETATM 640 NA NA    . NA  H 4 .  ? 5.121   -1.512  4.947   1.00 27.90 ? 106 NA  A NA    1 
HETATM 641 CO CO    . NCO I 3 .  ? -4.866  -4.908  14.983  1.00 70.48 ? 101 NCO B CO    1 
HETATM 642 N  N1    . NCO I 3 .  ? -2.902  -4.596  15.084  1.00 63.56 ? 101 NCO B N1    1 
HETATM 643 N  N2    . NCO I 3 .  ? -6.798  -5.204  14.839  1.00 69.41 ? 101 NCO B N2    1 
HETATM 644 N  N3    . NCO I 3 .  ? -4.850  -5.529  16.847  1.00 59.28 ? 101 NCO B N3    1 
HETATM 645 N  N4    . NCO I 3 .  ? -4.620  -6.759  14.413  1.00 69.67 ? 101 NCO B N4    1 
HETATM 646 N  N5    . NCO I 3 .  ? -4.981  -4.365  13.109  1.00 52.95 ? 101 NCO B N5    1 
HETATM 647 N  N6    . NCO I 3 .  ? -5.122  -3.074  15.679  1.00 59.81 ? 101 NCO B N6    1 
HETATM 648 O  O     . HOH J 5 .  ? 13.180  8.004   4.285   1.00 37.96 ? 201 HOH A O     1 
HETATM 649 O  O     . HOH J 5 .  ? -12.330 -4.021  6.693   1.00 52.42 ? 202 HOH A O     1 
HETATM 650 O  O     . HOH J 5 .  ? 19.249  4.637   -2.347  1.00 50.45 ? 203 HOH A O     1 
HETATM 651 O  O     . HOH J 5 .  ? 14.985  1.503   0.662   1.00 31.11 ? 204 HOH A O     1 
HETATM 652 O  O     . HOH J 5 .  ? -8.815  -1.052  7.607   1.00 45.53 ? 205 HOH A O     1 
HETATM 653 O  O     . HOH J 5 .  ? -6.950  -11.443 -8.113  1.00 54.06 ? 206 HOH A O     1 
HETATM 654 O  O     . HOH J 5 .  ? -10.054 -12.319 -6.297  1.00 39.77 ? 207 HOH A O     1 
HETATM 655 O  O     . HOH J 5 .  ? 8.317   5.442   0.610   1.00 28.88 ? 208 HOH A O     1 
HETATM 656 O  O     . HOH J 5 .  ? 0.350   -12.762 2.921   1.00 32.43 ? 209 HOH A O     1 
HETATM 657 O  O     . HOH J 5 .  ? 10.346  2.006   -7.393  1.00 47.03 ? 210 HOH A O     1 
HETATM 658 O  O     . HOH J 5 .  ? -11.595 -6.776  6.177   1.00 32.05 ? 211 HOH A O     1 
HETATM 659 O  O     . HOH J 5 .  ? -8.828  -7.643  2.967   1.00 26.39 ? 212 HOH A O     1 
HETATM 660 O  O     . HOH J 5 .  ? -13.582 -10.166 7.177   1.00 39.99 ? 213 HOH A O     1 
HETATM 661 O  O     . HOH J 5 .  ? 1.507   -18.706 3.340   1.00 55.66 ? 214 HOH A O     1 
HETATM 662 O  O     . HOH J 5 .  ? 9.497   -4.523  -1.815  1.00 40.25 ? 215 HOH A O     1 
HETATM 663 O  O     . HOH J 5 .  ? -7.407  -5.626  -6.299  1.00 31.64 ? 216 HOH A O     1 
HETATM 664 O  O     . HOH J 5 .  ? -11.296 -14.449 3.386   1.00 38.56 ? 217 HOH A O     1 
HETATM 665 O  O     . HOH J 5 .  ? -3.317  -17.145 6.691   1.00 58.45 ? 218 HOH A O     1 
HETATM 666 O  O     . HOH J 5 .  ? -9.547  -4.011  8.656   1.00 38.16 ? 219 HOH A O     1 
HETATM 667 O  O     . HOH J 5 .  ? -4.153  -6.278  -4.151  1.00 27.80 ? 220 HOH A O     1 
HETATM 668 O  O     . HOH J 5 .  ? -6.378  -4.994  0.200   1.00 30.86 ? 221 HOH A O     1 
HETATM 669 O  O     . HOH J 5 .  ? -5.887  -7.745  -6.047  1.00 36.08 ? 222 HOH A O     1 
HETATM 670 O  O     . HOH J 5 .  ? -4.421  -6.025  3.817   1.00 26.35 ? 223 HOH A O     1 
HETATM 671 O  O     . HOH J 5 .  ? -4.534  -6.383  -1.474  1.00 27.85 ? 224 HOH A O     1 
HETATM 672 O  O     . HOH J 5 .  ? -1.581  -13.102 -2.406  1.00 45.44 ? 225 HOH A O     1 
HETATM 673 O  O     . HOH J 5 .  ? -9.091  1.278   -6.705  1.00 39.14 ? 226 HOH A O     1 
HETATM 674 O  O     . HOH J 5 .  ? -7.407  -5.023  -3.737  1.00 29.80 ? 227 HOH A O     1 
HETATM 675 O  O     . HOH J 5 .  ? -10.312 -7.251  -14.114 1.00 50.80 ? 228 HOH A O     1 
HETATM 676 O  O     . HOH J 5 .  ? -8.779  -12.288 1.809   1.00 37.71 ? 229 HOH A O     1 
HETATM 677 O  O     . HOH J 5 .  ? 2.230   -12.790 -4.340  1.00 55.59 ? 230 HOH A O     1 
HETATM 678 O  O     . HOH J 5 .  ? -13.130 -12.779 2.875   1.00 28.62 ? 231 HOH A O     1 
HETATM 679 O  O     . HOH J 5 .  ? -2.168  -8.091  -3.355  1.00 31.23 ? 232 HOH A O     1 
HETATM 680 O  O     . HOH J 5 .  ? -12.631 -10.156 2.951   1.00 28.42 ? 233 HOH A O     1 
HETATM 681 O  O     . HOH J 5 .  ? -9.886  -10.153 2.360   1.00 31.72 ? 234 HOH A O     1 
HETATM 682 O  O     . HOH J 5 .  ? -6.304  -7.213  2.055   1.00 26.43 ? 235 HOH A O     1 
HETATM 683 O  O     . HOH J 5 .  ? -12.814 -5.433  2.883   1.00 37.88 ? 236 HOH A O     1 
HETATM 684 O  O     . HOH J 5 .  ? -4.150  -9.972  -2.680  1.00 41.29 ? 237 HOH A O     1 
HETATM 685 O  O     . HOH J 5 .  ? -8.646  -4.616  -14.772 1.00 48.52 ? 238 HOH A O     1 
HETATM 686 O  O     . HOH J 5 .  ? -6.996  -12.144 -11.100 1.00 49.22 ? 239 HOH A O     1 
HETATM 687 O  O     . HOH J 5 .  ? -6.657  -8.898  -0.277  1.00 43.96 ? 240 HOH A O     1 
HETATM 688 O  O     . HOH J 5 .  ? -6.358  -9.473  -4.215  1.00 35.33 ? 241 HOH A O     1 
HETATM 689 O  O     . HOH J 5 .  ? -1.025  -9.882  -4.898  1.00 45.27 ? 242 HOH A O     1 
HETATM 690 O  O     . HOH J 5 .  ? -10.081 -13.503 -0.440  1.00 36.43 ? 243 HOH A O     1 
HETATM 691 O  O     . HOH J 5 .  ? -9.521  -2.692  -16.460 1.00 50.77 ? 244 HOH A O     1 
HETATM 692 O  O     . HOH K 5 .  ? -1.952  -0.835  10.890  1.00 34.66 ? 201 HOH B O     1 
HETATM 693 O  O     . HOH K 5 .  ? 11.960  4.489   -6.689  1.00 41.03 ? 202 HOH B O     1 
HETATM 694 O  O     . HOH K 5 .  ? -1.375  -5.702  12.667  1.00 31.07 ? 203 HOH B O     1 
HETATM 695 O  O     . HOH K 5 .  ? -0.624  4.554   8.728   1.00 38.83 ? 204 HOH B O     1 
HETATM 696 O  O     . HOH K 5 .  ? -7.318  -4.534  11.881  1.00 42.50 ? 205 HOH B O     1 
HETATM 697 O  O     . HOH K 5 .  ? 2.901   13.049  3.877   1.00 51.97 ? 206 HOH B O     1 
HETATM 698 O  O     . HOH K 5 .  ? -0.634  11.768  6.310   1.00 50.68 ? 207 HOH B O     1 
HETATM 699 O  O     . HOH K 5 .  ? -2.169  -6.776  5.222   1.00 27.61 ? 208 HOH B O     1 
HETATM 700 O  O     . HOH K 5 .  ? 2.818   8.792   -1.334  1.00 29.56 ? 209 HOH B O     1 
HETATM 701 O  O     . HOH K 5 .  ? 7.813   9.934   -5.291  1.00 44.80 ? 210 HOH B O     1 
HETATM 702 O  O     . HOH K 5 .  ? 1.517   8.884   -4.916  1.00 35.88 ? 211 HOH B O     1 
HETATM 703 O  O     . HOH K 5 .  ? -0.510  1.784   10.432  1.00 31.24 ? 212 HOH B O     1 
HETATM 704 O  O     . HOH K 5 .  ? 11.008  7.752   -8.361  1.00 40.46 ? 213 HOH B O     1 
HETATM 705 O  O     . HOH K 5 .  ? 3.887   7.729   -3.957  1.00 32.92 ? 214 HOH B O     1 
HETATM 706 O  O     . HOH K 5 .  ? 1.725   -0.860  -9.712  1.00 36.56 ? 215 HOH B O     1 
HETATM 707 O  O     . HOH K 5 .  ? -2.983  11.723  8.518   1.00 48.18 ? 216 HOH B O     1 
HETATM 708 O  O     . HOH K 5 .  ? 7.009   6.305   -1.822  1.00 31.15 ? 217 HOH B O     1 
HETATM 709 O  O     . HOH K 5 .  ? 0.244   9.894   -1.305  1.00 32.27 ? 218 HOH B O     1 
HETATM 710 O  O     . HOH K 5 .  ? -7.042  0.330   5.932   1.00 36.91 ? 219 HOH B O     1 
HETATM 711 O  O     . HOH K 5 .  ? -0.158  12.156  -2.532  1.00 47.98 ? 220 HOH B O     1 
HETATM 712 O  O     . HOH K 5 .  ? 5.711   8.768   -2.698  1.00 45.89 ? 221 HOH B O     1 
HETATM 713 O  O     . HOH K 5 .  ? 4.798   11.011  -2.221  1.00 45.85 ? 222 HOH B O     1 
HETATM 714 O  O     . HOH K 5 .  ? 1.248   9.279   -7.632  1.00 46.06 ? 223 HOH B O     1 
# 
loop_
_atom_site_anisotrop.id 
_atom_site_anisotrop.type_symbol 
_atom_site_anisotrop.pdbx_label_atom_id 
_atom_site_anisotrop.pdbx_label_alt_id 
_atom_site_anisotrop.pdbx_label_comp_id 
_atom_site_anisotrop.pdbx_label_asym_id 
_atom_site_anisotrop.pdbx_label_seq_id 
_atom_site_anisotrop.pdbx_PDB_ins_code 
_atom_site_anisotrop.U[1][1] 
_atom_site_anisotrop.U[2][2] 
_atom_site_anisotrop.U[3][3] 
_atom_site_anisotrop.U[1][2] 
_atom_site_anisotrop.U[1][3] 
_atom_site_anisotrop.U[2][3] 
_atom_site_anisotrop.pdbx_auth_seq_id 
_atom_site_anisotrop.pdbx_auth_comp_id 
_atom_site_anisotrop.pdbx_auth_asym_id 
_atom_site_anisotrop.pdbx_auth_atom_id 
1   O  "O5'" . DG  A 1  ? 0.3535 0.3522 0.3537 0.0142  -0.0069 -0.0419 1   DG  A "O5'" 
2   C  "C5'" . DG  A 1  ? 0.3419 0.3324 0.3508 0.0171  -0.0062 -0.0468 1   DG  A "C5'" 
3   C  "C4'" . DG  A 1  ? 0.3719 0.3559 0.3839 0.0130  -0.0090 -0.0487 1   DG  A "C4'" 
4   O  "O4'" . DG  A 1  ? 0.3463 0.3281 0.3621 0.0122  -0.0109 -0.0392 1   DG  A "O4'" 
5   C  "C3'" . DG  A 1  ? 0.3676 0.3590 0.3717 0.0062  -0.0112 -0.0535 1   DG  A "C3'" 
6   O  "O3'" . DG  A 1  ? 0.4000 0.3843 0.4073 0.0024  -0.0120 -0.0616 1   DG  A "O3'" 
7   C  "C2'" . DG  A 1  ? 0.3809 0.3777 0.3846 0.0043  -0.0148 -0.0432 1   DG  A "C2'" 
8   C  "C1'" . DG  A 1  ? 0.3600 0.3483 0.3734 0.0069  -0.0140 -0.0377 1   DG  A "C1'" 
9   N  N9    . DG  A 1  ? 0.3051 0.2965 0.3203 0.0083  -0.0140 -0.0281 1   DG  A N9    
10  C  C8    . DG  A 1  ? 0.3077 0.2982 0.3305 0.0067  -0.0144 -0.0231 1   DG  A C8    
11  N  N7    . DG  A 1  ? 0.3052 0.2989 0.3288 0.0091  -0.0125 -0.0165 1   DG  A N7    
12  C  C5    . DG  A 1  ? 0.3030 0.2981 0.3189 0.0118  -0.0113 -0.0167 1   DG  A C5    
13  C  C6    . DG  A 1  ? 0.2912 0.2871 0.3037 0.0142  -0.0086 -0.0120 1   DG  A C6    
14  O  O6    . DG  A 1  ? 0.2979 0.2936 0.3142 0.0153  -0.0061 -0.0076 1   DG  A O6    
15  N  N1    . DG  A 1  ? 0.2968 0.2935 0.3006 0.0147  -0.0080 -0.0138 1   DG  A N1    
16  C  C2    . DG  A 1  ? 0.3079 0.3068 0.3075 0.0134  -0.0091 -0.0199 1   DG  A C2    
17  N  N2    . DG  A 1  ? 0.3248 0.3266 0.3163 0.0130  -0.0075 -0.0209 1   DG  A N2    
18  N  N3    . DG  A 1  ? 0.2826 0.2805 0.2854 0.0121  -0.0108 -0.0255 1   DG  A N3    
19  C  C4    . DG  A 1  ? 0.3073 0.3023 0.3181 0.0112  -0.0121 -0.0233 1   DG  A C4    
20  P  P     . DG  A 2  ? 0.4463 0.4382 0.4447 -0.0066 -0.0145 -0.0698 2   DG  A P     
21  O  OP1   . DG  A 2  ? 0.4827 0.4628 0.4848 -0.0089 -0.0123 -0.0818 2   DG  A OP1   
22  O  OP2   . DG  A 2  ? 0.4601 0.4649 0.4468 -0.0081 -0.0141 -0.0701 2   DG  A OP2   
23  O  "O5'" . DG  A 2  ? 0.3898 0.3874 0.3909 -0.0115 -0.0204 -0.0609 2   DG  A "O5'" 
24  C  "C5'" . DG  A 2  ? 0.3796 0.3687 0.3907 -0.0130 -0.0214 -0.0586 2   DG  A "C5'" 
25  C  "C4'" . DG  A 2  ? 0.3735 0.3739 0.3889 -0.0158 -0.0259 -0.0488 2   DG  A "C4'" 
26  O  "O4'" . DG  A 2  ? 0.3510 0.3539 0.3682 -0.0085 -0.0242 -0.0389 2   DG  A "O4'" 
27  C  "C3'" . DG  A 2  ? 0.3953 0.4120 0.4037 -0.0222 -0.0316 -0.0491 2   DG  A "C3'" 
28  O  "O3'" . DG  A 2  ? 0.4475 0.4720 0.4631 -0.0291 -0.0364 -0.0473 2   DG  A "O3'" 
29  C  "C2'" . DG  A 2  ? 0.4032 0.4281 0.4100 -0.0160 -0.0323 -0.0385 2   DG  A "C2'" 
30  C  "C1'" . DG  A 2  ? 0.3484 0.3649 0.3653 -0.0095 -0.0283 -0.0322 2   DG  A "C1'" 
31  N  N9    . DG  A 2  ? 0.3343 0.3518 0.3496 -0.0028 -0.0260 -0.0248 2   DG  A N9    
32  C  C8    . DG  A 2  ? 0.3383 0.3562 0.3433 -0.0007 -0.0247 -0.0251 2   DG  A C8    
33  N  N7    . DG  A 2  ? 0.3269 0.3435 0.3325 0.0042  -0.0225 -0.0180 2   DG  A N7    
34  C  C5    . DG  A 2  ? 0.2986 0.3151 0.3155 0.0061  -0.0219 -0.0132 2   DG  A C5    
35  C  C6    . DG  A 2  ? 0.2986 0.3135 0.3209 0.0108  -0.0186 -0.0066 2   DG  A C6    
36  O  O6    . DG  A 2  ? 0.3173 0.3285 0.3349 0.0142  -0.0160 -0.0035 2   DG  A O6    
37  N  N1    . DG  A 2  ? 0.2747 0.2921 0.3085 0.0104  -0.0176 -0.0048 2   DG  A N1    
38  C  C2    . DG  A 2  ? 0.3131 0.3337 0.3527 0.0053  -0.0202 -0.0078 2   DG  A C2    
39  N  N2    . DG  A 2  ? 0.3260 0.3504 0.3767 0.0043  -0.0183 -0.0052 2   DG  A N2    
40  N  N3    . DG  A 2  ? 0.3201 0.3399 0.3544 0.0004  -0.0237 -0.0141 2   DG  A N3    
41  C  C4    . DG  A 2  ? 0.3168 0.3347 0.3399 0.0016  -0.0241 -0.0169 2   DG  A C4    
42  P  P     . DC  A 3  ? 0.4769 0.4957 0.4919 -0.0399 -0.0375 -0.0589 3   DC  A P     
43  O  OP1   . DC  A 3  ? 0.4376 0.4450 0.4643 -0.0398 -0.0351 -0.0562 3   DC  A OP1   
44  O  OP2   . DC  A 3  ? 0.4754 0.4864 0.4788 -0.0414 -0.0342 -0.0717 3   DC  A OP2   
45  O  "O5'" . DC  A 3  ? 0.4252 0.4654 0.4397 -0.0493 -0.0459 -0.0564 3   DC  A "O5'" 
46  C  "C5'" . DC  A 3  ? 0.4219 0.4776 0.4263 -0.0503 -0.0507 -0.0536 3   DC  A "C5'" 
47  C  "C4'" . DC  A 3  ? 0.3544 0.4293 0.3686 -0.0483 -0.0574 -0.0397 3   DC  A "C4'" 
48  O  "O4'" . DC  A 3  ? 0.4158 0.5035 0.4387 -0.0582 -0.0632 -0.0404 3   DC  A "O4'" 
49  C  "C3'" . DC  A 3  ? 0.3689 0.4391 0.3961 -0.0368 -0.0531 -0.0294 3   DC  A "C3'" 
50  O  "O3'" . DC  A 3  ? 0.4073 0.4907 0.4373 -0.0311 -0.0574 -0.0178 3   DC  A "O3'" 
51  C  "C2'" . DC  A 3  ? 0.3594 0.4324 0.4017 -0.0414 -0.0533 -0.0291 3   DC  A "C2'" 
52  C  "C1'" . DC  A 3  ? 0.3864 0.4776 0.4275 -0.0532 -0.0620 -0.0317 3   DC  A "C1'" 
53  N  N1    . DC  A 3  ? 0.4034 0.4938 0.4519 -0.0644 -0.0622 -0.0382 3   DC  A N1    
54  C  C2    . DC  A 3  ? 0.3921 0.5055 0.4538 -0.0712 -0.0688 -0.0331 3   DC  A C2    
55  O  O2    . DC  A 3  ? 0.4537 0.5879 0.5226 -0.0664 -0.0746 -0.0227 3   DC  A O2    
56  N  N3    . DC  A 3  ? 0.4034 0.5155 0.4708 -0.0830 -0.0687 -0.0391 3   DC  A N3    
57  C  C4    . DC  A 3  ? 0.3448 0.4312 0.4050 -0.0871 -0.0625 -0.0493 3   DC  A C4    
58  N  N4    . DC  A 3  ? 0.3844 0.4680 0.4501 -0.0999 -0.0625 -0.0546 3   DC  A N4    
59  C  C5    . DC  A 3  ? 0.3955 0.4585 0.4438 -0.0786 -0.0561 -0.0542 3   DC  A C5    
60  C  C6    . DC  A 3  ? 0.4492 0.5166 0.4922 -0.0678 -0.0562 -0.0487 3   DC  A C6    
61  P  P     . DT  A 4  ? 0.4312 0.5091 0.4711 -0.0187 -0.0521 -0.0083 4   DT  A P     
62  O  OP1   . DT  A 4  ? 0.4813 0.5649 0.5164 -0.0135 -0.0557 0.0005  4   DT  A OP1   
63  O  OP2   . DT  A 4  ? 0.4146 0.4730 0.4516 -0.0155 -0.0435 -0.0140 4   DT  A OP2   
64  O  "O5'" . DT  A 4  ? 0.3759 0.4672 0.4362 -0.0185 -0.0538 -0.0026 4   DT  A "O5'" 
65  C  "C5'" . DT  A 4  ? 0.3322 0.4454 0.4012 -0.0199 -0.0625 0.0048  4   DT  A "C5'" 
66  C  "C4'" . DT  A 4  ? 0.3548 0.4820 0.4447 -0.0211 -0.0625 0.0075  4   DT  A "C4'" 
67  O  "O4'" . DT  A 4  ? 0.4086 0.5338 0.4970 -0.0331 -0.0624 -0.0018 4   DT  A "O4'" 
68  C  "C3'" . DT  A 4  ? 0.3245 0.4447 0.4266 -0.0121 -0.0531 0.0104  4   DT  A "C3'" 
69  O  "O3'" . DT  A 4  ? 0.3905 0.5317 0.5141 -0.0081 -0.0553 0.0179  4   DT  A "O3'" 
70  C  "C2'" . DT  A 4  ? 0.3638 0.4729 0.4642 -0.0200 -0.0477 0.0023  4   DT  A "C2'" 
71  C  "C1'" . DT  A 4  ? 0.3715 0.4951 0.4736 -0.0321 -0.0558 -0.0012 4   DT  A "C1'" 
72  N  N1    . DT  A 4  ? 0.3097 0.4207 0.4065 -0.0433 -0.0532 -0.0105 4   DT  A N1    
73  C  C2    . DT  A 4  ? 0.3013 0.4269 0.4092 -0.0543 -0.0566 -0.0119 4   DT  A C2    
74  O  O2    . DT  A 4  ? 0.3649 0.5160 0.4878 -0.0550 -0.0618 -0.0058 4   DT  A O2    
75  N  N3    . DT  A 4  ? 0.3188 0.4285 0.4208 -0.0647 -0.0539 -0.0201 4   DT  A N3    
76  C  C4    . DT  A 4  ? 0.3416 0.4229 0.4298 -0.0634 -0.0486 -0.0266 4   DT  A C4    
77  O  O4    . DT  A 4  ? 0.4126 0.4788 0.4979 -0.0724 -0.0466 -0.0331 4   DT  A O4    
78  C  C5    . DT  A 4  ? 0.3147 0.3855 0.3936 -0.0509 -0.0455 -0.0247 4   DT  A C5    
79  C  C7    . DT  A 4  ? 0.3798 0.4242 0.4467 -0.0478 -0.0402 -0.0307 4   DT  A C7    
80  C  C6    . DT  A 4  ? 0.3392 0.4248 0.4218 -0.0425 -0.0479 -0.0171 4   DT  A C6    
81  P  P     . DC  A 5  ? 0.3965 0.5389 0.5313 0.0067  -0.0522 0.0268  5   DC  A P     
82  O  OP1   . DC  A 5  ? 0.3862 0.5549 0.5465 0.0094  -0.0555 0.0331  5   DC  A OP1   
83  O  OP2   . DC  A 5  ? 0.3908 0.5226 0.5096 0.0107  -0.0559 0.0304  5   DC  A OP2   
84  O  "O5'" . DC  A 5  ? 0.3817 0.5051 0.5142 0.0108  -0.0392 0.0222  5   DC  A "O5'" 
85  C  "C5'" . DC  A 5  ? 0.3704 0.4993 0.5146 0.0073  -0.0328 0.0192  5   DC  A "C5'" 
86  C  "C4'" . DC  A 5  ? 0.3064 0.4192 0.4469 0.0129  -0.0212 0.0171  5   DC  A "C4'" 
87  O  "O4'" . DC  A 5  ? 0.3446 0.4353 0.4636 0.0095  -0.0195 0.0124  5   DC  A "O4'" 
88  C  "C3'" . DC  A 5  ? 0.2884 0.3981 0.4342 0.0254  -0.0175 0.0214  5   DC  A "C3'" 
89  O  "O3'" . DC  A 5  ? 0.3518 0.4585 0.5041 0.0286  -0.0059 0.0186  5   DC  A "O3'" 
90  C  "C2'" . DC  A 5  ? 0.3016 0.3908 0.4254 0.0265  -0.0192 0.0206  5   DC  A "C2'" 
91  C  "C1'" . DC  A 5  ? 0.3455 0.4234 0.4546 0.0173  -0.0177 0.0139  5   DC  A "C1'" 
92  N  N1    . DC  A 5  ? 0.3115 0.3801 0.4029 0.0138  -0.0237 0.0117  5   DC  A N1    
93  C  C2    . DC  A 5  ? 0.3106 0.3668 0.3894 0.0185  -0.0225 0.0126  5   DC  A C2    
94  O  O2    . DC  A 5  ? 0.3298 0.3806 0.4115 0.0252  -0.0169 0.0151  5   DC  A O2    
95  N  N3    . DC  A 5  ? 0.3183 0.3688 0.3820 0.0147  -0.0267 0.0098  5   DC  A N3    
96  C  C4    . DC  A 5  ? 0.3227 0.3780 0.3833 0.0071  -0.0317 0.0053  5   DC  A C4    
97  N  N4    . DC  A 5  ? 0.3488 0.3990 0.3946 0.0037  -0.0344 0.0011  5   DC  A N4    
98  C  C5    . DC  A 5  ? 0.3490 0.4144 0.4214 0.0017  -0.0334 0.0040  5   DC  A C5    
99  C  C6    . DC  A 5  ? 0.3355 0.4084 0.4234 0.0051  -0.0295 0.0079  5   DC  A C6    
100 P  P     . DG  A 6  ? 0.3680 0.4677 0.5263 0.0408  0.0016  0.0200  6   DG  A P     
101 O  OP1   . DG  A 6  ? 0.3730 0.4850 0.5491 0.0426  0.0116  0.0172  6   DG  A OP1   
102 O  OP2   . DG  A 6  ? 0.3894 0.4926 0.5532 0.0485  -0.0068 0.0275  6   DG  A OP2   
103 O  "O5'" . DG  A 6  ? 0.3456 0.4199 0.4795 0.0389  0.0069  0.0156  6   DG  A "O5'" 
104 C  "C5'" . DG  A 6  ? 0.3496 0.4162 0.4759 0.0341  0.0165  0.0099  6   DG  A "C5'" 
105 C  "C4'" . DG  A 6  ? 0.3183 0.3917 0.4435 0.0237  0.0149  0.0085  6   DG  A "C4'" 
106 O  "O4'" . DG  A 6  ? 0.3116 0.3785 0.4247 0.0187  0.0057  0.0090  6   DG  A "O4'" 
107 C  "C3'" . DG  A 6  ? 0.3431 0.4083 0.4579 0.0173  0.0231  0.0050  6   DG  A "C3'" 
108 O  "O3'" . DG  A 6  ? 0.3440 0.4196 0.4652 0.0087  0.0230  0.0053  6   DG  A "O3'" 
109 C  "C2'" . DG  A 6  ? 0.3226 0.3698 0.4169 0.0152  0.0186  0.0045  6   DG  A "C2'" 
110 C  "C1'" . DG  A 6  ? 0.3460 0.3977 0.4425 0.0135  0.0081  0.0062  6   DG  A "C1'" 
111 N  N9    . DG  A 6  ? 0.3292 0.3693 0.4119 0.0149  0.0025  0.0056  6   DG  A N9    
112 C  C8    . DG  A 6  ? 0.3258 0.3625 0.4017 0.0100  -0.0041 0.0038  6   DG  A C8    
113 N  N7    . DG  A 6  ? 0.3100 0.3393 0.3750 0.0124  -0.0072 0.0028  6   DG  A N7    
114 C  C5    . DG  A 6  ? 0.2934 0.3199 0.3573 0.0187  -0.0032 0.0051  6   DG  A C5    
115 C  C6    . DG  A 6  ? 0.2802 0.2990 0.3340 0.0221  -0.0039 0.0056  6   DG  A C6    
116 O  O6    . DG  A 6  ? 0.3106 0.3258 0.3540 0.0203  -0.0081 0.0041  6   DG  A O6    
117 N  N1    . DG  A 6  ? 0.3066 0.3218 0.3628 0.0273  0.0016  0.0076  6   DG  A N1    
118 C  C2    . DG  A 6  ? 0.2998 0.3194 0.3679 0.0298  0.0078  0.0077  6   DG  A C2    
119 N  N2    . DG  A 6  ? 0.3336 0.3464 0.4025 0.0351  0.0137  0.0078  6   DG  A N2    
120 N  N3    . DG  A 6  ? 0.3184 0.3480 0.3966 0.0267  0.0090  0.0069  6   DG  A N3    
121 C  C4    . DG  A 6  ? 0.2953 0.3276 0.3706 0.0208  0.0029  0.0062  6   DG  A C4    
122 P  P     . DG  A 7  ? 0.3696 0.4417 0.4828 0.0000  0.0312  0.0040  7   DG  A P     
123 O  OP1   . DG  A 7  ? 0.4211 0.5094 0.5476 -0.0078 0.0318  0.0052  7   DG  A OP1   
124 O  OP2   . DG  A 7  ? 0.3694 0.4368 0.4770 0.0038  0.0409  0.0010  7   DG  A OP2   
125 O  "O5'" . DG  A 7  ? 0.3101 0.3634 0.4039 -0.0048 0.0255  0.0053  7   DG  A "O5'" 
126 C  "C5'" . DG  A 7  ? 0.2920 0.3425 0.3855 -0.0099 0.0172  0.0064  7   DG  A "C5'" 
127 C  "C4'" . DG  A 7  ? 0.3301 0.3621 0.4074 -0.0096 0.0131  0.0063  7   DG  A "C4'" 
128 O  "O4'" . DG  A 7  ? 0.3290 0.3573 0.4022 -0.0015 0.0101  0.0045  7   DG  A "O4'" 
129 C  "C3'" . DG  A 7  ? 0.2922 0.3147 0.3570 -0.0118 0.0184  0.0082  7   DG  A "C3'" 
130 O  "O3'" . DG  A 7  ? 0.3033 0.3142 0.3612 -0.0176 0.0147  0.0113  7   DG  A "O3'" 
131 C  "C2'" . DG  A 7  ? 0.2882 0.3037 0.3441 -0.0043 0.0182  0.0062  7   DG  A "C2'" 
132 C  "C1'" . DG  A 7  ? 0.3099 0.3251 0.3692 -0.0004 0.0108  0.0044  7   DG  A "C1'" 
133 N  N9    . DG  A 7  ? 0.2690 0.2808 0.3225 0.0062  0.0101  0.0028  7   DG  A N9    
134 C  C8    . DG  A 7  ? 0.3038 0.3151 0.3550 0.0102  0.0158  0.0022  7   DG  A C8    
135 N  N7    . DG  A 7  ? 0.3199 0.3254 0.3641 0.0142  0.0136  0.0014  7   DG  A N7    
136 C  C5    . DG  A 7  ? 0.2897 0.2934 0.3313 0.0131  0.0066  0.0008  7   DG  A C5    
137 C  C6    . DG  A 7  ? 0.2946 0.2944 0.3286 0.0150  0.0025  -0.0006 7   DG  A C6    
138 O  O6    . DG  A 7  ? 0.3156 0.3122 0.3435 0.0177  0.0037  -0.0007 7   DG  A O6    
139 N  N1    . DG  A 7  ? 0.2763 0.2757 0.3101 0.0125  -0.0027 -0.0029 7   DG  A N1    
140 C  C2    . DG  A 7  ? 0.3006 0.3007 0.3407 0.0084  -0.0042 -0.0032 7   DG  A C2    
141 N  N2    . DG  A 7  ? 0.2909 0.2878 0.3295 0.0062  -0.0086 -0.0071 7   DG  A N2    
142 N  N3    . DG  A 7  ? 0.2709 0.2744 0.3178 0.0057  -0.0010 -0.0006 7   DG  A N3    
143 C  C4    . DG  A 7  ? 0.2687 0.2750 0.3161 0.0085  0.0045  0.0012  7   DG  A C4    
144 P  P     . DC  A 8  ? 0.3108 0.3240 0.3722 -0.0284 0.0169  0.0155  8   DC  A P     
145 O  OP1   . DC  A 8  ? 0.3479 0.3743 0.4240 -0.0311 0.0159  0.0132  8   DC  A OP1   
146 O  OP2   . DC  A 8  ? 0.3525 0.3686 0.4064 -0.0319 0.0244  0.0184  8   DC  A OP2   
147 O  "O5'" . DC  A 8  ? 0.3140 0.3090 0.3692 -0.0314 0.0103  0.0184  8   DC  A "O5'" 
148 C  "C5'" . DC  A 8  ? 0.3111 0.2932 0.3550 -0.0300 0.0089  0.0229  8   DC  A "C5'" 
149 C  "C4'" . DC  A 8  ? 0.3423 0.3073 0.3863 -0.0322 0.0028  0.0252  8   DC  A "C4'" 
150 O  "O4'" . DC  A 8  ? 0.4097 0.3731 0.4577 -0.0430 0.0037  0.0293  8   DC  A "O4'" 
151 C  "C3'" . DC  A 8  ? 0.3341 0.2949 0.3834 -0.0275 -0.0019 0.0173  8   DC  A "C3'" 
152 O  "O3'" . DC  A 8  ? 0.3698 0.3122 0.4168 -0.0250 -0.0063 0.0180  8   DC  A "O3'" 
153 C  "C2'" . DC  A 8  ? 0.3179 0.2846 0.3761 -0.0361 -0.0018 0.0153  8   DC  A "C2'" 
154 C  "C1'" . DC  A 8  ? 0.3721 0.3310 0.4279 -0.0451 0.0000  0.0238  8   DC  A "C1'" 
155 N  N1    . DC  A 8  ? 0.3831 0.3528 0.4466 -0.0561 0.0027  0.0245  8   DC  A N1    
156 C  C2    . DC  A 8  ? 0.3930 0.3525 0.4608 -0.0649 -0.0005 0.0236  8   DC  A C2    
157 O  O2    . DC  A 8  ? 0.4805 0.4201 0.5457 -0.0624 -0.0050 0.0215  8   DC  A O2    
158 N  N3    . DC  A 8  ? 0.3895 0.3614 0.4652 -0.0762 0.0019  0.0242  8   DC  A N3    
159 C  C4    . DC  A 8  ? 0.3407 0.3354 0.4216 -0.0775 0.0078  0.0255  8   DC  A C4    
160 N  N4    . DC  A 8  ? 0.3597 0.3692 0.4505 -0.0888 0.0104  0.0258  8   DC  A N4    
161 C  C5    . DC  A 8  ? 0.3569 0.3605 0.4336 -0.0674 0.0118  0.0255  8   DC  A C5    
162 C  C6    . DC  A 8  ? 0.3629 0.3529 0.4303 -0.0577 0.0088  0.0252  8   DC  A C6    
163 P  P     . DG  A 9  ? 0.3638 0.3016 0.4069 -0.0143 -0.0086 0.0151  9   DG  A P     
164 O  OP1   . DG  A 9  ? 0.3657 0.2853 0.4122 -0.0128 -0.0122 0.0138  9   DG  A OP1   
165 O  OP2   . DG  A 9  ? 0.3890 0.3325 0.4252 -0.0117 -0.0067 0.0212  9   DG  A OP2   
166 O  "O5'" . DG  A 9  ? 0.3224 0.2723 0.3667 -0.0103 -0.0082 0.0061  9   DG  A "O5'" 
167 C  "C5'" . DG  A 9  ? 0.3455 0.2960 0.3945 -0.0132 -0.0103 -0.0011 9   DG  A "C5'" 
168 C  "C4'" . DG  A 9  ? 0.3435 0.2943 0.3896 -0.0068 -0.0121 -0.0089 9   DG  A "C4'" 
169 O  "O4'" . DG  A 9  ? 0.3307 0.2957 0.3738 -0.0032 -0.0108 -0.0089 9   DG  A "O4'" 
170 C  "C3'" . DG  A 9  ? 0.3509 0.2911 0.3949 0.0001  -0.0124 -0.0090 9   DG  A "C3'" 
171 O  "O3'" . DG  A 9  ? 0.4220 0.3557 0.4671 0.0020  -0.0137 -0.0184 9   DG  A "O3'" 
172 C  "C2'" . DG  A 9  ? 0.3636 0.3146 0.4020 0.0053  -0.0108 -0.0071 9   DG  A "C2'" 
173 C  "C1'" . DG  A 9  ? 0.3389 0.3024 0.3765 0.0034  -0.0104 -0.0105 9   DG  A "C1'" 
174 N  N9    . DG  A 9  ? 0.3050 0.2772 0.3386 0.0060  -0.0077 -0.0069 9   DG  A N9    
175 C  C8    . DG  A 9  ? 0.3195 0.2964 0.3535 0.0040  -0.0045 -0.0016 9   DG  A C8    
176 N  N7    . DG  A 9  ? 0.2691 0.2506 0.2983 0.0070  -0.0018 -0.0008 9   DG  A N7    
177 C  C5    . DG  A 9  ? 0.2966 0.2771 0.3216 0.0107  -0.0038 -0.0047 9   DG  A C5    
178 C  C6    . DG  A 9  ? 0.3035 0.2869 0.3218 0.0135  -0.0023 -0.0056 9   DG  A C6    
179 O  O6    . DG  A 9  ? 0.2719 0.2571 0.2864 0.0136  0.0012  -0.0036 9   DG  A O6    
180 N  N1    . DG  A 9  ? 0.2955 0.2790 0.3112 0.0156  -0.0044 -0.0102 9   DG  A N1    
181 C  C2    . DG  A 9  ? 0.2886 0.2689 0.3080 0.0157  -0.0071 -0.0148 9   DG  A C2    
182 N  N2    . DG  A 9  ? 0.2822 0.2644 0.2983 0.0176  -0.0074 -0.0204 9   DG  A N2    
183 N  N3    . DG  A 9  ? 0.3223 0.2971 0.3475 0.0132  -0.0086 -0.0146 9   DG  A N3    
184 C  C4    . DG  A 9  ? 0.2938 0.2694 0.3215 0.0105  -0.0072 -0.0088 9   DG  A C4    
185 P  P     . DG  A 10 ? 0.4403 0.3645 0.4873 0.0105  -0.0135 -0.0205 10  DG  A P     
186 O  OP1   . DG  A 10 ? 0.4575 0.3706 0.5081 0.0100  -0.0134 -0.0312 10  DG  A OP1   
187 O  OP2   . DG  A 10 ? 0.4448 0.3627 0.4938 0.0129  -0.0144 -0.0093 10  DG  A OP2   
188 O  "O5'" . DG  A 10 ? 0.4329 0.3720 0.4745 0.0158  -0.0121 -0.0230 10  DG  A "O5'" 
189 C  "C5'" . DG  A 10 ? 0.3473 0.2949 0.3845 0.0146  -0.0115 -0.0320 10  DG  A "C5'" 
190 C  "C4'" . DG  A 10 ? 0.3422 0.2962 0.3771 0.0209  -0.0097 -0.0363 10  DG  A "C4'" 
191 O  "O4'" . DG  A 10 ? 0.3477 0.3119 0.3776 0.0220  -0.0090 -0.0295 10  DG  A "O4'" 
192 C  "C3'" . DG  A 10 ? 0.3768 0.3227 0.4196 0.0280  -0.0090 -0.0372 10  DG  A "C3'" 
193 O  "O3'" . DG  A 10 ? 0.4263 0.3801 0.4686 0.0319  -0.0063 -0.0461 10  DG  A "O3'" 
194 C  "C2'" . DG  A 10 ? 0.3951 0.3447 0.4380 0.0302  -0.0102 -0.0253 10  DG  A "C2'" 
195 C  "C1'" . DG  A 10 ? 0.3662 0.3296 0.3996 0.0273  -0.0088 -0.0248 10  DG  A "C1'" 
196 N  N9    . DG  A 10 ? 0.3193 0.2864 0.3484 0.0247  -0.0088 -0.0157 10  DG  A N9    
197 C  C8    . DG  A 10 ? 0.3110 0.2737 0.3405 0.0204  -0.0093 -0.0096 10  DG  A C8    
198 N  N7    . DG  A 10 ? 0.3074 0.2759 0.3314 0.0184  -0.0076 -0.0043 10  DG  A N7    
199 C  C5    . DG  A 10 ? 0.2883 0.2645 0.3078 0.0209  -0.0065 -0.0069 10  DG  A C5    
200 C  C6    . DG  A 10 ? 0.3159 0.2985 0.3281 0.0192  -0.0042 -0.0045 10  DG  A C6    
201 O  O6    . DG  A 10 ? 0.3160 0.2991 0.3242 0.0157  -0.0019 -0.0006 10  DG  A O6    
202 N  N1    . DG  A 10 ? 0.3078 0.2968 0.3172 0.0210  -0.0036 -0.0084 10  DG  A N1    
203 C  C2    . DG  A 10 ? 0.2696 0.2605 0.2832 0.0245  -0.0046 -0.0142 10  DG  A C2    
204 N  N2    . DG  A 10 ? 0.2941 0.2939 0.3044 0.0248  -0.0031 -0.0173 10  DG  A N2    
205 N  N3    . DG  A 10 ? 0.3095 0.2943 0.3299 0.0267  -0.0061 -0.0176 10  DG  A N3    
206 C  C4    . DG  A 10 ? 0.2977 0.2743 0.3205 0.0246  -0.0073 -0.0134 10  DG  A C4    
207 P  P     . DC  A 11 ? 0.5111 0.4594 0.5555 0.0318  -0.0035 -0.0608 11  DC  A P     
208 O  OP1   . DC  A 11 ? 0.4782 0.4256 0.5150 0.0225  -0.0049 -0.0650 11  DC  A OP1   
209 O  OP2   . DC  A 11 ? 0.5471 0.4801 0.6044 0.0387  -0.0031 -0.0617 11  DC  A OP2   
210 O  "O5'" . DC  A 11 ? 0.5027 0.4668 0.5432 0.0343  0.0003  -0.0679 11  DC  A "O5'" 
211 C  "C5'" . DC  A 11 ? 0.5704 0.5410 0.6190 0.0424  0.0020  -0.0659 11  DC  A "C5'" 
212 C  "C4'" . DC  A 11 ? 0.6679 0.6553 0.7113 0.0419  0.0064  -0.0744 11  DC  A "C4'" 
213 O  "O4'" . DC  A 11 ? 0.7227 0.7072 0.7672 0.0417  0.0110  -0.0896 11  DC  A "O4'" 
214 C  "C3'" . DC  A 11 ? 0.7382 0.7360 0.7655 0.0334  0.0055  -0.0710 11  DC  A "C3'" 
215 O  "O3'" . DC  A 11 ? 0.8530 0.8665 0.8773 0.0336  0.0084  -0.0713 11  DC  A "O3'" 
216 C  "C2'" . DC  A 11 ? 0.8446 0.8409 0.8637 0.0266  0.0065  -0.0812 11  DC  A "C2'" 
217 C  "C1'" . DC  A 11 ? 0.8959 0.8872 0.9247 0.0318  0.0115  -0.0948 11  DC  A "C1'" 
218 N  N1    . DC  A 11 ? 1.1047 1.0826 1.1320 0.0270  0.0113  -0.1039 11  DC  A N1    
219 C  C2    . DC  A 11 ? 1.1416 1.1233 1.1626 0.0226  0.0163  -0.1198 11  DC  A C2    
220 O  O2    . DC  A 11 ? 1.1577 1.1543 1.1747 0.0229  0.0213  -0.1260 11  DC  A O2    
221 N  N3    . DC  A 11 ? 1.1240 1.0934 1.1426 0.0165  0.0160  -0.1289 11  DC  A N3    
222 C  C4    . DC  A 11 ? 1.0600 1.0146 1.0832 0.0150  0.0109  -0.1216 11  DC  A C4    
223 N  N4    . DC  A 11 ? 1.0815 1.0248 1.1020 0.0075  0.0107  -0.1311 11  DC  A N4    
224 C  C5    . DC  A 11 ? 1.0158 0.9674 1.0456 0.0197  0.0061  -0.1048 11  DC  A C5    
225 C  C6    . DC  A 11 ? 1.1155 1.0787 1.1465 0.0255  0.0065  -0.0969 11  DC  A C6    
226 P  P     . DG  A 12 ? 0.8528 0.8724 0.8749 0.0333  0.0061  -0.0589 12  DG  A P     
227 O  OP1   . DG  A 12 ? 0.8915 0.9277 0.9105 0.0319  0.0101  -0.0621 12  DG  A OP1   
228 O  OP2   . DG  A 12 ? 0.8308 0.8428 0.8640 0.0392  0.0031  -0.0514 12  DG  A OP2   
229 O  "O5'" . DG  A 12 ? 0.6116 0.6268 0.6208 0.0259  0.0033  -0.0524 12  DG  A "O5'" 
230 C  "C5'" . DG  A 12 ? 0.4444 0.4665 0.4413 0.0196  0.0043  -0.0545 12  DG  A "C5'" 
231 C  "C4'" . DG  A 12 ? 0.3203 0.3454 0.3094 0.0162  0.0038  -0.0456 12  DG  A "C4'" 
232 O  "O4'" . DG  A 12 ? 0.3402 0.3559 0.3287 0.0157  0.0005  -0.0379 12  DG  A "O4'" 
233 C  "C3'" . DG  A 12 ? 0.3560 0.3863 0.3496 0.0187  0.0055  -0.0425 12  DG  A "C3'" 
234 O  "O3'" . DG  A 12 ? 0.4209 0.4585 0.4046 0.0130  0.0075  -0.0405 12  DG  A "O3'" 
235 C  "C2'" . DG  A 12 ? 0.3796 0.4003 0.3763 0.0203  0.0026  -0.0343 12  DG  A "C2'" 
236 C  "C1'" . DG  A 12 ? 0.3514 0.3655 0.3407 0.0165  0.0011  -0.0314 12  DG  A "C1'" 
237 N  N9    . DG  A 12 ? 0.2925 0.2980 0.2860 0.0178  -0.0009 -0.0260 12  DG  A N9    
238 C  C8    . DG  A 12 ? 0.3197 0.3190 0.3204 0.0196  -0.0030 -0.0270 12  DG  A C8    
239 N  N7    . DG  A 12 ? 0.3043 0.2986 0.3072 0.0191  -0.0036 -0.0213 12  DG  A N7    
240 C  C5    . DG  A 12 ? 0.2972 0.2929 0.2938 0.0176  -0.0016 -0.0172 12  DG  A C5    
241 C  C6    . DG  A 12 ? 0.3106 0.3028 0.3067 0.0165  0.0000  -0.0121 12  DG  A C6    
242 O  O6    . DG  A 12 ? 0.2912 0.2802 0.2924 0.0166  0.0001  -0.0096 12  DG  A O6    
243 N  N1    . DG  A 12 ? 0.2795 0.2718 0.2683 0.0147  0.0028  -0.0108 12  DG  A N1    
244 C  C2    . DG  A 12 ? 0.3126 0.3089 0.2951 0.0130  0.0033  -0.0130 12  DG  A C2    
245 N  N2    . DG  A 12 ? 0.3172 0.3108 0.2926 0.0098  0.0062  -0.0112 12  DG  A N2    
246 N  N3    . DG  A 12 ? 0.2920 0.2944 0.2753 0.0135  0.0020  -0.0173 12  DG  A N3    
247 C  C4    . DG  A 12 ? 0.2993 0.3008 0.2900 0.0163  -0.0003 -0.0197 12  DG  A C4    
248 P  P     . DG  A 13 ? 0.4310 0.4795 0.4173 0.0121  0.0097  -0.0393 13  DG  A P     
249 O  OP1   . DG  A 13 ? 0.4715 0.5305 0.4486 0.0056  0.0134  -0.0424 13  DG  A OP1   
250 O  OP2   . DG  A 13 ? 0.4530 0.5061 0.4541 0.0196  0.0090  -0.0411 13  DG  A OP2   
251 O  "O5'" . DG  A 13 ? 0.3907 0.4303 0.3716 0.0092  0.0082  -0.0305 13  DG  A "O5'" 
252 C  "C5'" . DG  A 13 ? 0.3504 0.3830 0.3193 0.0032  0.0089  -0.0266 13  DG  A "C5'" 
253 C  "C4'" . DG  A 13 ? 0.3365 0.3641 0.3014 -0.0004 0.0099  -0.0218 13  DG  A "C4'" 
254 O  "O4'" . DG  A 13 ? 0.3384 0.3551 0.3065 0.0031  0.0083  -0.0183 13  DG  A "O4'" 
255 C  "C3'" . DG  A 13 ? 0.3149 0.3545 0.2836 -0.0020 0.0107  -0.0228 13  DG  A "C3'" 
256 O  "O3'" . DG  A 13 ? 0.3538 0.3906 0.3127 -0.0101 0.0130  -0.0206 13  DG  A "O3'" 
257 C  "C2'" . DG  A 13 ? 0.3225 0.3590 0.2996 0.0035  0.0077  -0.0203 13  DG  A "C2'" 
258 C  "C1'" . DG  A 13 ? 0.3360 0.3566 0.3078 0.0032  0.0080  -0.0170 13  DG  A "C1'" 
259 N  N9    . DG  A 13 ? 0.3036 0.3186 0.2827 0.0082  0.0057  -0.0151 13  DG  A N9    
260 C  C8    . DG  A 13 ? 0.3197 0.3359 0.3078 0.0139  0.0032  -0.0169 13  DG  A C8    
261 N  N7    . DG  A 13 ? 0.3077 0.3164 0.2999 0.0160  0.0017  -0.0140 13  DG  A N7    
262 C  C5    . DG  A 13 ? 0.2906 0.2945 0.2761 0.0120  0.0039  -0.0107 13  DG  A C5    
263 C  C6    . DG  A 13 ? 0.2837 0.2812 0.2698 0.0114  0.0046  -0.0073 13  DG  A C6    
264 O  O6    . DG  A 13 ? 0.2967 0.2911 0.2890 0.0135  0.0028  -0.0054 13  DG  A O6    
265 N  N1    . DG  A 13 ? 0.2864 0.2806 0.2650 0.0071  0.0087  -0.0068 13  DG  A N1    
266 C  C2    . DG  A 13 ? 0.3263 0.3208 0.2972 0.0033  0.0112  -0.0087 13  DG  A C2    
267 N  N2    . DG  A 13 ? 0.3250 0.3128 0.2892 -0.0007 0.0159  -0.0093 13  DG  A N2    
268 N  N3    . DG  A 13 ? 0.3274 0.3279 0.2969 0.0029  0.0099  -0.0107 13  DG  A N3    
269 C  C4    . DG  A 13 ? 0.3127 0.3189 0.2901 0.0076  0.0065  -0.0117 13  DG  A C4    
270 P  P     A DA  A 14 ? 0.3525 0.4048 0.3122 -0.0157 0.0137  -0.0217 14  DA  A P     
271 P  P     B DA  A 14 ? 0.3478 0.3983 0.3072 -0.0157 0.0135  -0.0211 14  DA  A P     
272 O  OP1   A DA  A 14 ? 0.3602 0.4107 0.3081 -0.0262 0.0173  -0.0218 14  DA  A OP1   
273 O  OP1   B DA  A 14 ? 0.3617 0.4056 0.3083 -0.0260 0.0169  -0.0204 14  DA  A OP1   
274 O  OP2   A DA  A 14 ? 0.3654 0.4353 0.3386 -0.0096 0.0119  -0.0247 14  DA  A OP2   
275 O  OP2   B DA  A 14 ? 0.3350 0.4053 0.3054 -0.0121 0.0127  -0.0246 14  DA  A OP2   
276 O  "O5'" A DA  A 14 ? 0.3498 0.3965 0.3087 -0.0166 0.0122  -0.0185 14  DA  A "O5'" 
277 O  "O5'" B DA  A 14 ? 0.3233 0.3705 0.2863 -0.0131 0.0108  -0.0179 14  DA  A "O5'" 
278 C  "C5'" A DA  A 14 ? 0.3522 0.3810 0.3020 -0.0196 0.0146  -0.0169 14  DA  A "C5'" 
279 C  "C5'" B DA  A 14 ? 0.3192 0.3505 0.2739 -0.0160 0.0126  -0.0159 14  DA  A "C5'" 
280 C  "C4'" A DA  A 14 ? 0.3288 0.3554 0.2799 -0.0186 0.0133  -0.0148 14  DA  A "C4'" 
281 C  "C4'" B DA  A 14 ? 0.3288 0.3608 0.2874 -0.0134 0.0100  -0.0131 14  DA  A "C4'" 
282 O  "O4'" A DA  A 14 ? 0.3772 0.4028 0.3382 -0.0095 0.0101  -0.0128 14  DA  A "O4'" 
283 O  "O4'" B DA  A 14 ? 0.3149 0.3454 0.2841 -0.0041 0.0070  -0.0117 14  DA  A "O4'" 
284 C  "C3'" A DA  A 14 ? 0.3678 0.4101 0.3191 -0.0235 0.0108  -0.0140 14  DA  A "C3'" 
285 C  "C3'" B DA  A 14 ? 0.3165 0.3659 0.2779 -0.0166 0.0068  -0.0114 14  DA  A "C3'" 
286 O  "O3'" A DA  A 14 ? 0.3726 0.4079 0.3134 -0.0311 0.0134  -0.0144 14  DA  A "O3'" 
287 O  "O3'" B DA  A 14 ? 0.3076 0.3541 0.2612 -0.0223 0.0069  -0.0093 14  DA  A "O3'" 
288 C  "C2'" A DA  A 14 ? 0.3381 0.3887 0.3022 -0.0146 0.0056  -0.0104 14  DA  A "C2'" 
289 C  "C2'" B DA  A 14 ? 0.3050 0.3621 0.2810 -0.0065 0.0019  -0.0090 14  DA  A "C2'" 
290 C  "C1'" A DA  A 14 ? 0.3511 0.3852 0.3164 -0.0086 0.0066  -0.0098 14  DA  A "C1'" 
291 C  "C1'" B DA  A 14 ? 0.3023 0.3426 0.2792 -0.0012 0.0027  -0.0085 14  DA  A "C1'" 
292 N  N9    A DA  A 14 ? 0.3351 0.3705 0.3126 0.0005  0.0029  -0.0083 14  DA  A N9    
293 N  N9    B DA  A 14 ? 0.2519 0.2929 0.2411 0.0078  0.0001  -0.0090 14  DA  A N9    
294 C  C8    A DA  A 14 ? 0.3042 0.3489 0.2918 0.0060  0.0011  -0.0106 14  DA  A C8    
295 C  C8    B DA  A 14 ? 0.2830 0.3342 0.2806 0.0120  -0.0002 -0.0130 14  DA  A C8    
296 N  N7    A DA  A 14 ? 0.3146 0.3548 0.3117 0.0135  -0.0014 -0.0098 14  DA  A N7    
297 N  N7    B DA  A 14 ? 0.3143 0.3615 0.3220 0.0198  -0.0018 -0.0144 14  DA  A N7    
298 C  C5    A DA  A 14 ? 0.3095 0.3383 0.3024 0.0121  -0.0016 -0.0057 14  DA  A C5    
299 C  C5    B DA  A 14 ? 0.2915 0.3254 0.2972 0.0201  -0.0033 -0.0099 14  DA  A C5    
300 C  C6    A DA  A 14 ? 0.3407 0.3600 0.3390 0.0160  -0.0037 -0.0027 14  DA  A C6    
301 C  C6    B DA  A 14 ? 0.3300 0.3535 0.3426 0.0252  -0.0052 -0.0089 14  DA  A C6    
302 N  N6    A DA  A 14 ? 0.3203 0.3377 0.3295 0.0228  -0.0061 -0.0036 14  DA  A N6    
303 N  N6    B DA  A 14 ? 0.3357 0.3583 0.3589 0.0318  -0.0059 -0.0133 14  DA  A N6    
304 N  N1    A DA  A 14 ? 0.3587 0.3708 0.3509 0.0121  -0.0022 0.0008  14  DA  A N1    
305 N  N1    B DA  A 14 ? 0.3268 0.3405 0.3352 0.0225  -0.0057 -0.0039 14  DA  A N1    
306 C  C2    A DA  A 14 ? 0.3598 0.3723 0.3415 0.0055  0.0013  0.0000  14  DA  A C2    
307 C  C2    B DA  A 14 ? 0.3294 0.3437 0.3276 0.0161  -0.0036 -0.0014 14  DA  A C2    
308 N  N3    A DA  A 14 ? 0.3595 0.3774 0.3348 0.0014  0.0034  -0.0030 14  DA  A N3    
309 N  N3    B DA  A 14 ? 0.2811 0.3024 0.2716 0.0110  -0.0015 -0.0030 14  DA  A N3    
310 C  C4    A DA  A 14 ? 0.3143 0.3409 0.2956 0.0046  0.0014  -0.0051 14  DA  A C4    
311 C  C4    B DA  A 14 ? 0.3182 0.3493 0.3128 0.0130  -0.0018 -0.0067 14  DA  A C4    
312 O  "O5'" . DG  B 1  ? 0.3861 0.3658 0.4152 0.0225  0.0464  -0.0111 1   DG  B "O5'" 
313 C  "C5'" . DG  B 1  ? 0.3384 0.3085 0.3549 0.0184  0.0536  -0.0166 1   DG  B "C5'" 
314 C  "C4'" . DG  B 1  ? 0.3582 0.3147 0.3717 0.0221  0.0538  -0.0170 1   DG  B "C4'" 
315 O  "O4'" . DG  B 1  ? 0.3644 0.3199 0.3706 0.0208  0.0446  -0.0124 1   DG  B "O4'" 
316 C  "C3'" . DG  B 1  ? 0.4221 0.3757 0.4519 0.0320  0.0550  -0.0148 1   DG  B "C3'" 
317 O  "O3'" . DG  B 1  ? 0.4541 0.3905 0.4789 0.0332  0.0611  -0.0183 1   DG  B "O3'" 
318 C  "C2'" . DG  B 1  ? 0.3603 0.3188 0.3931 0.0348  0.0432  -0.0068 1   DG  B "C2'" 
319 C  "C1'" . DG  B 1  ? 0.3859 0.3390 0.4004 0.0276  0.0399  -0.0074 1   DG  B "C1'" 
320 N  N9    . DG  B 1  ? 0.3418 0.3026 0.3538 0.0262  0.0303  -0.0032 1   DG  B N9    
321 C  C8    . DG  B 1  ? 0.3309 0.2881 0.3332 0.0241  0.0254  -0.0010 1   DG  B C8    
322 N  N7    . DG  B 1  ? 0.3439 0.3099 0.3458 0.0229  0.0187  0.0005  1   DG  B N7    
323 C  C5    . DG  B 1  ? 0.3080 0.2822 0.3192 0.0237  0.0185  -0.0001 1   DG  B C5    
324 C  C6    . DG  B 1  ? 0.3001 0.2827 0.3147 0.0225  0.0131  0.0002  1   DG  B C6    
325 O  O6    . DG  B 1  ? 0.2915 0.2765 0.3019 0.0210  0.0077  -0.0001 1   DG  B O6    
326 N  N1    . DG  B 1  ? 0.2879 0.2759 0.3117 0.0222  0.0151  0.0000  1   DG  B N1    
327 C  C2    . DG  B 1  ? 0.2990 0.2868 0.3282 0.0234  0.0223  -0.0010 1   DG  B C2    
328 N  N2    . DG  B 1  ? 0.3025 0.2982 0.3402 0.0216  0.0241  -0.0011 1   DG  B N2    
329 N  N3    . DG  B 1  ? 0.3037 0.2839 0.3303 0.0254  0.0283  -0.0028 1   DG  B N3    
330 C  C4    . DG  B 1  ? 0.3254 0.2978 0.3426 0.0253  0.0256  -0.0019 1   DG  B C4    
331 P  P     . DG  B 2  ? 0.4750 0.4026 0.5169 0.0444  0.0651  -0.0170 2   DG  B P     
332 O  OP1   . DG  B 2  ? 0.5911 0.4984 0.6230 0.0418  0.0744  -0.0243 2   DG  B OP1   
333 O  OP2   . DG  B 2  ? 0.4645 0.4073 0.5268 0.0510  0.0677  -0.0171 2   DG  B OP2   
334 O  "O5'" . DG  B 2  ? 0.4186 0.3445 0.4620 0.0485  0.0531  -0.0060 2   DG  B "O5'" 
335 C  "C5'" . DG  B 2  ? 0.4374 0.3512 0.4640 0.0429  0.0497  -0.0041 2   DG  B "C5'" 
336 C  "C4'" . DG  B 2  ? 0.4618 0.3808 0.4898 0.0453  0.0381  0.0062  2   DG  B "C4'" 
337 O  "O4'" . DG  B 2  ? 0.4470 0.3839 0.4732 0.0414  0.0314  0.0068  2   DG  B "O4'" 
338 C  "C3'" . DG  B 2  ? 0.4728 0.3945 0.5202 0.0564  0.0342  0.0145  2   DG  B "C3'" 
339 O  "O3'" . DG  B 2  ? 0.6133 0.5233 0.6551 0.0574  0.0286  0.0231  2   DG  B "O3'" 
340 C  "C2'" . DG  B 2  ? 0.4163 0.3605 0.4712 0.0564  0.0260  0.0177  2   DG  B "C2'" 
341 C  "C1'" . DG  B 2  ? 0.4476 0.3939 0.4834 0.0463  0.0226  0.0150  2   DG  B "C1'" 
342 N  N9    . DG  B 2  ? 0.3808 0.3441 0.4188 0.0432  0.0176  0.0139  2   DG  B N9    
343 C  C8    . DG  B 2  ? 0.4223 0.3975 0.4724 0.0444  0.0197  0.0112  2   DG  B C8    
344 N  N7    . DG  B 2  ? 0.3656 0.3516 0.4139 0.0399  0.0141  0.0109  2   DG  B N7    
345 C  C5    . DG  B 2  ? 0.3366 0.3187 0.3712 0.0362  0.0086  0.0124  2   DG  B C5    
346 C  C6    . DG  B 2  ? 0.3187 0.3074 0.3463 0.0313  0.0024  0.0112  2   DG  B C6    
347 O  O6    . DG  B 2  ? 0.3447 0.3417 0.3764 0.0288  0.0001  0.0090  2   DG  B O6    
348 N  N1    . DG  B 2  ? 0.3427 0.3264 0.3572 0.0286  -0.0002 0.0122  2   DG  B N1    
349 C  C2    . DG  B 2  ? 0.3629 0.3357 0.3711 0.0294  0.0021  0.0152  2   DG  B C2    
350 N  N2    . DG  B 2  ? 0.3698 0.3408 0.3649 0.0248  -0.0006 0.0161  2   DG  B N2    
351 N  N3    . DG  B 2  ? 0.3883 0.3518 0.4027 0.0339  0.0073  0.0167  2   DG  B N3    
352 C  C4    . DG  B 2  ? 0.3724 0.3417 0.4002 0.0377  0.0107  0.0147  2   DG  B C4    
353 P  P     . DC  B 3  ? 0.7614 0.6477 0.8093 0.0644  0.0344  0.0257  3   DC  B P     
354 O  OP1   . DC  B 3  ? 0.5934 0.4618 0.6259 0.0565  0.0443  0.0156  3   DC  B OP1   
355 O  OP2   . DC  B 3  ? 0.6215 0.5150 0.6954 0.0774  0.0360  0.0280  3   DC  B OP2   
356 O  "O5'" . DC  B 3  ? 0.8777 0.7571 0.9177 0.0635  0.0242  0.0389  3   DC  B "O5'" 
357 C  "C5'" . DC  B 3  ? 0.7932 0.6853 0.8459 0.0707  0.0136  0.0513  3   DC  B "C5'" 
358 C  "C4'" . DC  B 3  ? 0.7975 0.6875 0.8337 0.0638  0.0040  0.0616  3   DC  B "C4'" 
359 O  "O4'" . DC  B 3  ? 0.8675 0.7301 0.8931 0.0614  0.0083  0.0646  3   DC  B "O4'" 
360 C  "C3'" . DC  B 3  ? 0.9052 0.8076 0.9223 0.0514  0.0017  0.0556  3   DC  B "C3'" 
361 O  "O3'" . DC  B 3  ? 1.1044 1.0180 1.1145 0.0479  -0.0094 0.0653  3   DC  B "O3'" 
362 C  "C2'" . DC  B 3  ? 0.9139 0.7970 0.9135 0.0430  0.0091  0.0501  3   DC  B "C2'" 
363 C  "C1'" . DC  B 3  ? 0.9784 0.8388 0.9806 0.0477  0.0090  0.0604  3   DC  B "C1'" 
364 N  N1    . DC  B 3  ? 1.1235 0.9583 1.1170 0.0432  0.0195  0.0536  3   DC  B N1    
365 C  C2    . DC  B 3  ? 1.1623 0.9805 1.1382 0.0340  0.0187  0.0590  3   DC  B C2    
366 O  O2    . DC  B 3  ? 1.2208 1.0466 1.1882 0.0298  0.0097  0.0696  3   DC  B O2    
367 N  N3    . DC  B 3  ? 1.0972 0.8922 1.0650 0.0283  0.0283  0.0520  3   DC  B N3    
368 C  C4    . DC  B 3  ? 1.0769 0.8656 1.0524 0.0316  0.0383  0.0396  3   DC  B C4    
369 N  N4    . DC  B 3  ? 1.1228 0.8885 1.0884 0.0243  0.0476  0.0318  3   DC  B N4    
370 C  C5    . DC  B 3  ? 1.0947 0.9008 1.0873 0.0412  0.0396  0.0341  3   DC  B C5    
371 C  C6    . DC  B 3  ? 1.1670 0.9956 1.1685 0.0466  0.0300  0.0416  3   DC  B C6    
372 P  P     . DT  B 4  ? 1.1110 1.0512 1.1314 0.0500  -0.0181 0.0673  4   DT  B P     
373 O  OP1   . DT  B 4  ? 1.1014 1.0467 1.1218 0.0513  -0.0294 0.0824  4   DT  B OP1   
374 O  OP2   . DT  B 4  ? 1.1642 1.1110 1.2048 0.0578  -0.0131 0.0610  4   DT  B OP2   
375 O  "O5'" . DT  B 4  ? 0.9839 0.9354 0.9878 0.0389  -0.0182 0.0576  4   DT  B "O5'" 
376 C  "C5'" . DT  B 4  ? 0.6409 0.5921 0.6441 0.0367  -0.0101 0.0452  4   DT  B "C5'" 
377 C  "C4'" . DT  B 4  ? 0.4968 0.4658 0.5093 0.0373  -0.0125 0.0400  4   DT  B "C4'" 
378 O  "O4'" . DT  B 4  ? 0.5481 0.5170 0.5774 0.0442  -0.0071 0.0373  4   DT  B "O4'" 
379 C  "C3'" . DT  B 4  ? 0.4689 0.4544 0.4860 0.0372  -0.0230 0.0467  4   DT  B "C3'" 
380 O  "O3'" . DT  B 4  ? 0.4991 0.4944 0.5049 0.0292  -0.0258 0.0406  4   DT  B "O3'" 
381 C  "C2'" . DT  B 4  ? 0.4337 0.4297 0.4726 0.0442  -0.0230 0.0468  4   DT  B "C2'" 
382 C  "C1'" . DT  B 4  ? 0.4910 0.4779 0.5321 0.0453  -0.0121 0.0374  4   DT  B "C1'" 
383 N  N1    . DT  B 4  ? 0.5364 0.5259 0.5975 0.0534  -0.0075 0.0376  4   DT  B N1    
384 C  C2    . DT  B 4  ? 0.4226 0.4235 0.4930 0.0523  -0.0046 0.0315  4   DT  B C2    
385 O  O2    . DT  B 4  ? 0.3851 0.3923 0.4483 0.0453  -0.0064 0.0266  4   DT  B O2    
386 N  N3    . DT  B 4  ? 0.5661 0.5708 0.6556 0.0597  0.0009  0.0314  4   DT  B N3    
387 C  C4    . DT  B 4  ? 0.5590 0.5559 0.6605 0.0694  0.0041  0.0360  4   DT  B C4    
388 O  O4    . DT  B 4  ? 0.6992 0.7014 0.8196 0.0763  0.0102  0.0341  4   DT  B O4    
389 C  C5    . DT  B 4  ? 0.5661 0.5479 0.6571 0.0706  0.0001  0.0430  4   DT  B C5    
390 C  C7    . DT  B 4  ? 0.5795 0.5478 0.6825 0.0812  0.0030  0.0492  4   DT  B C7    
391 C  C6    . DT  B 4  ? 0.5789 0.5582 0.6495 0.0619  -0.0055 0.0438  4   DT  B C6    
392 P  P     . DC  B 5  ? 0.5430 0.5518 0.5406 0.0236  -0.0360 0.0459  5   DC  B P     
393 O  OP1   . DC  B 5  ? 0.5778 0.5778 0.5588 0.0193  -0.0366 0.0515  5   DC  B OP1   
394 O  OP2   . DC  B 5  ? 0.5051 0.5270 0.5189 0.0282  -0.0433 0.0529  5   DC  B OP2   
395 O  "O5'" . DC  B 5  ? 0.4766 0.4944 0.4676 0.0166  -0.0352 0.0339  5   DC  B "O5'" 
396 C  "C5'" . DC  B 5  ? 0.4497 0.4627 0.4261 0.0111  -0.0305 0.0265  5   DC  B "C5'" 
397 C  "C4'" . DC  B 5  ? 0.3645 0.3848 0.3408 0.0074  -0.0297 0.0153  5   DC  B "C4'" 
398 O  "O4'" . DC  B 5  ? 0.3568 0.3733 0.3460 0.0119  -0.0255 0.0114  5   DC  B "O4'" 
399 C  "C3'" . DC  B 5  ? 0.3444 0.3782 0.3204 0.0027  -0.0371 0.0144  5   DC  B "C3'" 
400 O  "O3'" . DC  B 5  ? 0.4075 0.4443 0.3755 -0.0029 -0.0350 0.0030  5   DC  B "O3'" 
401 C  "C2'" . DC  B 5  ? 0.3520 0.3891 0.3460 0.0072  -0.0384 0.0155  5   DC  B "C2'" 
402 C  "C1'" . DC  B 5  ? 0.3473 0.3732 0.3463 0.0112  -0.0298 0.0102  5   DC  B "C1'" 
403 N  N1    . DC  B 5  ? 0.3176 0.3420 0.3323 0.0173  -0.0274 0.0140  5   DC  B N1    
404 C  C2    . DC  B 5  ? 0.3503 0.3816 0.3766 0.0163  -0.0283 0.0112  5   DC  B C2    
405 O  O2    . DC  B 5  ? 0.3834 0.4197 0.4065 0.0105  -0.0315 0.0055  5   DC  B O2    
406 N  N3    . DC  B 5  ? 0.3220 0.3541 0.3624 0.0211  -0.0249 0.0140  5   DC  B N3    
407 C  C4    . DC  B 5  ? 0.3128 0.3378 0.3560 0.0272  -0.0204 0.0182  5   DC  B C4    
408 N  N4    . DC  B 5  ? 0.3400 0.3673 0.3976 0.0316  -0.0158 0.0192  5   DC  B N4    
409 C  C5    . DC  B 5  ? 0.3746 0.3897 0.4059 0.0282  -0.0197 0.0210  5   DC  B C5    
410 C  C6    . DC  B 5  ? 0.3459 0.3617 0.3630 0.0228  -0.0235 0.0193  5   DC  B C6    
411 P  P     . DG  B 6  ? 0.4285 0.4706 0.3777 -0.0107 -0.0354 -0.0002 6   DG  B P     
412 O  OP1   . DG  B 6  ? 0.4777 0.5284 0.4202 -0.0146 -0.0436 0.0104  6   DG  B OP1   
413 O  OP2   . DG  B 6  ? 0.4658 0.5106 0.4124 -0.0146 -0.0320 -0.0144 6   DG  B OP2   
414 O  "O5'" . DG  B 6  ? 0.4253 0.4579 0.3685 -0.0088 -0.0292 0.0026  6   DG  B "O5'" 
415 C  "C5'" . DG  B 6  ? 0.4157 0.4438 0.3600 -0.0073 -0.0217 -0.0064 6   DG  B "C5'" 
416 C  "C4'" . DG  B 6  ? 0.3747 0.3965 0.3124 -0.0076 -0.0176 -0.0018 6   DG  B "C4'" 
417 O  "O4'" . DG  B 6  ? 0.3620 0.3731 0.3077 -0.0020 -0.0175 0.0063  6   DG  B "O4'" 
418 C  "C3'" . DG  B 6  ? 0.3655 0.3869 0.3033 -0.0075 -0.0105 -0.0101 6   DG  B "C3'" 
419 O  "O3'" . DG  B 6  ? 0.4100 0.4309 0.3366 -0.0125 -0.0077 -0.0066 6   DG  B "O3'" 
420 C  "C2'" . DG  B 6  ? 0.3544 0.3667 0.3046 -0.0007 -0.0086 -0.0087 6   DG  B "C2'" 
421 C  "C1'" . DG  B 6  ? 0.3494 0.3541 0.3001 0.0008  -0.0113 0.0020  6   DG  B "C1'" 
422 N  N9    . DG  B 6  ? 0.3431 0.3420 0.3067 0.0071  -0.0112 0.0042  6   DG  B N9    
423 C  C8    . DG  B 6  ? 0.3488 0.3377 0.3162 0.0105  -0.0085 0.0095  6   DG  B C8    
424 N  N7    . DG  B 6  ? 0.3295 0.3172 0.3088 0.0152  -0.0078 0.0094  6   DG  B N7    
425 C  C5    . DG  B 6  ? 0.3272 0.3240 0.3106 0.0144  -0.0110 0.0049  6   DG  B C5    
426 C  C6    . DG  B 6  ? 0.3247 0.3246 0.3199 0.0167  -0.0116 0.0031  6   DG  B C6    
427 O  O6    . DG  B 6  ? 0.3334 0.3309 0.3381 0.0202  -0.0091 0.0054  6   DG  B O6    
428 N  N1    . DG  B 6  ? 0.3383 0.3445 0.3334 0.0137  -0.0147 -0.0022 6   DG  B N1    
429 C  C2    . DG  B 6  ? 0.3125 0.3226 0.2977 0.0097  -0.0162 -0.0068 6   DG  B C2    
430 N  N2    . DG  B 6  ? 0.3575 0.3717 0.3444 0.0070  -0.0181 -0.0135 6   DG  B N2    
431 N  N3    . DG  B 6  ? 0.3335 0.3433 0.3079 0.0074  -0.0151 -0.0055 6   DG  B N3    
432 C  C4    . DG  B 6  ? 0.3533 0.3559 0.3273 0.0098  -0.0129 0.0010  6   DG  B C4    
433 P  P     . DG  B 7  ? 0.4115 0.4374 0.3364 -0.0147 -0.0010 -0.0138 7   DG  B P     
434 O  OP1   . DG  B 7  ? 0.4931 0.5209 0.4042 -0.0230 0.0006  -0.0091 7   DG  B OP1   
435 O  OP2   . DG  B 7  ? 0.4286 0.4641 0.3596 -0.0127 0.0011  -0.0253 7   DG  B OP2   
436 O  "O5'" . DG  B 7  ? 0.3845 0.4004 0.3187 -0.0097 0.0013  -0.0116 7   DG  B "O5'" 
437 C  "C5'" . DG  B 7  ? 0.3590 0.3628 0.2894 -0.0108 0.0017  -0.0032 7   DG  B "C5'" 
438 C  "C4'" . DG  B 7  ? 0.3371 0.3332 0.2765 -0.0061 0.0040  -0.0038 7   DG  B "C4'" 
439 O  "O4'" . DG  B 7  ? 0.3670 0.3604 0.3165 0.0004  0.0010  -0.0029 7   DG  B "O4'" 
440 C  "C3'" . DG  B 7  ? 0.3525 0.3568 0.2963 -0.0059 0.0071  -0.0109 7   DG  B "C3'" 
441 O  "O3'" . DG  B 7  ? 0.3714 0.3705 0.3126 -0.0091 0.0105  -0.0098 7   DG  B "O3'" 
442 C  "C2'" . DG  B 7  ? 0.3113 0.3152 0.2666 0.0009  0.0050  -0.0130 7   DG  B "C2'" 
443 C  "C1'" . DG  B 7  ? 0.3325 0.3260 0.2894 0.0033  0.0033  -0.0069 7   DG  B "C1'" 
444 N  N9    . DG  B 7  ? 0.3064 0.3002 0.2734 0.0081  0.0009  -0.0075 7   DG  B N9    
445 C  C8    . DG  B 7  ? 0.3311 0.3311 0.3030 0.0094  -0.0014 -0.0122 7   DG  B C8    
446 N  N7    . DG  B 7  ? 0.3130 0.3107 0.2937 0.0124  -0.0028 -0.0114 7   DG  B N7    
447 C  C5    . DG  B 7  ? 0.3210 0.3123 0.3032 0.0137  -0.0008 -0.0065 7   DG  B C5    
448 C  C6    . DG  B 7  ? 0.3385 0.3274 0.3295 0.0163  0.0000  -0.0042 7   DG  B C6    
449 O  O6    . DG  B 7  ? 0.3218 0.3132 0.3204 0.0171  -0.0018 -0.0051 7   DG  B O6    
450 N  N1    . DG  B 7  ? 0.3113 0.2935 0.3016 0.0173  0.0038  -0.0011 7   DG  B N1    
451 C  C2    . DG  B 7  ? 0.3175 0.2937 0.2992 0.0154  0.0062  0.0001  7   DG  B C2    
452 N  N2    . DG  B 7  ? 0.3263 0.2936 0.3090 0.0167  0.0107  0.0018  7   DG  B N2    
453 N  N3    . DG  B 7  ? 0.3235 0.3022 0.2965 0.0118  0.0050  -0.0010 7   DG  B N3    
454 C  C4    . DG  B 7  ? 0.3102 0.2977 0.2842 0.0114  0.0016  -0.0044 7   DG  B C4    
455 P  P     . DC  B 8  ? 0.3770 0.3815 0.3087 -0.0179 0.0138  -0.0106 8   DC  B P     
456 O  OP1   . DC  B 8  ? 0.3959 0.3944 0.3172 -0.0227 0.0131  -0.0052 8   DC  B OP1   
457 O  OP2   . DC  B 8  ? 0.3596 0.3820 0.2965 -0.0178 0.0147  -0.0172 8   DC  B OP2   
458 O  "O5'" . DC  B 8  ? 0.3655 0.3600 0.2949 -0.0211 0.0169  -0.0096 8   DC  B "O5'" 
459 C  "C5'" . DC  B 8  ? 0.3470 0.3479 0.2826 -0.0198 0.0175  -0.0130 8   DC  B "C5'" 
460 C  "C4'" . DC  B 8  ? 0.3705 0.3625 0.2993 -0.0266 0.0212  -0.0130 8   DC  B "C4'" 
461 O  "O4'" . DC  B 8  ? 0.4001 0.3975 0.3207 -0.0364 0.0234  -0.0138 8   DC  B "O4'" 
462 C  "C3'" . DC  B 8  ? 0.3812 0.3516 0.3061 -0.0256 0.0235  -0.0098 8   DC  B "C3'" 
463 O  "O3'" . DC  B 8  ? 0.3847 0.3476 0.3068 -0.0292 0.0274  -0.0126 8   DC  B "O3'" 
464 C  "C2'" . DC  B 8  ? 0.3765 0.3397 0.2916 -0.0324 0.0248  -0.0066 8   DC  B "C2'" 
465 C  "C1'" . DC  B 8  ? 0.3744 0.3529 0.2852 -0.0417 0.0261  -0.0105 8   DC  B "C1'" 
466 N  N1    . DC  B 8  ? 0.3977 0.3815 0.3014 -0.0485 0.0264  -0.0086 8   DC  B N1    
467 C  C2    . DC  B 8  ? 0.4220 0.4085 0.3173 -0.0608 0.0298  -0.0099 8   DC  B C2    
468 O  O2    . DC  B 8  ? 0.5212 0.5050 0.4149 -0.0657 0.0320  -0.0132 8   DC  B O2    
469 N  N3    . DC  B 8  ? 0.4252 0.4181 0.3133 -0.0683 0.0306  -0.0079 8   DC  B N3    
470 C  C4    . DC  B 8  ? 0.4097 0.4070 0.2979 -0.0641 0.0282  -0.0050 8   DC  B C4    
471 N  N4    . DC  B 8  ? 0.5264 0.5313 0.4055 -0.0732 0.0298  -0.0031 8   DC  B N4    
472 C  C5    . DC  B 8  ? 0.3969 0.3917 0.2933 -0.0517 0.0243  -0.0042 8   DC  B C5    
473 C  C6    . DC  B 8  ? 0.3924 0.3807 0.2971 -0.0443 0.0235  -0.0059 8   DC  B C6    
474 P  P     . DG  B 9  ? 0.4006 0.3642 0.3297 -0.0236 0.0276  -0.0143 9   DG  B P     
475 O  OP1   . DG  B 9  ? 0.4455 0.3983 0.3672 -0.0298 0.0334  -0.0179 9   DG  B OP1   
476 O  OP2   . DG  B 9  ? 0.4016 0.3834 0.3372 -0.0210 0.0231  -0.0146 9   DG  B OP2   
477 O  "O5'" . DG  B 9  ? 0.4000 0.3559 0.3375 -0.0138 0.0261  -0.0107 9   DG  B "O5'" 
478 C  "C5'" . DG  B 9  ? 0.4083 0.3471 0.3455 -0.0118 0.0292  -0.0084 9   DG  B "C5'" 
479 C  "C4'" . DG  B 9  ? 0.3335 0.2675 0.2793 -0.0054 0.0320  -0.0095 9   DG  B "C4'" 
480 O  "O4'" . DG  B 9  ? 0.3520 0.2958 0.3083 0.0018  0.0269  -0.0064 9   DG  B "O4'" 
481 C  "C3'" . DG  B 9  ? 0.3674 0.3051 0.3103 -0.0097 0.0359  -0.0149 9   DG  B "C3'" 
482 O  "O3'" . DG  B 9  ? 0.3861 0.3119 0.3314 -0.0078 0.0428  -0.0180 9   DG  B "O3'" 
483 C  "C2'" . DG  B 9  ? 0.3549 0.3071 0.3056 -0.0054 0.0310  -0.0132 9   DG  B "C2'" 
484 C  "C1'" . DG  B 9  ? 0.3337 0.2838 0.2944 0.0026  0.0282  -0.0091 9   DG  B "C1'" 
485 N  N9    . DG  B 9  ? 0.3255 0.2874 0.2928 0.0059  0.0223  -0.0074 9   DG  B N9    
486 C  C8    . DG  B 9  ? 0.3353 0.3052 0.3011 0.0053  0.0173  -0.0069 9   DG  B C8    
487 N  N7    . DG  B 9  ? 0.3118 0.2888 0.2848 0.0086  0.0135  -0.0068 9   DG  B N7    
488 C  C5    . DG  B 9  ? 0.3200 0.2948 0.2991 0.0104  0.0158  -0.0062 9   DG  B C5    
489 C  C6    . DG  B 9  ? 0.3331 0.3121 0.3204 0.0126  0.0137  -0.0054 9   DG  B C6    
490 O  O6    . DG  B 9  ? 0.3113 0.2948 0.3025 0.0137  0.0092  -0.0055 9   DG  B O6    
491 N  N1    . DG  B 9  ? 0.3061 0.2830 0.2971 0.0126  0.0181  -0.0051 9   DG  B N1    
492 C  C2    . DG  B 9  ? 0.3119 0.2826 0.2997 0.0116  0.0245  -0.0068 9   DG  B C2    
493 N  N2    . DG  B 9  ? 0.3088 0.2798 0.3015 0.0118  0.0295  -0.0077 9   DG  B N2    
494 N  N3    . DG  B 9  ? 0.3156 0.2793 0.2955 0.0100  0.0264  -0.0080 9   DG  B N3    
495 C  C4    . DG  B 9  ? 0.2764 0.2431 0.2521 0.0091  0.0215  -0.0070 9   DG  B C4    
496 P  P     . DG  B 10 ? 0.4352 0.3630 0.3756 -0.0132 0.0489  -0.0245 10  DG  B P     
497 O  OP1   . DG  B 10 ? 0.4600 0.3700 0.3994 -0.0130 0.0579  -0.0296 10  DG  B OP1   
498 O  OP2   . DG  B 10 ? 0.4578 0.3968 0.3878 -0.0223 0.0461  -0.0258 10  DG  B OP2   
499 O  "O5'" . DG  B 10 ? 0.4183 0.3574 0.3695 -0.0070 0.0466  -0.0220 10  DG  B "O5'" 
500 C  "C5'" . DG  B 10 ? 0.4086 0.3440 0.3725 0.0012  0.0494  -0.0211 10  DG  B "C5'" 
501 C  "C4'" . DG  B 10 ? 0.3453 0.2890 0.3129 0.0004  0.0531  -0.0234 10  DG  B "C4'" 
502 O  "O4'" . DG  B 10 ? 0.3939 0.3504 0.3660 0.0016  0.0456  -0.0182 10  DG  B "O4'" 
503 C  "C3'" . DG  B 10 ? 0.3740 0.3188 0.3280 -0.0095 0.0585  -0.0291 10  DG  B "C3'" 
504 O  "O3'" . DG  B 10 ? 0.3915 0.3396 0.3496 -0.0094 0.0654  -0.0325 10  DG  B "O3'" 
505 C  "C2'" . DG  B 10 ? 0.3815 0.3391 0.3303 -0.0137 0.0500  -0.0240 10  DG  B "C2'" 
506 C  "C1'" . DG  B 10 ? 0.3615 0.3252 0.3240 -0.0060 0.0447  -0.0184 10  DG  B "C1'" 
507 N  N9    . DG  B 10 ? 0.3461 0.3168 0.3102 -0.0044 0.0355  -0.0133 10  DG  B N9    
508 C  C8    . DG  B 10 ? 0.3333 0.3037 0.2947 -0.0041 0.0311  -0.0125 10  DG  B C8    
509 N  N7    . DG  B 10 ? 0.3019 0.2796 0.2679 -0.0015 0.0243  -0.0091 10  DG  B N7    
510 C  C5    . DG  B 10 ? 0.2931 0.2736 0.2653 -0.0001 0.0236  -0.0068 10  DG  B C5    
511 C  C6    . DG  B 10 ? 0.2906 0.2754 0.2696 0.0025  0.0179  -0.0032 10  DG  B C6    
512 O  O6    . DG  B 10 ? 0.2970 0.2844 0.2791 0.0053  0.0128  -0.0025 10  DG  B O6    
513 N  N1    . DG  B 10 ? 0.2954 0.2808 0.2782 0.0013  0.0195  -0.0011 10  DG  B N1    
514 C  C2    . DG  B 10 ? 0.2850 0.2697 0.2658 -0.0017 0.0265  -0.0030 10  DG  B C2    
515 N  N2    . DG  B 10 ? 0.3078 0.2954 0.2927 -0.0037 0.0278  -0.0004 10  DG  B N2    
516 N  N3    . DG  B 10 ? 0.3174 0.2980 0.2927 -0.0031 0.0327  -0.0076 10  DG  B N3    
517 C  C4    . DG  B 10 ? 0.3113 0.2888 0.2822 -0.0023 0.0304  -0.0089 10  DG  B C4    
518 P  P     . DC  B 11 ? 0.4720 0.4091 0.4274 -0.0115 0.0785  -0.0427 11  DC  B P     
519 O  OP1   . DC  B 11 ? 0.5537 0.4771 0.5210 -0.0017 0.0811  -0.0431 11  DC  B OP1   
520 O  OP2   . DC  B 11 ? 0.5081 0.4439 0.4439 -0.0240 0.0812  -0.0482 11  DC  B OP2   
521 O  "O5'" . DC  B 11 ? 0.4639 0.4114 0.4266 -0.0108 0.0846  -0.0447 11  DC  B "O5'" 
522 C  "C5'" . DC  B 11 ? 0.4759 0.4374 0.4316 -0.0181 0.0813  -0.0412 11  DC  B "C5'" 
523 C  "C4'" . DC  B 11 ? 0.4632 0.4342 0.4309 -0.0156 0.0866  -0.0414 11  DC  B "C4'" 
524 O  "O4'" . DC  B 11 ? 0.4256 0.3925 0.3936 -0.0166 0.1008  -0.0525 11  DC  B "O4'" 
525 C  "C3'" . DC  B 11 ? 0.4357 0.4095 0.4245 -0.0040 0.0820  -0.0358 11  DC  B "C3'" 
526 O  "O3'" . DC  B 11 ? 0.5405 0.5280 0.5367 -0.0059 0.0821  -0.0325 11  DC  B "O3'" 
527 C  "C2'" . DC  B 11 ? 0.4394 0.4043 0.4399 0.0040  0.0912  -0.0428 11  DC  B "C2'" 
528 C  "C1'" . DC  B 11 ? 0.4144 0.3778 0.4037 -0.0041 0.1045  -0.0538 11  DC  B "C1'" 
529 N  N1    . DC  B 11 ? 0.4687 0.4144 0.4563 -0.0016 0.1137  -0.0635 11  DC  B N1    
530 C  C2    . DC  B 11 ? 0.4968 0.4373 0.5045 0.0099  0.1215  -0.0677 11  DC  B C2    
531 O  O2    . DC  B 11 ? 0.5182 0.4719 0.5451 0.0175  0.1203  -0.0633 11  DC  B O2    
532 N  N3    . DC  B 11 ? 0.5205 0.4415 0.5269 0.0126  0.1303  -0.0763 11  DC  B N3    
533 C  C4    . DC  B 11 ? 0.4572 0.3650 0.4421 0.0024  0.1314  -0.0814 11  DC  B C4    
534 N  N4    . DC  B 11 ? 0.4495 0.3354 0.4336 0.0043  0.1405  -0.0905 11  DC  B N4    
535 C  C5    . DC  B 11 ? 0.4420 0.3583 0.4064 -0.0102 0.1230  -0.0772 11  DC  B C5    
536 C  C6    . DC  B 11 ? 0.4145 0.3492 0.3816 -0.0109 0.1144  -0.0680 11  DC  B C6    
537 P  P     . DG  B 12 ? 0.4866 0.4811 0.4786 -0.0103 0.0709  -0.0227 12  DG  B P     
538 O  OP1   . DG  B 12 ? 0.5516 0.5575 0.5456 -0.0164 0.0755  -0.0217 12  DG  B OP1   
539 O  OP2   . DG  B 12 ? 0.4681 0.4580 0.4435 -0.0157 0.0647  -0.0204 12  DG  B OP2   
540 O  "O5'" . DG  B 12 ? 0.4769 0.4715 0.4850 -0.0008 0.0622  -0.0175 12  DG  B "O5'" 
541 C  "C5'" . DG  B 12 ? 0.3853 0.3888 0.4114 0.0039  0.0640  -0.0169 12  DG  B "C5'" 
542 C  "C4'" . DG  B 12 ? 0.3816 0.3917 0.4126 0.0017  0.0553  -0.0099 12  DG  B "C4'" 
543 O  "O4'" . DG  B 12 ? 0.3419 0.3466 0.3741 0.0066  0.0453  -0.0066 12  DG  B "O4'" 
544 C  "C3'" . DG  B 12 ? 0.4168 0.4270 0.4348 -0.0078 0.0529  -0.0059 12  DG  B "C3'" 
545 O  "O3'" . DG  B 12 ? 0.3792 0.3975 0.4062 -0.0113 0.0511  -0.0017 12  DG  B "O3'" 
546 C  "C2'" . DG  B 12 ? 0.3392 0.3410 0.3494 -0.0059 0.0433  -0.0026 12  DG  B "C2'" 
547 C  "C1'" . DG  B 12 ? 0.3123 0.3143 0.3354 0.0020  0.0384  -0.0025 12  DG  B "C1'" 
548 N  N9    . DG  B 12 ? 0.2983 0.2931 0.3160 0.0057  0.0322  -0.0023 12  DG  B N9    
549 C  C8    . DG  B 12 ? 0.3601 0.3487 0.3714 0.0082  0.0343  -0.0052 12  DG  B C8    
550 N  N7    . DG  B 12 ? 0.3139 0.2990 0.3214 0.0101  0.0279  -0.0042 12  DG  B N7    
551 C  C5    . DG  B 12 ? 0.3164 0.3050 0.3285 0.0097  0.0217  -0.0013 12  DG  B C5    
552 C  C6    . DG  B 12 ? 0.3053 0.2926 0.3166 0.0112  0.0147  -0.0008 12  DG  B C6    
553 O  O6    . DG  B 12 ? 0.2764 0.2617 0.2824 0.0129  0.0126  -0.0021 12  DG  B O6    
554 N  N1    . DG  B 12 ? 0.2668 0.2554 0.2840 0.0097  0.0110  0.0008  12  DG  B N1    
555 C  C2    . DG  B 12 ? 0.3038 0.2952 0.3265 0.0062  0.0132  0.0029  12  DG  B C2    
556 N  N2    . DG  B 12 ? 0.2896 0.2797 0.3169 0.0040  0.0090  0.0044  12  DG  B N2    
557 N  N3    . DG  B 12 ? 0.2739 0.2691 0.2973 0.0044  0.0198  0.0029  12  DG  B N3    
558 C  C4    . DG  B 12 ? 0.2839 0.2771 0.3020 0.0067  0.0239  0.0001  12  DG  B C4    
559 P  P     . DG  B 13 ? 0.3938 0.4121 0.4103 -0.0217 0.0492  0.0047  13  DG  B P     
560 O  OP1   . DG  B 13 ? 0.4406 0.4699 0.4676 -0.0266 0.0538  0.0056  13  DG  B OP1   
561 O  OP2   . DG  B 13 ? 0.4217 0.4366 0.4203 -0.0270 0.0512  0.0050  13  DG  B OP2   
562 O  "O5'" . DG  B 13 ? 0.4159 0.4255 0.4327 -0.0193 0.0373  0.0103  13  DG  B "O5'" 
563 C  "C5'" . DG  B 13 ? 0.3793 0.3901 0.4086 -0.0179 0.0325  0.0116  13  DG  B "C5'" 
564 C  "C4'" . DG  B 13 ? 0.3761 0.3766 0.4018 -0.0195 0.0239  0.0169  13  DG  B "C4'" 
565 O  "O4'" . DG  B 13 ? 0.3095 0.3032 0.3324 -0.0123 0.0184  0.0146  13  DG  B "O4'" 
566 C  "C3'" . DG  B 13 ? 0.3389 0.3346 0.3530 -0.0264 0.0232  0.0239  13  DG  B "C3'" 
567 O  "O3'" . DG  B 13 ? 0.3450 0.3328 0.3629 -0.0298 0.0177  0.0294  13  DG  B "O3'" 
568 C  "C2'" . DG  B 13 ? 0.3432 0.3336 0.3481 -0.0214 0.0195  0.0238  13  DG  B "C2'" 
569 C  "C1'" . DG  B 13 ? 0.3234 0.3100 0.3365 -0.0133 0.0148  0.0190  13  DG  B "C1'" 
570 N  N9    . DG  B 13 ? 0.3017 0.2878 0.3100 -0.0076 0.0140  0.0152  13  DG  B N9    
571 C  C8    . DG  B 13 ? 0.3067 0.2967 0.3085 -0.0075 0.0194  0.0117  13  DG  B C8    
572 N  N7    . DG  B 13 ? 0.3002 0.2883 0.2987 -0.0032 0.0172  0.0089  13  DG  B N7    
573 C  C5    . DG  B 13 ? 0.2568 0.2412 0.2605 0.0005  0.0105  0.0100  13  DG  B C5    
574 C  C6    . DG  B 13 ? 0.2709 0.2540 0.2744 0.0053  0.0066  0.0073  13  DG  B C6    
575 O  O6    . DG  B 13 ? 0.3132 0.2983 0.3115 0.0067  0.0078  0.0045  13  DG  B O6    
576 N  N1    . DG  B 13 ? 0.2909 0.2700 0.3010 0.0078  0.0017  0.0074  13  DG  B N1    
577 C  C2    . DG  B 13 ? 0.3258 0.3002 0.3416 0.0055  0.0001  0.0101  13  DG  B C2    
578 N  N2    . DG  B 13 ? 0.3069 0.2749 0.3283 0.0081  -0.0040 0.0083  13  DG  B N2    
579 N  N3    . DG  B 13 ? 0.3047 0.2804 0.3205 0.0000  0.0031  0.0139  13  DG  B N3    
580 C  C4    . DG  B 13 ? 0.2733 0.2552 0.2831 -0.0020 0.0085  0.0133  13  DG  B C4    
581 P  P     A DA  B 14 ? 0.3746 0.3570 0.3840 -0.0391 0.0166  0.0399  14  DA  B P     
582 P  P     B DA  B 14 ? 0.3454 0.3244 0.3536 -0.0361 0.0141  0.0401  14  DA  B P     
583 O  OP1   A DA  B 14 ? 0.4202 0.3987 0.4379 -0.0452 0.0154  0.0426  14  DA  B OP1   
584 O  OP1   B DA  B 14 ? 0.3864 0.3581 0.4014 -0.0417 0.0116  0.0443  14  DA  B OP1   
585 O  OP2   A DA  B 14 ? 0.3881 0.3801 0.3858 -0.0448 0.0234  0.0410  14  DA  B OP2   
586 O  OP2   B DA  B 14 ? 0.3739 0.3614 0.3695 -0.0425 0.0197  0.0429  14  DA  B OP2   
587 O  "O5'" A DA  B 14 ? 0.3986 0.3687 0.4038 -0.0332 0.0082  0.0446  14  DA  B "O5'" 
588 O  "O5'" B DA  B 14 ? 0.3398 0.3090 0.3464 -0.0277 0.0064  0.0412  14  DA  B "O5'" 
589 C  "C5'" A DA  B 14 ? 0.3903 0.3536 0.4038 -0.0245 0.0034  0.0391  14  DA  B "C5'" 
590 C  "C5'" B DA  B 14 ? 0.3558 0.3151 0.3717 -0.0224 0.0012  0.0384  14  DA  B "C5'" 
591 C  "C4'" A DA  B 14 ? 0.3462 0.3054 0.3554 -0.0178 -0.0017 0.0411  14  DA  B "C4'" 
592 C  "C4'" B DA  B 14 ? 0.3608 0.3148 0.3758 -0.0141 -0.0040 0.0383  14  DA  B "C4'" 
593 O  "O4'" A DA  B 14 ? 0.3598 0.3283 0.3658 -0.0133 0.0012  0.0341  14  DA  B "O4'" 
594 O  "O4'" B DA  B 14 ? 0.3828 0.3471 0.3933 -0.0101 -0.0013 0.0326  14  DA  B "O4'" 
595 C  "C3'" A DA  B 14 ? 0.4335 0.3923 0.4331 -0.0222 -0.0041 0.0522  14  DA  B "C3'" 
596 C  "C3'" B DA  B 14 ? 0.3696 0.3185 0.3790 -0.0154 -0.0085 0.0496  14  DA  B "C3'" 
597 O  "O3'" A DA  B 14 ? 0.5195 0.4650 0.5244 -0.0191 -0.0113 0.0596  14  DA  B "O3'" 
598 O  "O3'" B DA  B 14 ? 0.4289 0.3662 0.4463 -0.0079 -0.0145 0.0505  14  DA  B "O3'" 
599 C  "C2'" A DA  B 14 ? 0.3604 0.3289 0.3527 -0.0187 -0.0039 0.0494  14  DA  B "C2'" 
600 C  "C2'" B DA  B 14 ? 0.3031 0.2645 0.3028 -0.0148 -0.0068 0.0491  14  DA  B "C2'" 
601 C  "C1'" A DA  B 14 ? 0.3743 0.3437 0.3741 -0.0109 -0.0025 0.0382  14  DA  B "C1'" 
602 C  "C1'" B DA  B 14 ? 0.3631 0.3287 0.3672 -0.0083 -0.0045 0.0374  14  DA  B "C1'" 
603 N  N9    A DA  B 14 ? 0.3507 0.3291 0.3442 -0.0097 0.0011  0.0322  14  DA  B N9    
604 N  N9    B DA  B 14 ? 0.3752 0.3514 0.3710 -0.0093 0.0001  0.0332  14  DA  B N9    
605 C  C8    A DA  B 14 ? 0.3644 0.3446 0.3594 -0.0034 -0.0006 0.0269  14  DA  B C8    
606 C  C8    B DA  B 14 ? 0.3048 0.2877 0.2917 -0.0165 0.0061  0.0334  14  DA  B C8    
607 N  N7    A DA  B 14 ? 0.3484 0.3350 0.3360 -0.0050 0.0037  0.0226  14  DA  B N7    
608 N  N7    B DA  B 14 ? 0.3208 0.3094 0.3014 -0.0160 0.0097  0.0276  14  DA  B N7    
609 C  C5    A DA  B 14 ? 0.2831 0.2724 0.2644 -0.0122 0.0091  0.0240  14  DA  B C5    
610 C  C5    B DA  B 14 ? 0.3103 0.2971 0.2960 -0.0084 0.0054  0.0244  14  DA  B C5    
611 C  C6    A DA  B 14 ? 0.3151 0.3091 0.2871 -0.0172 0.0163  0.0195  14  DA  B C6    
612 C  C6    B DA  B 14 ? 0.2605 0.2508 0.2430 -0.0057 0.0064  0.0187  14  DA  B C6    
613 N  N6    A DA  B 14 ? 0.3691 0.3644 0.3367 -0.0159 0.0186  0.0135  14  DA  B N6    
614 N  N6    B DA  B 14 ? 0.2770 0.2710 0.2504 -0.0098 0.0120  0.0147  14  DA  B N6    
615 N  N1    A DA  B 14 ? 0.3445 0.3414 0.3123 -0.0241 0.0220  0.0206  14  DA  B N1    
616 N  N1    B DA  B 14 ? 0.3573 0.3466 0.3461 0.0009  0.0020  0.0166  14  DA  B N1    
617 C  C2    A DA  B 14 ? 0.3771 0.3725 0.3489 -0.0268 0.0199  0.0272  14  DA  B C2    
618 C  C2    B DA  B 14 ? 0.3556 0.3394 0.3535 0.0050  -0.0025 0.0189  14  DA  B C2    
619 N  N3    A DA  B 14 ? 0.3498 0.3385 0.3296 -0.0233 0.0127  0.0325  14  DA  B N3    
620 N  N3    B DA  B 14 ? 0.3370 0.3146 0.3388 0.0031  -0.0041 0.0240  14  DA  B N3    
621 C  C4    A DA  B 14 ? 0.3008 0.2866 0.2854 -0.0155 0.0077  0.0301  14  DA  B C4    
622 C  C4    B DA  B 14 ? 0.3560 0.3359 0.3510 -0.0040 -0.0001 0.0272  14  DA  B C4    
623 K  K     . K   C .  ? 0.3059 0.3052 0.3257 0.0203  -0.0046 0.0008  101 K   A K     
624 K  K     . K   D .  ? 0.2986 0.2868 0.3065 0.0167  0.0033  -0.0044 102 K   A K     
625 K  K     . K   E .  ? 0.2836 0.2697 0.2824 0.0129  0.0055  -0.0031 103 K   A K     
626 CO CO    . NCO F .  ? 0.8013 0.9276 0.8111 0.0030  0.0155  -0.0401 104 NCO A CO    
627 N  N1    . NCO F .  ? 0.7131 0.8763 0.7416 0.0039  0.0171  -0.0438 104 NCO A N1    
628 N  N2    . NCO F .  ? 0.6241 0.7180 0.6185 0.0027  0.0138  -0.0362 104 NCO A N2    
629 N  N3    . NCO F .  ? 0.7461 0.8702 0.7394 -0.0118 0.0148  -0.0333 104 NCO A N3    
630 N  N4    . NCO F .  ? 0.5819 0.7045 0.6048 0.0122  0.0077  -0.0320 104 NCO A N4    
631 N  N5    . NCO F .  ? 0.7432 0.8689 0.7688 0.0168  0.0172  -0.0490 104 NCO A N5    
632 N  N6    . NCO F .  ? 0.7468 0.8772 0.7410 -0.0078 0.0228  -0.0462 104 NCO A N6    
633 CO CO    . NCO G .  ? 0.6257 0.4724 0.6827 -0.0061 -0.0250 0.0457  105 NCO A CO    
634 N  N1    . NCO G .  ? 0.4777 0.3085 0.5424 0.0069  -0.0317 0.0583  105 NCO A N1    
635 N  N2    . NCO G .  ? 0.5785 0.4439 0.6312 -0.0172 -0.0194 0.0342  105 NCO A N2    
636 N  N3    . NCO G .  ? 0.6225 0.4657 0.6705 -0.0211 -0.0256 0.0647  105 NCO A N3    
637 N  N4    . NCO G .  ? 0.5286 0.3428 0.5947 -0.0111 -0.0255 0.0402  105 NCO A N4    
638 N  N5    . NCO G .  ? 0.7123 0.5648 0.7762 0.0070  -0.0235 0.0266  105 NCO A N5    
639 N  N6    . NCO G .  ? 0.5715 0.4478 0.6183 -0.0028 -0.0239 0.0500  105 NCO A N6    
640 NA NA    . NA  H .  ? 0.3586 0.3511 0.3503 0.0090  0.0021  0.0045  106 NA  A NA    
641 CO CO    . NCO I .  ? 0.8968 0.9166 0.8645 -0.0685 0.0459  0.0404  101 NCO B CO    
642 N  N1    . NCO I .  ? 0.8155 0.8271 0.7723 -0.0608 0.0368  0.0415  101 NCO B N1    
643 N  N2    . NCO I .  ? 0.8749 0.9070 0.8554 -0.0772 0.0552  0.0392  101 NCO B N2    
644 N  N3    . NCO I .  ? 0.7620 0.7848 0.7055 -0.0858 0.0454  0.0542  101 NCO B N3    
645 N  N4    . NCO I .  ? 0.8896 0.8923 0.8655 -0.0662 0.0318  0.0528  101 NCO B N4    
646 N  N5    . NCO I .  ? 0.6679 0.6861 0.6578 -0.0526 0.0452  0.0289  101 NCO B N5    
647 N  N6    . NCO I .  ? 0.7596 0.7935 0.7195 -0.0708 0.0614  0.0262  101 NCO B N6    
# 
